data_6FZI
#
_entry.id   6FZI
#
_cell.length_a   73.280
_cell.length_b   101.610
_cell.length_c   92.820
_cell.angle_alpha   90.00
_cell.angle_beta   107.07
_cell.angle_gamma   90.00
#
_symmetry.space_group_name_H-M   'P 1 21 1'
#
loop_
_entity.id
_entity.type
_entity.pdbx_description
1 polymer 'Glyceraldehyde-3-phosphate dehydrogenase'
2 non-polymer NICOTINAMIDE-ADENINE-DINUCLEOTIDE
3 non-polymer GLYCEROL
4 non-polymer DI(HYDROXYETHYL)ETHER
5 non-polymer 'ACETATE ION'
6 water water
#
_entity_poly.entity_id   1
_entity_poly.type   'polypeptide(L)'
_entity_poly.pdbx_seq_one_letter_code
;MVKVAINGFGRIGRLALRLMIDNPEFEVVAINDLTDAKTLAHLFKYDSAQGRFNGEIEVKEGAFVVNGKEIKVTAKSNPA
ELPWGELGVDVVLECTGFFASKEKASAHLTAGAKKVVISAPAGNDLPTVVYNVNHDILDGSEDVISGASCTTNCLAPMAK
ALNDNFGLNKGFMTTIHAYTNDQNTLDAPHKKGDLRRARAAAANIVPNSTGAAKAIGLVIPELAGKLDGNAQRVPVITGS
LTELVCTLDKKVTVEEVNAAMKAASNESFGYTEDPIVSSDVIGISFGSLFDATQTKIMEVDGQQLVKVASWYDNEASYTN
QLIRTLKCLVSK
;
_entity_poly.pdbx_strand_id   A,B,C,D
#
loop_
_chem_comp.id
_chem_comp.type
_chem_comp.name
_chem_comp.formula
ACT non-polymer 'ACETATE ION' 'C2 H3 O2 -1'
GOL non-polymer GLYCEROL 'C3 H8 O3'
NAD non-polymer NICOTINAMIDE-ADENINE-DINUCLEOTIDE 'C21 H27 N7 O14 P2'
PEG non-polymer DI(HYDROXYETHYL)ETHER 'C4 H10 O3'
#
# COMPACT_ATOMS: atom_id res chain seq x y z
N MET A 1 -43.48 -2.26 10.71
CA MET A 1 -42.34 -2.81 9.98
C MET A 1 -42.30 -2.24 8.57
N VAL A 2 -41.10 -1.89 8.09
CA VAL A 2 -40.94 -1.24 6.79
C VAL A 2 -40.15 -2.16 5.88
N LYS A 3 -40.76 -2.55 4.77
CA LYS A 3 -40.16 -3.51 3.85
C LYS A 3 -39.17 -2.79 2.97
N VAL A 4 -37.90 -3.18 3.07
N VAL A 4 -37.90 -3.21 3.05
CA VAL A 4 -36.88 -2.56 2.24
CA VAL A 4 -36.81 -2.60 2.32
C VAL A 4 -36.16 -3.63 1.43
C VAL A 4 -36.16 -3.65 1.43
N ALA A 5 -35.79 -3.23 0.22
CA ALA A 5 -34.98 -4.03 -0.67
C ALA A 5 -33.71 -3.24 -0.96
N ILE A 6 -32.62 -3.93 -1.28
CA ILE A 6 -31.35 -3.30 -1.62
C ILE A 6 -30.98 -3.72 -3.04
N ASN A 7 -30.76 -2.74 -3.93
CA ASN A 7 -30.33 -2.98 -5.32
C ASN A 7 -28.89 -2.48 -5.43
N GLY A 8 -27.95 -3.39 -5.65
CA GLY A 8 -26.54 -3.07 -5.60
C GLY A 8 -25.98 -3.33 -4.21
N PHE A 9 -25.50 -4.56 -3.99
CA PHE A 9 -24.98 -5.00 -2.69
C PHE A 9 -23.48 -4.73 -2.58
N GLY A 10 -23.09 -3.48 -2.78
CA GLY A 10 -21.70 -3.07 -2.77
C GLY A 10 -21.25 -2.60 -1.40
N ARG A 11 -20.25 -1.72 -1.41
CA ARG A 11 -19.75 -1.17 -0.15
C ARG A 11 -20.89 -0.49 0.62
N ILE A 12 -21.66 0.36 -0.07
CA ILE A 12 -22.74 1.08 0.58
C ILE A 12 -23.91 0.16 0.89
N GLY A 13 -24.30 -0.68 -0.07
CA GLY A 13 -25.41 -1.58 0.13
C GLY A 13 -25.18 -2.54 1.28
N ARG A 14 -24.01 -3.18 1.29
CA ARG A 14 -23.69 -4.12 2.35
C ARG A 14 -23.59 -3.42 3.70
N LEU A 15 -22.98 -2.24 3.75
CA LEU A 15 -22.95 -1.57 5.04
C LEU A 15 -24.33 -1.12 5.47
N ALA A 16 -25.19 -0.78 4.52
CA ALA A 16 -26.57 -0.47 4.83
C ALA A 16 -27.25 -1.66 5.48
N LEU A 17 -27.05 -2.86 4.91
CA LEU A 17 -27.64 -4.03 5.54
C LEU A 17 -27.10 -4.21 6.96
N ARG A 18 -25.80 -3.98 7.17
CA ARG A 18 -25.26 -4.08 8.52
C ARG A 18 -25.98 -3.13 9.47
N LEU A 19 -26.33 -1.93 9.01
CA LEU A 19 -27.00 -0.98 9.90
C LEU A 19 -28.48 -1.27 10.10
N MET A 20 -29.12 -1.90 9.13
CA MET A 20 -30.55 -2.19 9.25
C MET A 20 -30.88 -3.54 9.89
N ILE A 21 -29.94 -4.49 9.89
CA ILE A 21 -30.28 -5.87 10.24
C ILE A 21 -30.65 -5.98 11.72
N ASP A 22 -30.02 -5.19 12.58
CA ASP A 22 -30.30 -5.30 14.02
C ASP A 22 -31.50 -4.44 14.44
N ASN A 23 -31.79 -3.38 13.70
CA ASN A 23 -32.91 -2.50 14.02
C ASN A 23 -34.25 -3.13 13.61
N PRO A 24 -35.15 -3.41 14.56
CA PRO A 24 -36.42 -4.05 14.20
C PRO A 24 -37.35 -3.19 13.33
N GLU A 25 -37.05 -1.90 13.13
CA GLU A 25 -37.96 -1.06 12.35
C GLU A 25 -38.04 -1.50 10.89
N PHE A 26 -36.98 -2.12 10.37
CA PHE A 26 -36.96 -2.55 8.99
C PHE A 26 -37.03 -4.07 8.86
N GLU A 27 -37.50 -4.49 7.68
CA GLU A 27 -37.46 -5.89 7.24
C GLU A 27 -36.85 -5.91 5.85
N VAL A 28 -35.60 -6.34 5.75
CA VAL A 28 -34.97 -6.46 4.44
C VAL A 28 -35.49 -7.71 3.76
N VAL A 29 -36.34 -7.52 2.77
CA VAL A 29 -36.99 -8.66 2.13
C VAL A 29 -36.11 -9.23 1.02
N ALA A 30 -35.45 -8.39 0.23
CA ALA A 30 -34.69 -8.91 -0.90
C ALA A 30 -33.45 -8.06 -1.12
N ILE A 31 -32.50 -8.65 -1.84
CA ILE A 31 -31.28 -7.99 -2.28
C ILE A 31 -31.09 -8.38 -3.74
N ASN A 32 -30.79 -7.39 -4.57
CA ASN A 32 -30.56 -7.61 -6.00
C ASN A 32 -29.17 -7.14 -6.36
N ASP A 33 -28.49 -7.95 -7.16
CA ASP A 33 -27.14 -7.68 -7.64
C ASP A 33 -26.95 -8.55 -8.87
N LEU A 34 -25.70 -8.70 -9.29
CA LEU A 34 -25.37 -9.45 -10.50
C LEU A 34 -24.82 -10.83 -10.23
N THR A 35 -24.89 -11.35 -9.00
CA THR A 35 -24.21 -12.59 -8.68
C THR A 35 -25.10 -13.50 -7.83
N ASP A 36 -24.54 -14.64 -7.41
CA ASP A 36 -25.27 -15.62 -6.62
C ASP A 36 -25.26 -15.28 -5.13
N ALA A 37 -26.08 -16.01 -4.38
CA ALA A 37 -26.20 -15.77 -2.94
C ALA A 37 -24.93 -16.12 -2.19
N LYS A 38 -24.24 -17.19 -2.59
CA LYS A 38 -22.99 -17.55 -1.93
C LYS A 38 -22.01 -16.37 -1.94
N THR A 39 -21.81 -15.77 -3.11
CA THR A 39 -20.95 -14.60 -3.21
C THR A 39 -21.44 -13.47 -2.31
N LEU A 40 -22.72 -13.13 -2.39
CA LEU A 40 -23.21 -12.02 -1.56
C LEU A 40 -22.99 -12.29 -0.08
N ALA A 41 -23.29 -13.51 0.37
CA ALA A 41 -23.14 -13.82 1.79
C ALA A 41 -21.68 -13.78 2.22
N HIS A 42 -20.77 -14.29 1.39
CA HIS A 42 -19.37 -14.24 1.75
C HIS A 42 -18.88 -12.80 1.87
N LEU A 43 -19.28 -11.93 0.93
CA LEU A 43 -18.88 -10.53 1.02
C LEU A 43 -19.50 -9.84 2.22
N PHE A 44 -20.70 -10.26 2.63
CA PHE A 44 -21.29 -9.66 3.82
C PHE A 44 -20.56 -10.13 5.08
N LYS A 45 -20.07 -11.37 5.07
CA LYS A 45 -19.43 -11.94 6.25
C LYS A 45 -18.05 -11.32 6.50
N TYR A 46 -17.28 -11.12 5.44
CA TYR A 46 -15.89 -10.70 5.52
C TYR A 46 -15.69 -9.38 4.76
N ASP A 47 -15.04 -8.43 5.41
CA ASP A 47 -14.84 -7.11 4.82
C ASP A 47 -13.43 -6.64 5.11
N SER A 48 -12.71 -6.25 4.06
CA SER A 48 -11.31 -5.86 4.18
C SER A 48 -11.15 -4.55 4.95
N ALA A 49 -12.18 -3.71 4.97
CA ALA A 49 -12.16 -2.41 5.65
C ALA A 49 -12.95 -2.35 6.95
N GLN A 50 -14.15 -2.94 6.98
CA GLN A 50 -15.09 -2.78 8.09
C GLN A 50 -15.11 -3.95 9.04
N GLY A 51 -14.24 -4.94 8.86
CA GLY A 51 -14.15 -6.05 9.78
C GLY A 51 -15.24 -7.10 9.59
N ARG A 52 -15.14 -8.16 10.39
CA ARG A 52 -16.05 -9.28 10.25
C ARG A 52 -17.44 -8.86 10.72
N PHE A 53 -18.44 -9.45 10.10
CA PHE A 53 -19.82 -9.22 10.53
C PHE A 53 -20.04 -9.89 11.88
N ASN A 54 -20.66 -9.18 12.82
CA ASN A 54 -20.99 -9.74 14.13
C ASN A 54 -22.42 -10.27 14.07
N GLY A 55 -22.52 -11.56 13.89
CA GLY A 55 -23.79 -12.25 13.67
C GLY A 55 -23.49 -13.54 12.94
N GLU A 56 -24.55 -14.25 12.58
CA GLU A 56 -24.38 -15.54 11.93
C GLU A 56 -24.99 -15.46 10.54
N ILE A 57 -24.34 -16.07 9.57
CA ILE A 57 -24.86 -16.13 8.21
C ILE A 57 -24.89 -17.57 7.72
N GLU A 58 -26.00 -17.95 7.08
CA GLU A 58 -26.08 -19.20 6.35
C GLU A 58 -26.75 -18.96 5.00
N VAL A 59 -26.33 -19.72 4.00
CA VAL A 59 -26.80 -19.54 2.64
C VAL A 59 -27.68 -20.72 2.24
N LYS A 60 -28.72 -20.43 1.46
CA LYS A 60 -29.70 -21.38 0.92
C LYS A 60 -29.87 -21.05 -0.57
N GLU A 61 -30.53 -21.95 -1.30
CA GLU A 61 -30.70 -21.72 -2.73
C GLU A 61 -31.46 -20.43 -2.99
N GLY A 62 -30.87 -19.56 -3.81
CA GLY A 62 -31.48 -18.29 -4.14
C GLY A 62 -31.75 -17.39 -2.96
N ALA A 63 -31.05 -17.59 -1.84
CA ALA A 63 -31.33 -16.74 -0.68
C ALA A 63 -30.24 -16.91 0.38
N PHE A 64 -30.20 -15.96 1.31
CA PHE A 64 -29.38 -16.23 2.48
C PHE A 64 -30.06 -15.66 3.71
N VAL A 65 -29.72 -16.24 4.85
CA VAL A 65 -30.34 -15.95 6.13
C VAL A 65 -29.27 -15.36 7.05
N VAL A 66 -29.54 -14.18 7.58
CA VAL A 66 -28.65 -13.48 8.51
C VAL A 66 -29.40 -13.30 9.81
N ASN A 67 -28.81 -13.78 10.91
CA ASN A 67 -29.42 -13.71 12.23
C ASN A 67 -30.82 -14.32 12.24
N GLY A 68 -30.99 -15.40 11.49
CA GLY A 68 -32.27 -16.07 11.47
C GLY A 68 -33.27 -15.48 10.50
N LYS A 69 -32.94 -14.38 9.83
CA LYS A 69 -33.87 -13.70 8.94
C LYS A 69 -33.46 -13.97 7.50
N GLU A 70 -34.39 -14.49 6.69
CA GLU A 70 -34.10 -14.81 5.31
C GLU A 70 -34.28 -13.61 4.41
N ILE A 71 -33.42 -13.54 3.39
CA ILE A 71 -33.42 -12.49 2.40
C ILE A 71 -33.35 -13.15 1.03
N LYS A 72 -34.34 -12.88 0.19
CA LYS A 72 -34.31 -13.36 -1.18
C LYS A 72 -33.19 -12.67 -1.95
N VAL A 73 -32.47 -13.45 -2.77
CA VAL A 73 -31.45 -12.92 -3.67
C VAL A 73 -31.94 -13.05 -5.11
N THR A 74 -31.79 -11.98 -5.89
CA THR A 74 -32.15 -11.96 -7.30
C THR A 74 -30.95 -11.39 -8.06
N ALA A 75 -30.93 -11.65 -9.39
CA ALA A 75 -29.89 -11.15 -10.30
C ALA A 75 -30.53 -10.61 -11.59
N LYS A 76 -31.14 -9.43 -11.50
CA LYS A 76 -31.74 -8.73 -12.62
C LYS A 76 -31.01 -7.41 -12.81
N SER A 77 -30.35 -7.22 -13.95
CA SER A 77 -29.65 -5.96 -14.22
C SER A 77 -30.61 -4.81 -14.52
N ASN A 78 -31.83 -5.11 -14.98
CA ASN A 78 -32.82 -4.10 -15.32
C ASN A 78 -33.82 -3.97 -14.17
N PRO A 79 -33.85 -2.84 -13.46
CA PRO A 79 -34.71 -2.74 -12.26
C PRO A 79 -36.20 -2.90 -12.55
N ALA A 80 -36.67 -2.49 -13.73
CA ALA A 80 -38.08 -2.64 -14.02
C ALA A 80 -38.51 -4.10 -14.00
N GLU A 81 -37.56 -5.03 -14.15
CA GLU A 81 -37.89 -6.44 -14.11
C GLU A 81 -37.91 -7.04 -12.71
N LEU A 82 -37.75 -6.24 -11.67
CA LEU A 82 -37.62 -6.79 -10.34
C LEU A 82 -38.97 -7.06 -9.68
N PRO A 83 -39.01 -7.99 -8.71
CA PRO A 83 -40.27 -8.35 -8.07
C PRO A 83 -40.62 -7.48 -6.87
N TRP A 84 -40.49 -6.15 -6.99
CA TRP A 84 -40.77 -5.31 -5.83
C TRP A 84 -42.26 -5.29 -5.51
N GLY A 85 -43.10 -5.26 -6.55
CA GLY A 85 -44.53 -5.30 -6.34
C GLY A 85 -45.02 -6.61 -5.73
N GLU A 86 -44.29 -7.71 -5.97
CA GLU A 86 -44.74 -9.01 -5.50
C GLU A 86 -44.39 -9.22 -4.02
N LEU A 87 -43.20 -8.80 -3.60
CA LEU A 87 -42.84 -8.76 -2.18
C LEU A 87 -43.36 -7.53 -1.47
N GLY A 88 -44.01 -6.62 -2.20
CA GLY A 88 -44.60 -5.43 -1.59
C GLY A 88 -43.59 -4.60 -0.85
N VAL A 89 -42.44 -4.35 -1.44
CA VAL A 89 -41.40 -3.59 -0.77
C VAL A 89 -41.85 -2.15 -0.59
N ASP A 90 -41.45 -1.55 0.52
CA ASP A 90 -41.80 -0.16 0.80
C ASP A 90 -40.74 0.78 0.22
N VAL A 91 -39.46 0.55 0.51
CA VAL A 91 -38.39 1.37 -0.02
C VAL A 91 -37.26 0.52 -0.58
N VAL A 92 -36.73 0.96 -1.72
CA VAL A 92 -35.57 0.34 -2.33
C VAL A 92 -34.40 1.28 -2.11
N LEU A 93 -33.27 0.73 -1.66
CA LEU A 93 -32.03 1.47 -1.59
C LEU A 93 -31.30 1.22 -2.90
N GLU A 94 -31.22 2.25 -3.73
CA GLU A 94 -30.60 2.15 -5.05
C GLU A 94 -29.12 2.46 -4.88
N CYS A 95 -28.30 1.40 -4.85
CA CYS A 95 -26.88 1.51 -4.51
C CYS A 95 -25.96 0.97 -5.60
N THR A 96 -26.43 0.88 -6.85
CA THR A 96 -25.61 0.29 -7.91
C THR A 96 -24.63 1.27 -8.54
N GLY A 97 -24.98 2.56 -8.57
CA GLY A 97 -24.23 3.54 -9.32
C GLY A 97 -24.67 3.69 -10.75
N PHE A 98 -25.71 2.97 -11.18
CA PHE A 98 -26.13 3.03 -12.57
C PHE A 98 -27.48 3.67 -12.79
N PHE A 99 -28.25 3.89 -11.74
CA PHE A 99 -29.60 4.42 -11.87
C PHE A 99 -29.78 5.70 -11.04
N ALA A 100 -28.75 6.55 -11.04
CA ALA A 100 -28.73 7.72 -10.17
C ALA A 100 -29.39 8.91 -10.87
N SER A 101 -30.71 8.79 -11.06
CA SER A 101 -31.52 9.87 -11.61
C SER A 101 -32.98 9.51 -11.37
N LYS A 102 -33.83 10.54 -11.36
CA LYS A 102 -35.25 10.30 -11.16
C LYS A 102 -35.80 9.40 -12.26
N GLU A 103 -35.48 9.73 -13.52
CA GLU A 103 -35.88 8.89 -14.65
C GLU A 103 -35.47 7.44 -14.43
N LYS A 104 -34.18 7.19 -14.20
CA LYS A 104 -33.66 5.84 -14.18
C LYS A 104 -34.09 5.09 -12.92
N ALA A 105 -34.00 5.73 -11.76
CA ALA A 105 -34.35 5.05 -10.51
C ALA A 105 -35.83 4.80 -10.38
N SER A 106 -36.68 5.54 -11.10
CA SER A 106 -38.12 5.29 -11.02
C SER A 106 -38.53 3.94 -11.58
N ALA A 107 -37.62 3.26 -12.28
CA ALA A 107 -37.90 1.89 -12.70
C ALA A 107 -38.21 1.00 -11.51
N HIS A 108 -37.66 1.32 -10.33
CA HIS A 108 -38.04 0.58 -9.13
C HIS A 108 -39.51 0.79 -8.82
N LEU A 109 -40.02 2.01 -9.02
CA LEU A 109 -41.45 2.25 -8.81
C LEU A 109 -42.30 1.51 -9.82
N THR A 110 -41.87 1.48 -11.08
CA THR A 110 -42.66 0.71 -12.03
C THR A 110 -42.60 -0.78 -11.70
N ALA A 111 -41.49 -1.25 -11.14
CA ALA A 111 -41.36 -2.63 -10.67
C ALA A 111 -42.23 -2.93 -9.45
N GLY A 112 -42.91 -1.93 -8.89
CA GLY A 112 -43.86 -2.10 -7.81
C GLY A 112 -43.45 -1.55 -6.47
N ALA A 113 -42.27 -0.96 -6.36
CA ALA A 113 -41.84 -0.37 -5.10
C ALA A 113 -42.54 0.96 -4.88
N LYS A 114 -42.86 1.25 -3.62
CA LYS A 114 -43.49 2.52 -3.31
C LYS A 114 -42.51 3.69 -3.17
N LYS A 115 -41.30 3.50 -2.65
CA LYS A 115 -40.34 4.60 -2.52
C LYS A 115 -38.91 4.14 -2.82
N VAL A 116 -38.06 5.09 -3.26
CA VAL A 116 -36.66 4.82 -3.60
C VAL A 116 -35.72 5.87 -2.99
N VAL A 117 -34.67 5.41 -2.32
CA VAL A 117 -33.61 6.27 -1.80
C VAL A 117 -32.32 5.94 -2.56
N ILE A 118 -31.75 6.94 -3.23
CA ILE A 118 -30.57 6.76 -4.07
C ILE A 118 -29.30 7.05 -3.25
N SER A 119 -28.28 6.20 -3.40
CA SER A 119 -27.03 6.30 -2.64
C SER A 119 -26.01 7.20 -3.31
N ALA A 120 -26.44 8.22 -4.03
CA ALA A 120 -25.51 9.11 -4.74
C ALA A 120 -26.25 10.36 -5.12
N PRO A 121 -25.54 11.36 -5.60
CA PRO A 121 -26.23 12.50 -6.23
C PRO A 121 -26.97 12.00 -7.45
N ALA A 122 -28.21 12.48 -7.63
CA ALA A 122 -29.09 11.97 -8.67
C ALA A 122 -29.75 13.08 -9.46
N GLY A 123 -29.10 14.24 -9.54
CA GLY A 123 -29.66 15.34 -10.29
C GLY A 123 -30.29 16.35 -9.37
N ASN A 124 -30.76 17.44 -9.96
CA ASN A 124 -31.35 18.51 -9.19
C ASN A 124 -32.87 18.55 -9.23
N ASP A 125 -33.54 17.64 -9.95
CA ASP A 125 -34.99 17.68 -9.99
C ASP A 125 -35.65 16.83 -8.91
N LEU A 126 -34.90 16.33 -7.94
CA LEU A 126 -35.45 15.53 -6.86
C LEU A 126 -34.86 16.01 -5.57
N PRO A 127 -35.50 15.72 -4.42
CA PRO A 127 -34.96 16.17 -3.14
C PRO A 127 -33.64 15.48 -2.85
N THR A 128 -32.64 16.29 -2.52
CA THR A 128 -31.32 15.81 -2.09
C THR A 128 -31.12 16.26 -0.65
N VAL A 129 -30.83 15.32 0.24
CA VAL A 129 -30.85 15.58 1.68
C VAL A 129 -29.57 15.10 2.34
N VAL A 130 -28.98 15.97 3.17
CA VAL A 130 -27.91 15.63 4.11
C VAL A 130 -28.53 15.67 5.50
N TYR A 131 -28.57 14.53 6.19
CA TYR A 131 -29.29 14.48 7.45
C TYR A 131 -28.71 15.45 8.46
N ASN A 132 -29.59 16.12 9.19
CA ASN A 132 -29.25 17.16 10.15
C ASN A 132 -28.71 18.42 9.49
N VAL A 133 -29.02 18.61 8.21
CA VAL A 133 -28.75 19.86 7.51
C VAL A 133 -30.06 20.34 6.91
N ASN A 134 -30.67 19.50 6.07
CA ASN A 134 -31.93 19.86 5.43
C ASN A 134 -32.98 18.74 5.38
N HIS A 135 -32.95 17.77 6.31
CA HIS A 135 -33.91 16.66 6.24
C HIS A 135 -35.31 17.12 6.59
N ASP A 136 -35.45 18.33 7.13
CA ASP A 136 -36.75 18.96 7.37
C ASP A 136 -37.54 19.19 6.09
N ILE A 137 -36.89 19.17 4.92
CA ILE A 137 -37.60 19.32 3.64
C ILE A 137 -38.48 18.12 3.29
N LEU A 138 -38.32 17.00 3.99
CA LEU A 138 -39.12 15.81 3.74
C LEU A 138 -40.42 15.83 4.54
N ASP A 139 -41.51 15.42 3.90
CA ASP A 139 -42.80 15.28 4.57
C ASP A 139 -43.39 13.89 4.44
N GLY A 140 -42.75 12.98 3.71
CA GLY A 140 -43.22 11.62 3.55
C GLY A 140 -43.85 11.30 2.22
N SER A 141 -44.18 12.31 1.39
CA SER A 141 -44.82 12.07 0.11
C SER A 141 -43.84 11.79 -1.02
N GLU A 142 -42.54 11.87 -0.76
CA GLU A 142 -41.55 11.84 -1.83
C GLU A 142 -41.30 10.40 -2.24
N ASP A 143 -41.49 10.10 -3.52
CA ASP A 143 -41.28 8.71 -3.95
C ASP A 143 -39.81 8.39 -4.22
N VAL A 144 -39.04 9.32 -4.78
CA VAL A 144 -37.63 9.09 -5.07
C VAL A 144 -36.85 10.28 -4.52
N ILE A 145 -35.79 10.00 -3.74
CA ILE A 145 -34.93 11.04 -3.18
C ILE A 145 -33.48 10.58 -3.24
N SER A 146 -32.57 11.54 -3.09
CA SER A 146 -31.13 11.30 -3.09
C SER A 146 -30.58 11.64 -1.72
N GLY A 147 -29.68 10.81 -1.23
CA GLY A 147 -28.97 11.04 0.01
C GLY A 147 -27.71 11.84 -0.20
N ALA A 148 -27.48 12.32 -1.42
CA ALA A 148 -26.31 13.13 -1.74
C ALA A 148 -25.05 12.29 -1.84
N SER A 149 -23.90 12.97 -1.93
CA SER A 149 -22.57 12.37 -1.96
C SER A 149 -22.01 12.23 -0.56
N CYS A 150 -20.99 11.37 -0.43
CA CYS A 150 -20.26 11.28 0.83
C CYS A 150 -19.61 12.61 1.18
N THR A 151 -19.01 13.25 0.18
CA THR A 151 -18.33 14.51 0.41
C THR A 151 -19.30 15.62 0.83
N THR A 152 -20.50 15.66 0.25
CA THR A 152 -21.44 16.68 0.71
C THR A 152 -21.89 16.40 2.14
N ASN A 153 -22.02 15.14 2.52
CA ASN A 153 -22.37 14.82 3.90
C ASN A 153 -21.27 15.19 4.87
N CYS A 154 -20.02 15.24 4.40
CA CYS A 154 -18.96 15.75 5.27
C CYS A 154 -18.93 17.27 5.31
N LEU A 155 -19.07 17.91 4.14
CA LEU A 155 -18.87 19.34 4.00
C LEU A 155 -20.05 20.17 4.52
N ALA A 156 -21.27 19.73 4.22
CA ALA A 156 -22.47 20.52 4.50
C ALA A 156 -22.55 21.01 5.93
N PRO A 157 -22.43 20.17 6.96
CA PRO A 157 -22.54 20.70 8.32
C PRO A 157 -21.47 21.73 8.62
N MET A 158 -20.25 21.51 8.14
CA MET A 158 -19.16 22.46 8.35
C MET A 158 -19.44 23.80 7.67
N ALA A 159 -19.85 23.75 6.40
CA ALA A 159 -20.14 24.98 5.69
C ALA A 159 -21.33 25.72 6.28
N LYS A 160 -22.35 24.98 6.70
CA LYS A 160 -23.49 25.62 7.34
C LYS A 160 -23.09 26.31 8.63
N ALA A 161 -22.30 25.64 9.47
CA ALA A 161 -21.85 26.28 10.70
C ALA A 161 -21.06 27.56 10.40
N LEU A 162 -20.14 27.49 9.41
CA LEU A 162 -19.35 28.66 9.05
C LEU A 162 -20.22 29.79 8.55
N ASN A 163 -21.18 29.47 7.69
CA ASN A 163 -22.02 30.51 7.15
C ASN A 163 -22.91 31.13 8.23
N ASP A 164 -23.54 30.29 9.05
CA ASP A 164 -24.45 30.78 10.08
C ASP A 164 -23.71 31.66 11.09
N ASN A 165 -22.50 31.26 11.49
CA ASN A 165 -21.78 32.05 12.48
C ASN A 165 -21.09 33.26 11.88
N PHE A 166 -20.47 33.12 10.72
CA PHE A 166 -19.63 34.18 10.18
C PHE A 166 -19.97 34.63 8.77
N GLY A 167 -20.80 33.90 8.08
CA GLY A 167 -21.12 34.28 6.73
C GLY A 167 -19.98 33.85 5.85
N LEU A 168 -20.23 32.94 4.94
CA LEU A 168 -19.16 32.44 4.10
C LEU A 168 -19.25 33.00 2.72
N ASN A 169 -18.31 33.82 2.33
CA ASN A 169 -18.38 34.38 1.01
C ASN A 169 -18.11 33.39 -0.07
N LYS A 170 -17.00 32.68 0.05
CA LYS A 170 -16.59 31.74 -0.93
C LYS A 170 -15.57 30.81 -0.38
N GLY A 171 -15.33 29.73 -1.10
CA GLY A 171 -14.29 28.82 -0.68
C GLY A 171 -13.93 27.77 -1.68
N PHE A 172 -12.75 27.20 -1.52
CA PHE A 172 -12.31 26.08 -2.35
C PHE A 172 -12.17 24.86 -1.44
N MET A 173 -12.79 23.76 -1.83
CA MET A 173 -12.69 22.51 -1.11
C MET A 173 -11.77 21.57 -1.86
N THR A 174 -10.88 20.92 -1.11
CA THR A 174 -10.10 19.82 -1.66
C THR A 174 -10.28 18.68 -0.69
N THR A 175 -10.77 17.55 -1.20
CA THR A 175 -10.94 16.36 -0.38
C THR A 175 -9.85 15.36 -0.74
N ILE A 176 -9.08 14.96 0.26
CA ILE A 176 -8.12 13.88 0.13
C ILE A 176 -8.87 12.60 0.48
N HIS A 177 -9.18 11.81 -0.55
CA HIS A 177 -10.20 10.78 -0.53
C HIS A 177 -9.57 9.43 -0.72
N ALA A 178 -10.05 8.45 0.04
CA ALA A 178 -9.64 7.07 -0.18
C ALA A 178 -10.06 6.63 -1.58
N TYR A 179 -9.31 5.69 -2.14
CA TYR A 179 -9.75 5.19 -3.43
C TYR A 179 -11.01 4.33 -3.25
N THR A 180 -11.73 4.17 -4.36
CA THR A 180 -13.00 3.47 -4.38
C THR A 180 -13.01 2.57 -5.60
N ASN A 181 -14.09 1.79 -5.72
CA ASN A 181 -14.21 0.79 -6.75
C ASN A 181 -14.36 1.32 -8.16
N ASP A 182 -14.53 2.63 -8.36
CA ASP A 182 -14.55 3.15 -9.73
C ASP A 182 -13.15 3.39 -10.29
N GLN A 183 -12.09 3.07 -9.55
CA GLN A 183 -10.74 3.17 -10.05
C GLN A 183 -10.22 1.79 -10.39
N ASN A 184 -9.28 1.72 -11.32
CA ASN A 184 -8.74 0.43 -11.69
C ASN A 184 -7.75 -0.08 -10.63
N THR A 185 -7.59 -1.40 -10.60
CA THR A 185 -6.58 -2.04 -9.77
C THR A 185 -5.19 -1.72 -10.30
N LEU A 186 -4.97 -1.97 -11.60
CA LEU A 186 -3.73 -1.59 -12.28
C LEU A 186 -4.08 -0.73 -13.48
N ASP A 187 -3.07 0.00 -14.01
CA ASP A 187 -3.32 0.89 -15.13
C ASP A 187 -4.02 0.14 -16.26
N ALA A 188 -5.15 0.67 -16.71
CA ALA A 188 -5.93 0.01 -17.74
C ALA A 188 -6.97 0.99 -18.26
N PRO A 189 -7.61 0.71 -19.36
CA PRO A 189 -8.61 1.64 -19.81
C PRO A 189 -9.71 1.74 -18.82
N HIS A 190 -10.39 2.85 -18.79
CA HIS A 190 -11.45 3.04 -17.85
C HIS A 190 -12.75 3.04 -18.58
N LYS A 191 -13.77 2.57 -17.92
CA LYS A 191 -15.06 2.48 -18.51
C LYS A 191 -15.65 3.81 -18.91
N LYS A 192 -15.44 4.85 -18.15
CA LYS A 192 -16.01 6.11 -18.46
C LYS A 192 -15.08 7.06 -19.11
N GLY A 193 -13.91 6.60 -19.45
CA GLY A 193 -12.99 7.45 -20.17
C GLY A 193 -12.14 8.36 -19.32
N ASP A 194 -12.18 8.22 -17.99
CA ASP A 194 -11.33 9.01 -17.12
C ASP A 194 -9.91 8.45 -17.19
N LEU A 195 -8.97 9.26 -17.66
CA LEU A 195 -7.60 8.78 -17.78
C LEU A 195 -6.87 8.74 -16.44
N ARG A 196 -7.45 9.30 -15.39
CA ARG A 196 -6.81 9.23 -14.08
C ARG A 196 -7.38 8.10 -13.23
N ARG A 197 -8.69 7.89 -13.26
CA ARG A 197 -9.26 6.72 -12.62
C ARG A 197 -8.89 5.45 -13.36
N ALA A 198 -8.25 5.58 -14.52
CA ALA A 198 -7.67 4.44 -15.23
C ALA A 198 -6.42 3.89 -14.54
N ARG A 199 -5.77 4.70 -13.70
CA ARG A 199 -4.49 4.34 -13.11
C ARG A 199 -4.64 3.47 -11.85
N ALA A 200 -3.59 2.71 -11.55
CA ALA A 200 -3.59 1.86 -10.38
C ALA A 200 -3.97 2.65 -9.14
N ALA A 201 -5.09 2.28 -8.52
CA ALA A 201 -5.61 3.08 -7.42
C ALA A 201 -4.63 3.16 -6.27
N ALA A 202 -4.09 2.03 -5.83
CA ALA A 202 -3.37 2.00 -4.56
C ALA A 202 -1.91 2.36 -4.70
N ALA A 203 -1.47 2.84 -5.88
CA ALA A 203 -0.09 3.23 -6.12
C ALA A 203 0.09 4.71 -6.48
N ASN A 204 -0.97 5.53 -6.39
CA ASN A 204 -0.90 6.89 -6.94
C ASN A 204 -1.70 7.89 -6.11
N ILE A 205 -1.27 9.15 -6.16
CA ILE A 205 -2.15 10.28 -5.86
C ILE A 205 -2.87 10.65 -7.17
N VAL A 206 -4.19 10.57 -7.17
CA VAL A 206 -4.98 10.63 -8.39
C VAL A 206 -5.93 11.82 -8.31
N PRO A 207 -5.59 12.94 -8.97
CA PRO A 207 -6.52 14.08 -9.02
C PRO A 207 -7.83 13.67 -9.66
N ASN A 208 -8.92 14.19 -9.13
CA ASN A 208 -10.22 13.85 -9.70
C ASN A 208 -11.20 14.99 -9.44
N SER A 209 -12.26 14.97 -10.23
CA SER A 209 -13.33 15.93 -10.15
C SER A 209 -14.38 15.51 -9.14
N THR A 210 -15.00 16.50 -8.52
CA THR A 210 -16.17 16.22 -7.68
C THR A 210 -17.06 17.45 -7.70
N GLY A 211 -18.35 17.22 -7.81
CA GLY A 211 -19.33 18.28 -7.83
C GLY A 211 -19.94 18.58 -6.48
N ALA A 212 -19.44 17.96 -5.41
CA ALA A 212 -20.03 18.16 -4.09
C ALA A 212 -20.09 19.64 -3.73
N ALA A 213 -19.04 20.40 -4.03
CA ALA A 213 -19.02 21.81 -3.67
C ALA A 213 -19.97 22.61 -4.55
N LYS A 214 -19.94 22.38 -5.87
CA LYS A 214 -20.83 23.14 -6.73
C LYS A 214 -22.29 22.87 -6.41
N ALA A 215 -22.63 21.63 -6.02
CA ALA A 215 -24.01 21.26 -5.77
C ALA A 215 -24.48 21.56 -4.35
N ILE A 216 -23.65 22.18 -3.51
CA ILE A 216 -24.06 22.40 -2.13
C ILE A 216 -25.36 23.19 -2.10
N GLY A 217 -25.60 24.01 -3.12
CA GLY A 217 -26.82 24.80 -3.16
C GLY A 217 -28.08 23.97 -3.04
N LEU A 218 -28.02 22.69 -3.42
CA LEU A 218 -29.19 21.83 -3.33
C LEU A 218 -29.49 21.47 -1.89
N VAL A 219 -28.50 21.53 -1.02
CA VAL A 219 -28.61 21.24 0.40
C VAL A 219 -28.67 22.51 1.25
N ILE A 220 -27.82 23.51 0.97
CA ILE A 220 -27.88 24.80 1.64
C ILE A 220 -28.07 25.87 0.58
N PRO A 221 -29.31 26.25 0.28
CA PRO A 221 -29.54 27.21 -0.82
C PRO A 221 -28.77 28.51 -0.68
N GLU A 222 -28.56 29.00 0.55
CA GLU A 222 -27.82 30.24 0.74
C GLU A 222 -26.43 30.18 0.11
N LEU A 223 -25.83 28.99 0.02
CA LEU A 223 -24.46 28.87 -0.44
C LEU A 223 -24.36 28.48 -1.92
N ALA A 224 -25.46 28.54 -2.65
CA ALA A 224 -25.43 28.20 -4.06
C ALA A 224 -24.41 29.07 -4.78
N GLY A 225 -23.56 28.42 -5.58
CA GLY A 225 -22.53 29.11 -6.33
C GLY A 225 -21.42 29.74 -5.50
N LYS A 226 -21.29 29.40 -4.23
CA LYS A 226 -20.28 30.01 -3.40
C LYS A 226 -19.09 29.11 -3.14
N LEU A 227 -19.15 27.84 -3.50
CA LEU A 227 -18.06 26.90 -3.29
C LEU A 227 -17.76 26.12 -4.56
N ASP A 228 -16.51 25.69 -4.68
CA ASP A 228 -16.07 24.74 -5.70
C ASP A 228 -14.95 23.90 -5.10
N GLY A 229 -14.49 22.91 -5.85
CA GLY A 229 -13.39 22.12 -5.35
C GLY A 229 -13.15 20.91 -6.22
N ASN A 230 -12.25 20.07 -5.73
CA ASN A 230 -11.86 18.84 -6.42
C ASN A 230 -11.38 17.85 -5.38
N ALA A 231 -10.92 16.69 -5.85
CA ALA A 231 -10.47 15.60 -5.00
C ALA A 231 -9.08 15.17 -5.41
N GLN A 232 -8.42 14.50 -4.46
CA GLN A 232 -7.20 13.74 -4.70
C GLN A 232 -7.45 12.37 -4.09
N ARG A 233 -7.59 11.34 -4.91
CA ARG A 233 -7.73 9.99 -4.38
C ARG A 233 -6.35 9.46 -4.01
N VAL A 234 -6.23 8.87 -2.82
CA VAL A 234 -4.92 8.43 -2.34
C VAL A 234 -5.04 6.99 -1.82
N PRO A 235 -3.92 6.30 -1.70
CA PRO A 235 -3.99 4.85 -1.37
C PRO A 235 -4.31 4.52 0.09
N VAL A 236 -5.53 4.84 0.53
CA VAL A 236 -6.08 4.20 1.73
C VAL A 236 -7.39 3.54 1.36
N ILE A 237 -7.67 2.43 2.04
CA ILE A 237 -8.79 1.57 1.68
C ILE A 237 -10.13 2.28 1.91
N THR A 238 -10.20 3.11 2.94
CA THR A 238 -11.38 3.88 3.27
C THR A 238 -10.98 4.94 4.28
N GLY A 239 -11.78 5.98 4.40
CA GLY A 239 -11.34 7.12 5.20
C GLY A 239 -10.88 8.27 4.31
N SER A 240 -11.42 9.46 4.54
CA SER A 240 -11.18 10.64 3.72
C SER A 240 -11.23 11.88 4.57
N LEU A 241 -10.70 12.98 4.02
CA LEU A 241 -10.58 14.26 4.70
C LEU A 241 -11.00 15.37 3.76
N THR A 242 -11.90 16.25 4.21
CA THR A 242 -12.35 17.42 3.45
C THR A 242 -11.71 18.67 4.03
N GLU A 243 -10.93 19.38 3.21
CA GLU A 243 -10.35 20.67 3.55
C GLU A 243 -11.11 21.77 2.82
N LEU A 244 -11.35 22.89 3.50
CA LEU A 244 -12.03 24.04 2.94
C LEU A 244 -11.20 25.30 3.22
N VAL A 245 -10.82 26.00 2.15
CA VAL A 245 -10.14 27.29 2.25
C VAL A 245 -11.12 28.35 1.77
N CYS A 246 -11.41 29.33 2.64
CA CYS A 246 -12.52 30.26 2.38
C CYS A 246 -12.26 31.64 2.99
N THR A 247 -13.14 32.57 2.66
CA THR A 247 -13.10 33.90 3.19
C THR A 247 -14.42 34.12 3.83
N LEU A 248 -14.44 34.82 4.93
CA LEU A 248 -15.67 35.05 5.63
C LEU A 248 -16.01 36.50 5.76
N ASP A 249 -17.23 36.76 6.13
CA ASP A 249 -17.71 38.09 6.36
C ASP A 249 -17.03 38.75 7.53
N LYS A 250 -16.74 38.01 8.57
CA LYS A 250 -16.12 38.59 9.73
C LYS A 250 -14.76 38.08 10.10
N LYS A 251 -13.89 38.95 10.57
CA LYS A 251 -12.65 38.55 11.19
C LYS A 251 -12.93 37.53 12.28
N VAL A 252 -12.11 36.47 12.36
CA VAL A 252 -12.26 35.40 13.36
C VAL A 252 -10.91 34.96 13.88
N THR A 253 -10.93 34.16 14.94
CA THR A 253 -9.75 33.50 15.48
C THR A 253 -10.02 32.01 15.45
N VAL A 254 -8.94 31.22 15.51
CA VAL A 254 -9.08 29.77 15.47
C VAL A 254 -10.04 29.31 16.57
N GLU A 255 -9.86 29.84 17.78
CA GLU A 255 -10.73 29.49 18.89
C GLU A 255 -12.20 29.75 18.56
N GLU A 256 -12.51 30.91 17.98
CA GLU A 256 -13.91 31.21 17.66
C GLU A 256 -14.50 30.21 16.67
N VAL A 257 -13.71 29.85 15.63
CA VAL A 257 -14.18 28.89 14.63
C VAL A 257 -14.38 27.52 15.27
N ASN A 258 -13.40 27.06 16.04
CA ASN A 258 -13.54 25.75 16.65
C ASN A 258 -14.74 25.71 17.57
N ALA A 259 -14.98 26.80 18.31
CA ALA A 259 -16.12 26.81 19.20
C ALA A 259 -17.43 26.77 18.43
N ALA A 260 -17.51 27.48 17.30
CA ALA A 260 -18.72 27.43 16.50
C ALA A 260 -18.99 26.01 16.04
N MET A 261 -17.92 25.29 15.65
CA MET A 261 -18.08 23.92 15.20
C MET A 261 -18.54 23.00 16.33
N LYS A 262 -17.91 23.11 17.51
CA LYS A 262 -18.33 22.29 18.64
C LYS A 262 -19.78 22.57 18.98
N ALA A 263 -20.18 23.84 18.90
CA ALA A 263 -21.56 24.21 19.19
C ALA A 263 -22.54 23.58 18.19
N ALA A 264 -22.12 23.39 16.93
CA ALA A 264 -22.98 22.76 15.93
C ALA A 264 -22.95 21.23 15.97
N SER A 265 -22.14 20.65 16.87
CA SER A 265 -21.96 19.20 16.94
C SER A 265 -23.26 18.50 17.34
N ASN A 266 -23.46 17.32 16.74
CA ASN A 266 -24.61 16.46 16.98
C ASN A 266 -24.19 15.02 16.62
N GLU A 267 -25.19 14.14 16.46
CA GLU A 267 -24.93 12.76 16.05
C GLU A 267 -24.37 12.66 14.62
N SER A 268 -24.83 13.53 13.71
CA SER A 268 -24.31 13.52 12.35
C SER A 268 -22.96 14.20 12.25
N PHE A 269 -22.77 15.28 13.00
CA PHE A 269 -21.57 16.12 12.94
C PHE A 269 -20.84 16.05 14.28
N GLY A 270 -19.63 15.47 14.27
CA GLY A 270 -18.84 15.34 15.47
C GLY A 270 -17.70 16.35 15.54
N TYR A 271 -17.10 16.43 16.73
CA TYR A 271 -16.03 17.37 17.02
C TYR A 271 -14.93 16.66 17.78
N THR A 272 -13.67 16.86 17.38
CA THR A 272 -12.54 16.26 18.07
C THR A 272 -11.37 17.23 18.13
N GLU A 273 -10.59 17.13 19.21
CA GLU A 273 -9.33 17.84 19.34
C GLU A 273 -8.14 16.89 19.38
N ASP A 274 -8.35 15.60 19.10
CA ASP A 274 -7.30 14.58 19.04
C ASP A 274 -6.62 14.59 17.67
N PRO A 275 -5.29 14.56 17.63
CA PRO A 275 -4.57 14.54 16.35
C PRO A 275 -4.65 13.20 15.63
N ILE A 276 -5.83 12.86 15.14
CA ILE A 276 -6.07 11.54 14.57
C ILE A 276 -5.57 11.44 13.13
N VAL A 277 -5.53 10.22 12.60
CA VAL A 277 -5.20 9.97 11.21
C VAL A 277 -6.37 9.19 10.61
N SER A 278 -6.35 9.03 9.28
CA SER A 278 -7.54 8.50 8.60
C SER A 278 -7.97 7.15 9.16
N SER A 279 -7.02 6.26 9.49
CA SER A 279 -7.45 4.93 9.88
C SER A 279 -8.32 4.97 11.13
N ASP A 280 -8.29 6.08 11.88
CA ASP A 280 -9.06 6.23 13.11
C ASP A 280 -10.51 6.59 12.88
N VAL A 281 -10.93 6.94 11.66
CA VAL A 281 -12.34 7.23 11.43
C VAL A 281 -13.06 6.09 10.73
N ILE A 282 -12.37 4.99 10.43
CA ILE A 282 -13.04 3.88 9.76
C ILE A 282 -14.16 3.37 10.66
N GLY A 283 -15.38 3.32 10.10
CA GLY A 283 -16.53 2.78 10.80
C GLY A 283 -17.26 3.74 11.73
N ILE A 284 -16.87 5.02 11.78
CA ILE A 284 -17.53 5.96 12.67
C ILE A 284 -18.98 6.17 12.22
N SER A 285 -19.83 6.54 13.17
CA SER A 285 -21.25 6.77 12.91
C SER A 285 -21.57 8.21 12.54
N PHE A 286 -20.63 9.14 12.73
CA PHE A 286 -20.83 10.52 12.28
C PHE A 286 -20.76 10.61 10.76
N GLY A 287 -21.57 11.50 10.19
CA GLY A 287 -21.36 11.81 8.79
C GLY A 287 -20.17 12.72 8.56
N SER A 288 -19.71 13.41 9.60
CA SER A 288 -18.62 14.37 9.52
C SER A 288 -17.97 14.49 10.90
N LEU A 289 -16.65 14.57 10.93
CA LEU A 289 -15.93 14.70 12.20
C LEU A 289 -14.98 15.88 12.11
N PHE A 290 -15.40 17.03 12.63
CA PHE A 290 -14.58 18.23 12.53
C PHE A 290 -13.33 18.08 13.38
N ASP A 291 -12.18 18.44 12.80
CA ASP A 291 -10.86 18.28 13.42
C ASP A 291 -10.35 19.68 13.76
N ALA A 292 -10.51 20.06 15.03
CA ALA A 292 -10.11 21.39 15.49
C ALA A 292 -8.61 21.59 15.47
N THR A 293 -7.82 20.50 15.42
CA THR A 293 -6.36 20.62 15.34
C THR A 293 -5.88 21.12 13.99
N GLN A 294 -6.73 21.08 12.96
CA GLN A 294 -6.35 21.49 11.62
C GLN A 294 -6.85 22.89 11.25
N THR A 295 -7.51 23.60 12.16
CA THR A 295 -7.98 24.95 11.86
C THR A 295 -6.78 25.89 11.76
N LYS A 296 -6.71 26.62 10.65
CA LYS A 296 -5.60 27.54 10.43
C LYS A 296 -6.15 28.81 9.80
N ILE A 297 -5.64 29.95 10.26
CA ILE A 297 -6.07 31.23 9.76
C ILE A 297 -4.85 32.04 9.42
N MET A 298 -4.84 32.64 8.24
CA MET A 298 -3.76 33.52 7.84
C MET A 298 -4.33 34.88 7.50
N GLU A 299 -3.60 35.93 7.87
CA GLU A 299 -4.05 37.31 7.72
C GLU A 299 -3.00 38.11 7.00
N VAL A 300 -3.42 38.82 5.94
CA VAL A 300 -2.54 39.71 5.18
C VAL A 300 -3.32 41.01 4.99
N ASP A 301 -2.68 42.13 5.31
CA ASP A 301 -3.39 43.40 5.41
C ASP A 301 -4.47 43.14 6.46
N GLY A 302 -5.75 43.33 6.16
CA GLY A 302 -6.75 43.01 7.15
C GLY A 302 -7.58 41.79 6.81
N GLN A 303 -7.22 41.11 5.71
CA GLN A 303 -8.06 40.06 5.14
C GLN A 303 -7.56 38.71 5.60
N GLN A 304 -8.52 37.86 5.96
CA GLN A 304 -8.22 36.54 6.47
C GLN A 304 -8.57 35.50 5.41
N LEU A 305 -7.73 34.47 5.34
CA LEU A 305 -8.04 33.23 4.67
C LEU A 305 -8.09 32.15 5.74
N VAL A 306 -9.17 31.37 5.73
CA VAL A 306 -9.46 30.42 6.80
C VAL A 306 -9.48 29.03 6.18
N LYS A 307 -8.77 28.10 6.81
CA LYS A 307 -8.74 26.72 6.38
C LYS A 307 -9.27 25.85 7.51
N VAL A 308 -10.22 24.98 7.17
CA VAL A 308 -10.82 24.04 8.11
C VAL A 308 -10.82 22.66 7.48
N ALA A 309 -10.93 21.64 8.32
CA ALA A 309 -10.89 20.26 7.82
C ALA A 309 -11.76 19.36 8.67
N SER A 310 -12.45 18.44 8.01
CA SER A 310 -13.31 17.48 8.68
C SER A 310 -13.08 16.09 8.10
N TRP A 311 -13.00 15.10 8.98
CA TRP A 311 -12.82 13.72 8.55
C TRP A 311 -14.15 13.08 8.23
N TYR A 312 -14.10 12.05 7.39
CA TYR A 312 -15.26 11.21 7.20
C TYR A 312 -14.82 9.86 6.66
N ASP A 313 -15.55 8.84 7.01
CA ASP A 313 -15.40 7.53 6.40
C ASP A 313 -16.38 7.52 5.23
N ASN A 314 -15.86 7.62 4.02
CA ASN A 314 -16.74 7.72 2.87
C ASN A 314 -17.71 6.53 2.81
N GLU A 315 -17.40 5.43 3.51
CA GLU A 315 -18.33 4.31 3.59
C GLU A 315 -19.23 4.43 4.83
N ALA A 316 -18.64 4.36 6.03
CA ALA A 316 -19.50 4.29 7.21
C ALA A 316 -20.22 5.62 7.47
N SER A 317 -19.54 6.75 7.27
CA SER A 317 -20.17 8.04 7.54
C SER A 317 -21.36 8.26 6.64
N TYR A 318 -21.16 8.01 5.35
CA TYR A 318 -22.23 8.21 4.39
C TYR A 318 -23.38 7.25 4.68
N THR A 319 -23.08 5.98 4.92
CA THR A 319 -24.15 5.00 5.12
C THR A 319 -24.96 5.31 6.37
N ASN A 320 -24.30 5.73 7.46
CA ASN A 320 -25.06 6.13 8.65
C ASN A 320 -25.98 7.28 8.34
N GLN A 321 -25.49 8.29 7.59
CA GLN A 321 -26.38 9.37 7.18
C GLN A 321 -27.54 8.83 6.33
N LEU A 322 -27.25 7.91 5.42
CA LEU A 322 -28.28 7.39 4.53
C LEU A 322 -29.37 6.69 5.32
N ILE A 323 -28.98 5.96 6.37
CA ILE A 323 -29.99 5.28 7.17
C ILE A 323 -30.76 6.28 8.03
N ARG A 324 -30.09 7.34 8.50
CA ARG A 324 -30.86 8.37 9.22
C ARG A 324 -31.94 8.95 8.31
N THR A 325 -31.58 9.24 7.06
CA THR A 325 -32.54 9.81 6.13
C THR A 325 -33.61 8.80 5.77
N LEU A 326 -33.26 7.53 5.67
CA LEU A 326 -34.26 6.50 5.39
C LEU A 326 -35.28 6.44 6.52
N LYS A 327 -34.81 6.49 7.77
CA LYS A 327 -35.73 6.49 8.90
C LYS A 327 -36.62 7.72 8.88
N CYS A 328 -36.06 8.90 8.55
CA CYS A 328 -36.90 10.09 8.54
C CYS A 328 -37.97 9.98 7.45
N LEU A 329 -37.61 9.51 6.26
CA LEU A 329 -38.55 9.48 5.14
C LEU A 329 -39.74 8.57 5.41
N VAL A 330 -39.55 7.44 6.10
CA VAL A 330 -40.62 6.50 6.35
C VAL A 330 -41.43 6.82 7.60
N SER A 331 -41.02 7.80 8.38
CA SER A 331 -41.79 8.16 9.57
C SER A 331 -43.02 8.96 9.19
N MET B 1 11.12 -7.62 -42.29
CA MET B 1 10.18 -6.73 -41.59
C MET B 1 8.82 -7.40 -41.30
N VAL B 2 8.63 -7.86 -40.05
CA VAL B 2 7.50 -8.72 -39.69
C VAL B 2 6.31 -7.89 -39.22
N LYS B 3 5.16 -8.12 -39.86
CA LYS B 3 3.92 -7.38 -39.57
C LYS B 3 3.18 -7.98 -38.38
N VAL B 4 3.15 -7.21 -37.29
CA VAL B 4 2.62 -7.63 -36.00
C VAL B 4 1.36 -6.84 -35.68
N ALA B 5 0.36 -7.54 -35.11
CA ALA B 5 -0.75 -6.88 -34.44
C ALA B 5 -0.75 -7.31 -32.97
N ILE B 6 -1.30 -6.44 -32.12
CA ILE B 6 -1.45 -6.72 -30.70
C ILE B 6 -2.94 -6.64 -30.41
N ASN B 7 -3.50 -7.71 -29.86
CA ASN B 7 -4.90 -7.73 -29.50
C ASN B 7 -4.98 -7.68 -27.98
N GLY B 8 -5.55 -6.59 -27.45
CA GLY B 8 -5.55 -6.33 -26.04
C GLY B 8 -4.34 -5.50 -25.63
N PHE B 9 -4.48 -4.17 -25.59
CA PHE B 9 -3.36 -3.29 -25.24
C PHE B 9 -3.26 -3.09 -23.73
N GLY B 10 -3.11 -4.21 -23.02
CA GLY B 10 -3.03 -4.23 -21.57
C GLY B 10 -1.61 -4.15 -21.06
N ARG B 11 -1.39 -4.68 -19.85
CA ARG B 11 -0.06 -4.65 -19.27
C ARG B 11 0.94 -5.37 -20.18
N ILE B 12 0.57 -6.57 -20.66
CA ILE B 12 1.49 -7.32 -21.51
C ILE B 12 1.58 -6.71 -22.91
N GLY B 13 0.44 -6.34 -23.51
CA GLY B 13 0.48 -5.75 -24.84
C GLY B 13 1.31 -4.49 -24.91
N ARG B 14 1.09 -3.57 -23.96
CA ARG B 14 1.85 -2.34 -23.95
C ARG B 14 3.34 -2.62 -23.73
N LEU B 15 3.67 -3.53 -22.82
CA LEU B 15 5.10 -3.77 -22.63
C LEU B 15 5.71 -4.49 -23.84
N ALA B 16 4.92 -5.32 -24.53
CA ALA B 16 5.36 -5.91 -25.79
C ALA B 16 5.67 -4.82 -26.80
N LEU B 17 4.77 -3.83 -26.92
CA LEU B 17 5.05 -2.76 -27.84
C LEU B 17 6.31 -2.05 -27.45
N ARG B 18 6.50 -1.81 -26.16
CA ARG B 18 7.72 -1.11 -25.74
C ARG B 18 8.95 -1.88 -26.19
N LEU B 19 8.91 -3.20 -26.09
CA LEU B 19 10.10 -3.97 -26.44
C LEU B 19 10.30 -4.13 -27.94
N MET B 20 9.24 -4.04 -28.73
CA MET B 20 9.37 -4.19 -30.18
C MET B 20 9.60 -2.86 -30.92
N ILE B 21 9.23 -1.72 -30.32
CA ILE B 21 9.19 -0.45 -31.06
C ILE B 21 10.59 0.04 -31.42
N ASP B 22 11.57 -0.14 -30.55
CA ASP B 22 12.96 0.16 -30.94
C ASP B 22 13.50 -0.91 -31.88
N ASN B 23 12.86 -2.09 -31.90
CA ASN B 23 13.47 -3.27 -32.52
C ASN B 23 13.16 -3.29 -34.01
N PRO B 24 14.18 -3.34 -34.88
CA PRO B 24 13.94 -3.22 -36.32
C PRO B 24 13.22 -4.39 -36.97
N GLU B 25 13.21 -5.57 -36.36
CA GLU B 25 12.66 -6.74 -37.04
C GLU B 25 11.14 -6.69 -37.18
N PHE B 26 10.45 -5.94 -36.32
CA PHE B 26 9.00 -5.85 -36.34
C PHE B 26 8.51 -4.49 -36.81
N GLU B 27 7.38 -4.51 -37.50
CA GLU B 27 6.57 -3.32 -37.74
C GLU B 27 5.18 -3.62 -37.18
N VAL B 28 4.78 -2.84 -36.18
CA VAL B 28 3.50 -3.05 -35.53
C VAL B 28 2.47 -2.26 -36.31
N VAL B 29 1.58 -2.97 -37.00
CA VAL B 29 0.60 -2.31 -37.87
C VAL B 29 -0.64 -1.88 -37.11
N ALA B 30 -1.12 -2.68 -36.17
CA ALA B 30 -2.39 -2.36 -35.54
C ALA B 30 -2.39 -2.78 -34.08
N ILE B 31 -3.34 -2.21 -33.34
CA ILE B 31 -3.62 -2.57 -31.97
C ILE B 31 -5.14 -2.60 -31.84
N ASN B 32 -5.68 -3.63 -31.22
CA ASN B 32 -7.11 -3.73 -31.00
C ASN B 32 -7.37 -3.83 -29.51
N ASP B 33 -8.39 -3.10 -29.07
CA ASP B 33 -8.82 -3.03 -27.68
C ASP B 33 -10.28 -2.57 -27.68
N LEU B 34 -10.76 -2.20 -26.49
CA LEU B 34 -12.14 -1.80 -26.27
C LEU B 34 -12.30 -0.29 -26.06
N THR B 35 -11.29 0.50 -26.36
CA THR B 35 -11.35 1.93 -26.08
C THR B 35 -10.79 2.71 -27.29
N ASP B 36 -10.71 4.04 -27.14
CA ASP B 36 -10.22 4.90 -28.20
C ASP B 36 -8.70 5.02 -28.20
N ALA B 37 -8.19 5.68 -29.25
CA ALA B 37 -6.75 5.85 -29.45
C ALA B 37 -6.10 6.72 -28.38
N LYS B 38 -6.79 7.79 -27.92
CA LYS B 38 -6.19 8.69 -26.93
C LYS B 38 -5.92 7.95 -25.63
N THR B 39 -6.84 7.07 -25.23
CA THR B 39 -6.66 6.26 -24.03
C THR B 39 -5.46 5.33 -24.17
N LEU B 40 -5.37 4.58 -25.28
CA LEU B 40 -4.25 3.69 -25.48
C LEU B 40 -2.93 4.45 -25.47
N ALA B 41 -2.90 5.63 -26.11
CA ALA B 41 -1.69 6.44 -26.16
C ALA B 41 -1.31 6.95 -24.78
N HIS B 42 -2.30 7.40 -24.00
CA HIS B 42 -2.01 7.86 -22.64
C HIS B 42 -1.46 6.72 -21.78
N LEU B 43 -2.09 5.54 -21.85
CA LEU B 43 -1.64 4.40 -21.05
C LEU B 43 -0.27 3.89 -21.51
N PHE B 44 0.06 4.04 -22.79
CA PHE B 44 1.39 3.67 -23.24
C PHE B 44 2.44 4.68 -22.78
N LYS B 45 2.07 5.97 -22.69
CA LYS B 45 3.04 7.02 -22.34
C LYS B 45 3.42 6.95 -20.87
N TYR B 46 2.44 6.72 -20.00
CA TYR B 46 2.62 6.79 -18.55
C TYR B 46 2.31 5.44 -17.93
N ASP B 47 3.22 4.93 -17.09
CA ASP B 47 3.03 3.62 -16.48
C ASP B 47 3.38 3.65 -15.00
N SER B 48 2.47 3.16 -14.16
CA SER B 48 2.67 3.24 -12.72
C SER B 48 3.78 2.35 -12.23
N ALA B 49 4.05 1.26 -12.93
CA ALA B 49 5.07 0.31 -12.54
C ALA B 49 6.31 0.37 -13.42
N GLN B 50 6.13 0.51 -14.73
CA GLN B 50 7.22 0.39 -15.67
C GLN B 50 7.78 1.74 -16.12
N GLY B 51 7.33 2.83 -15.51
CA GLY B 51 7.87 4.12 -15.82
C GLY B 51 7.34 4.70 -17.12
N ARG B 52 7.74 5.95 -17.38
CA ARG B 52 7.30 6.66 -18.57
C ARG B 52 7.99 6.08 -19.79
N PHE B 53 7.30 6.10 -20.92
CA PHE B 53 7.92 5.65 -22.15
C PHE B 53 8.99 6.66 -22.56
N ASN B 54 10.20 6.18 -22.88
CA ASN B 54 11.23 7.10 -23.37
C ASN B 54 11.14 7.09 -24.89
N GLY B 55 10.49 8.12 -25.42
CA GLY B 55 10.22 8.24 -26.83
C GLY B 55 9.07 9.20 -26.99
N GLU B 56 8.62 9.39 -28.23
CA GLU B 56 7.58 10.38 -28.46
C GLU B 56 6.33 9.69 -28.99
N ILE B 57 5.18 10.10 -28.47
CA ILE B 57 3.89 9.57 -28.86
C ILE B 57 3.03 10.73 -29.31
N GLU B 58 2.35 10.55 -30.44
CA GLU B 58 1.41 11.50 -30.99
C GLU B 58 0.16 10.72 -31.31
N VAL B 59 -0.99 11.35 -31.12
CA VAL B 59 -2.29 10.70 -31.30
C VAL B 59 -3.02 11.33 -32.49
N LYS B 60 -3.17 10.54 -33.55
CA LYS B 60 -4.04 10.81 -34.70
C LYS B 60 -5.43 10.29 -34.35
N GLU B 61 -6.39 10.47 -35.25
CA GLU B 61 -7.71 9.92 -35.01
C GLU B 61 -7.75 8.47 -35.54
N GLY B 62 -8.12 7.55 -34.66
CA GLY B 62 -8.14 6.16 -35.04
C GLY B 62 -6.77 5.54 -35.20
N ALA B 63 -5.74 6.16 -34.66
CA ALA B 63 -4.39 5.64 -34.72
C ALA B 63 -3.52 6.53 -33.85
N PHE B 64 -2.33 6.04 -33.52
CA PHE B 64 -1.35 6.90 -32.90
C PHE B 64 0.02 6.53 -33.44
N VAL B 65 0.93 7.49 -33.38
CA VAL B 65 2.26 7.40 -33.96
C VAL B 65 3.28 7.37 -32.82
N VAL B 66 4.16 6.37 -32.85
CA VAL B 66 5.20 6.15 -31.85
C VAL B 66 6.55 6.27 -32.54
N ASN B 67 7.38 7.23 -32.09
CA ASN B 67 8.70 7.48 -32.66
C ASN B 67 8.62 7.59 -34.18
N GLY B 68 7.57 8.25 -34.67
CA GLY B 68 7.37 8.49 -36.09
C GLY B 68 6.62 7.40 -36.85
N LYS B 69 6.31 6.26 -36.24
CA LYS B 69 5.65 5.16 -36.91
C LYS B 69 4.19 5.07 -36.47
N GLU B 70 3.27 5.05 -37.43
CA GLU B 70 1.85 5.03 -37.13
C GLU B 70 1.40 3.61 -36.86
N ILE B 71 0.44 3.48 -35.94
CA ILE B 71 -0.18 2.21 -35.59
C ILE B 71 -1.68 2.47 -35.61
N LYS B 72 -2.41 1.74 -36.45
CA LYS B 72 -3.86 1.86 -36.48
C LYS B 72 -4.46 1.21 -35.24
N VAL B 73 -5.51 1.83 -34.70
CA VAL B 73 -6.18 1.32 -33.51
C VAL B 73 -7.60 0.96 -33.89
N THR B 74 -8.05 -0.23 -33.44
CA THR B 74 -9.40 -0.71 -33.69
C THR B 74 -10.00 -1.12 -32.35
N ALA B 75 -11.34 -1.17 -32.31
CA ALA B 75 -12.11 -1.55 -31.12
C ALA B 75 -13.20 -2.54 -31.51
N LYS B 76 -12.80 -3.77 -31.80
CA LYS B 76 -13.70 -4.87 -32.10
C LYS B 76 -13.53 -5.93 -31.02
N SER B 77 -14.60 -6.21 -30.28
CA SER B 77 -14.54 -7.24 -29.26
C SER B 77 -14.49 -8.65 -29.86
N ASN B 78 -14.97 -8.83 -31.09
CA ASN B 78 -14.90 -10.15 -31.69
C ASN B 78 -13.71 -10.24 -32.64
N PRO B 79 -12.71 -11.06 -32.33
CA PRO B 79 -11.48 -11.06 -33.16
C PRO B 79 -11.74 -11.46 -34.59
N ALA B 80 -12.72 -12.32 -34.83
CA ALA B 80 -12.99 -12.73 -36.20
C ALA B 80 -13.39 -11.53 -37.05
N GLU B 81 -13.89 -10.46 -36.44
CA GLU B 81 -14.28 -9.27 -37.19
C GLU B 81 -13.12 -8.31 -37.42
N LEU B 82 -11.88 -8.71 -37.11
CA LEU B 82 -10.78 -7.76 -37.24
C LEU B 82 -10.22 -7.73 -38.66
N PRO B 83 -9.60 -6.60 -39.08
CA PRO B 83 -9.12 -6.46 -40.45
C PRO B 83 -7.68 -6.93 -40.61
N TRP B 84 -7.37 -8.10 -40.06
CA TRP B 84 -6.00 -8.59 -40.11
C TRP B 84 -5.58 -8.93 -41.53
N GLY B 85 -6.50 -9.49 -42.32
CA GLY B 85 -6.17 -9.86 -43.69
C GLY B 85 -5.84 -8.65 -44.55
N GLU B 86 -6.61 -7.58 -44.40
CA GLU B 86 -6.43 -6.42 -45.27
C GLU B 86 -5.14 -5.67 -44.93
N LEU B 87 -4.70 -5.74 -43.68
CA LEU B 87 -3.41 -5.22 -43.25
C LEU B 87 -2.29 -6.23 -43.45
N GLY B 88 -2.63 -7.44 -43.87
CA GLY B 88 -1.66 -8.50 -44.11
C GLY B 88 -0.82 -8.77 -42.88
N VAL B 89 -1.46 -8.84 -41.71
CA VAL B 89 -0.72 -9.07 -40.46
C VAL B 89 -0.19 -10.50 -40.45
N ASP B 90 1.07 -10.64 -40.04
CA ASP B 90 1.70 -11.95 -39.99
C ASP B 90 1.50 -12.63 -38.64
N VAL B 91 1.74 -11.92 -37.53
CA VAL B 91 1.58 -12.52 -36.21
C VAL B 91 0.69 -11.63 -35.36
N VAL B 92 -0.24 -12.24 -34.63
CA VAL B 92 -1.05 -11.54 -33.66
C VAL B 92 -0.59 -11.98 -32.28
N LEU B 93 -0.34 -11.01 -31.42
CA LEU B 93 -0.06 -11.26 -30.02
C LEU B 93 -1.40 -11.21 -29.31
N GLU B 94 -1.91 -12.38 -28.92
CA GLU B 94 -3.22 -12.48 -28.29
C GLU B 94 -3.05 -12.29 -26.78
N CYS B 95 -3.35 -11.06 -26.32
CA CYS B 95 -3.09 -10.62 -24.95
C CYS B 95 -4.32 -10.13 -24.22
N THR B 96 -5.52 -10.55 -24.64
CA THR B 96 -6.73 -10.04 -23.97
C THR B 96 -7.08 -10.82 -22.70
N GLY B 97 -6.74 -12.10 -22.65
CA GLY B 97 -7.20 -12.97 -21.59
C GLY B 97 -8.51 -13.68 -21.88
N PHE B 98 -9.09 -13.49 -23.07
CA PHE B 98 -10.40 -14.06 -23.38
C PHE B 98 -10.38 -15.10 -24.49
N PHE B 99 -9.28 -15.24 -25.21
CA PHE B 99 -9.22 -16.18 -26.31
C PHE B 99 -8.04 -17.14 -26.16
N ALA B 100 -7.75 -17.53 -24.93
CA ALA B 100 -6.55 -18.32 -24.68
C ALA B 100 -6.89 -19.81 -24.80
N SER B 101 -7.09 -20.23 -26.04
CA SER B 101 -7.31 -21.62 -26.40
C SER B 101 -7.15 -21.70 -27.91
N LYS B 102 -6.85 -22.89 -28.42
CA LYS B 102 -6.63 -22.99 -29.86
C LYS B 102 -7.87 -22.51 -30.61
N GLU B 103 -9.04 -23.03 -30.22
CA GLU B 103 -10.28 -22.73 -30.93
C GLU B 103 -10.55 -21.24 -30.90
N LYS B 104 -10.56 -20.66 -29.71
CA LYS B 104 -10.92 -19.26 -29.59
C LYS B 104 -9.90 -18.37 -30.30
N ALA B 105 -8.60 -18.64 -30.09
CA ALA B 105 -7.58 -17.80 -30.70
C ALA B 105 -7.51 -17.95 -32.21
N SER B 106 -8.01 -19.06 -32.77
CA SER B 106 -7.98 -19.25 -34.21
C SER B 106 -8.83 -18.24 -34.96
N ALA B 107 -9.73 -17.52 -34.27
CA ALA B 107 -10.49 -16.48 -34.93
C ALA B 107 -9.60 -15.44 -35.58
N HIS B 108 -8.40 -15.20 -35.02
CA HIS B 108 -7.44 -14.31 -35.65
C HIS B 108 -7.02 -14.85 -37.02
N LEU B 109 -6.86 -16.15 -37.13
CA LEU B 109 -6.56 -16.74 -38.43
C LEU B 109 -7.75 -16.55 -39.38
N THR B 110 -8.97 -16.68 -38.84
CA THR B 110 -10.15 -16.44 -39.68
C THR B 110 -10.23 -14.98 -40.08
N ALA B 111 -9.79 -14.07 -39.21
CA ALA B 111 -9.72 -12.65 -39.55
C ALA B 111 -8.65 -12.34 -40.59
N GLY B 112 -7.80 -13.32 -40.96
CA GLY B 112 -6.82 -13.17 -42.02
C GLY B 112 -5.36 -13.14 -41.59
N ALA B 113 -5.07 -13.32 -40.30
CA ALA B 113 -3.72 -13.33 -39.80
C ALA B 113 -3.03 -14.66 -40.10
N LYS B 114 -1.71 -14.62 -40.30
CA LYS B 114 -0.94 -15.82 -40.58
C LYS B 114 -0.61 -16.66 -39.34
N LYS B 115 -0.25 -16.03 -38.22
CA LYS B 115 0.13 -16.73 -37.00
C LYS B 115 -0.40 -16.02 -35.77
N VAL B 116 -0.55 -16.78 -34.70
CA VAL B 116 -1.04 -16.26 -33.42
C VAL B 116 -0.12 -16.75 -32.30
N VAL B 117 0.35 -15.82 -31.47
CA VAL B 117 1.10 -16.17 -30.25
C VAL B 117 0.28 -15.72 -29.05
N ILE B 118 -0.12 -16.68 -28.22
CA ILE B 118 -1.00 -16.41 -27.07
C ILE B 118 -0.14 -16.16 -25.85
N SER B 119 -0.45 -15.08 -25.13
CA SER B 119 0.32 -14.64 -23.97
C SER B 119 -0.18 -15.25 -22.66
N ALA B 120 -0.62 -16.50 -22.68
CA ALA B 120 -1.10 -17.18 -21.48
C ALA B 120 -1.14 -18.67 -21.75
N PRO B 121 -1.34 -19.49 -20.73
CA PRO B 121 -1.60 -20.91 -20.97
C PRO B 121 -2.86 -21.06 -21.80
N ALA B 122 -2.84 -21.97 -22.76
CA ALA B 122 -3.97 -22.09 -23.66
C ALA B 122 -4.43 -23.52 -23.95
N GLY B 123 -4.17 -24.48 -23.07
CA GLY B 123 -4.60 -25.86 -23.29
C GLY B 123 -3.46 -26.80 -23.64
N ASN B 124 -3.81 -28.08 -23.80
CA ASN B 124 -2.82 -29.11 -24.01
C ASN B 124 -2.62 -29.49 -25.46
N ASP B 125 -3.43 -28.99 -26.37
CA ASP B 125 -3.30 -29.32 -27.79
C ASP B 125 -2.44 -28.32 -28.56
N LEU B 126 -1.71 -27.45 -27.89
CA LEU B 126 -0.94 -26.47 -28.64
C LEU B 126 0.50 -26.43 -28.13
N PRO B 127 1.44 -26.02 -28.99
CA PRO B 127 2.82 -25.88 -28.52
C PRO B 127 2.94 -24.74 -27.51
N THR B 128 3.47 -25.07 -26.33
CA THR B 128 3.68 -24.13 -25.24
C THR B 128 5.16 -23.99 -25.01
N VAL B 129 5.67 -22.76 -25.02
CA VAL B 129 7.09 -22.50 -25.09
C VAL B 129 7.51 -21.57 -23.97
N VAL B 130 8.54 -21.99 -23.24
CA VAL B 130 9.31 -21.17 -22.32
C VAL B 130 10.68 -21.01 -22.94
N TYR B 131 11.03 -19.79 -23.32
CA TYR B 131 12.25 -19.59 -24.09
C TYR B 131 13.49 -20.01 -23.29
N ASN B 132 14.44 -20.64 -23.99
CA ASN B 132 15.64 -21.23 -23.41
C ASN B 132 15.35 -22.42 -22.50
N VAL B 133 14.18 -23.05 -22.66
CA VAL B 133 13.86 -24.32 -22.00
C VAL B 133 13.42 -25.35 -23.03
N ASN B 134 12.37 -25.07 -23.80
CA ASN B 134 11.91 -26.01 -24.81
C ASN B 134 11.63 -25.34 -26.16
N HIS B 135 12.24 -24.18 -26.44
CA HIS B 135 11.85 -23.49 -27.67
C HIS B 135 12.31 -24.24 -28.92
N ASP B 136 13.20 -25.22 -28.77
CA ASP B 136 13.60 -26.02 -29.92
C ASP B 136 12.42 -26.78 -30.53
N ILE B 137 11.32 -26.93 -29.80
CA ILE B 137 10.14 -27.60 -30.34
C ILE B 137 9.48 -26.84 -31.48
N LEU B 138 9.84 -25.58 -31.69
CA LEU B 138 9.23 -24.78 -32.75
C LEU B 138 9.97 -25.00 -34.06
N ASP B 139 9.22 -25.16 -35.14
CA ASP B 139 9.85 -25.33 -36.44
C ASP B 139 9.44 -24.28 -37.47
N GLY B 140 8.50 -23.37 -37.13
CA GLY B 140 8.04 -22.32 -38.03
C GLY B 140 6.69 -22.56 -38.66
N SER B 141 6.18 -23.81 -38.66
CA SER B 141 4.90 -24.18 -39.27
C SER B 141 3.70 -24.00 -38.34
N GLU B 142 3.92 -23.60 -37.09
CA GLU B 142 2.84 -23.56 -36.11
C GLU B 142 2.03 -22.30 -36.29
N ASP B 143 0.71 -22.44 -36.51
CA ASP B 143 -0.12 -21.26 -36.66
C ASP B 143 -0.48 -20.62 -35.31
N VAL B 144 -0.67 -21.41 -34.24
CA VAL B 144 -0.99 -20.87 -32.92
C VAL B 144 -0.07 -21.50 -31.87
N ILE B 145 0.48 -20.67 -30.97
CA ILE B 145 1.31 -21.16 -29.88
C ILE B 145 1.04 -20.36 -28.61
N SER B 146 1.49 -20.92 -27.50
CA SER B 146 1.36 -20.32 -26.20
C SER B 146 2.73 -19.98 -25.66
N GLY B 147 2.85 -18.81 -25.04
CA GLY B 147 4.06 -18.42 -24.36
C GLY B 147 4.07 -18.88 -22.91
N ALA B 148 3.07 -19.66 -22.50
CA ALA B 148 3.00 -20.16 -21.14
C ALA B 148 2.64 -18.99 -20.22
N SER B 149 2.68 -19.21 -18.92
CA SER B 149 2.37 -18.22 -17.89
C SER B 149 3.64 -17.56 -17.38
N CYS B 150 3.47 -16.43 -16.68
CA CYS B 150 4.62 -15.80 -16.02
C CYS B 150 5.30 -16.76 -15.03
N THR B 151 4.51 -17.46 -14.21
CA THR B 151 5.10 -18.38 -13.24
C THR B 151 5.79 -19.56 -13.91
N THR B 152 5.26 -20.04 -15.03
CA THR B 152 5.95 -21.13 -15.73
C THR B 152 7.31 -20.66 -16.24
N ASN B 153 7.39 -19.44 -16.76
CA ASN B 153 8.65 -18.90 -17.25
C ASN B 153 9.65 -18.64 -16.12
N CYS B 154 9.16 -18.40 -14.91
CA CYS B 154 10.10 -18.30 -13.80
C CYS B 154 10.53 -19.68 -13.30
N LEU B 155 9.59 -20.63 -13.21
CA LEU B 155 9.87 -21.91 -12.59
C LEU B 155 10.67 -22.84 -13.49
N ALA B 156 10.36 -22.90 -14.78
CA ALA B 156 10.92 -23.90 -15.69
C ALA B 156 12.44 -23.97 -15.68
N PRO B 157 13.20 -22.89 -15.88
CA PRO B 157 14.67 -23.04 -15.89
C PRO B 157 15.21 -23.57 -14.58
N MET B 158 14.62 -23.13 -13.47
CA MET B 158 15.03 -23.60 -12.15
C MET B 158 14.82 -25.11 -12.01
N ALA B 159 13.61 -25.59 -12.32
CA ALA B 159 13.29 -27.01 -12.21
C ALA B 159 14.09 -27.86 -13.21
N LYS B 160 14.28 -27.37 -14.43
CA LYS B 160 15.09 -28.11 -15.38
C LYS B 160 16.52 -28.27 -14.87
N ALA B 161 17.12 -27.18 -14.38
CA ALA B 161 18.48 -27.30 -13.86
C ALA B 161 18.55 -28.29 -12.69
N LEU B 162 17.58 -28.22 -11.77
CA LEU B 162 17.60 -29.15 -10.63
C LEU B 162 17.46 -30.60 -11.10
N ASN B 163 16.55 -30.83 -12.04
CA ASN B 163 16.35 -32.19 -12.53
C ASN B 163 17.58 -32.70 -13.24
N ASP B 164 18.17 -31.87 -14.10
CA ASP B 164 19.32 -32.31 -14.87
C ASP B 164 20.51 -32.62 -13.97
N ASN B 165 20.77 -31.80 -12.96
CA ASN B 165 21.95 -32.05 -12.14
C ASN B 165 21.72 -33.10 -11.07
N PHE B 166 20.55 -33.11 -10.43
CA PHE B 166 20.34 -33.96 -9.26
C PHE B 166 19.11 -34.88 -9.33
N GLY B 167 18.26 -34.75 -10.32
CA GLY B 167 17.05 -35.54 -10.35
C GLY B 167 16.02 -34.99 -9.38
N LEU B 168 14.93 -34.42 -9.89
CA LEU B 168 13.91 -33.81 -9.04
C LEU B 168 12.75 -34.81 -9.00
N ASN B 169 12.57 -35.52 -7.88
CA ASN B 169 11.49 -36.50 -7.95
C ASN B 169 10.14 -35.83 -7.72
N LYS B 170 10.09 -34.91 -6.78
CA LYS B 170 8.85 -34.24 -6.53
C LYS B 170 9.02 -32.92 -5.82
N GLY B 171 8.05 -32.05 -5.96
CA GLY B 171 8.13 -30.76 -5.32
C GLY B 171 6.87 -29.96 -5.19
N PHE B 172 6.92 -28.99 -4.33
CA PHE B 172 5.80 -28.14 -4.13
C PHE B 172 6.21 -26.72 -4.41
N MET B 173 5.41 -26.00 -5.15
CA MET B 173 5.75 -24.65 -5.49
C MET B 173 4.89 -23.59 -4.86
N THR B 174 5.49 -22.54 -4.36
CA THR B 174 4.71 -21.42 -3.89
C THR B 174 5.21 -20.14 -4.52
N THR B 175 4.33 -19.39 -5.17
CA THR B 175 4.74 -18.11 -5.73
C THR B 175 4.09 -16.99 -4.93
N ILE B 176 4.92 -16.12 -4.35
CA ILE B 176 4.47 -14.89 -3.72
C ILE B 176 4.43 -13.87 -4.85
N HIS B 177 3.22 -13.54 -5.25
CA HIS B 177 2.96 -12.90 -6.53
C HIS B 177 2.40 -11.50 -6.31
N ALA B 178 2.84 -10.57 -7.13
CA ALA B 178 2.21 -9.24 -7.17
C ALA B 178 0.76 -9.39 -7.61
N TYR B 179 -0.10 -8.47 -7.13
CA TYR B 179 -1.49 -8.53 -7.57
C TYR B 179 -1.58 -8.10 -9.02
N THR B 180 -2.69 -8.47 -9.66
CA THR B 180 -2.90 -8.20 -11.07
C THR B 180 -4.31 -7.65 -11.28
N ASN B 181 -4.64 -7.32 -12.53
CA ASN B 181 -5.92 -6.69 -12.85
C ASN B 181 -7.13 -7.63 -12.76
N ASP B 182 -6.94 -8.94 -12.60
CA ASP B 182 -8.09 -9.82 -12.41
C ASP B 182 -8.57 -9.83 -10.98
N GLN B 183 -7.98 -9.02 -10.11
CA GLN B 183 -8.42 -8.88 -8.74
C GLN B 183 -9.17 -7.57 -8.61
N ASN B 184 -10.11 -7.53 -7.68
CA ASN B 184 -10.87 -6.31 -7.49
C ASN B 184 -10.07 -5.25 -6.72
N THR B 185 -10.48 -4.00 -6.92
CA THR B 185 -9.88 -2.89 -6.20
C THR B 185 -10.28 -2.88 -4.72
N LEU B 186 -11.58 -2.98 -4.44
CA LEU B 186 -12.12 -3.13 -3.10
C LEU B 186 -13.01 -4.34 -3.14
N ASP B 187 -13.38 -4.88 -1.97
CA ASP B 187 -14.23 -6.07 -1.93
C ASP B 187 -15.48 -5.90 -2.80
N ALA B 188 -15.72 -6.87 -3.68
CA ALA B 188 -16.84 -6.78 -4.61
C ALA B 188 -17.03 -8.14 -5.28
N PRO B 189 -18.19 -8.38 -5.88
CA PRO B 189 -18.38 -9.63 -6.63
C PRO B 189 -17.31 -9.74 -7.69
N HIS B 190 -16.97 -10.98 -8.06
CA HIS B 190 -15.91 -11.23 -9.03
C HIS B 190 -16.46 -11.91 -10.28
N LYS B 191 -15.97 -11.48 -11.44
CA LYS B 191 -16.60 -11.91 -12.70
C LYS B 191 -16.63 -13.42 -12.81
N LYS B 192 -15.62 -14.10 -12.29
CA LYS B 192 -15.43 -15.53 -12.47
C LYS B 192 -15.74 -16.31 -11.21
N GLY B 193 -16.33 -15.66 -10.21
CA GLY B 193 -16.77 -16.35 -9.01
C GLY B 193 -15.68 -16.62 -7.98
N ASP B 194 -14.45 -16.14 -8.19
CA ASP B 194 -13.42 -16.35 -7.19
C ASP B 194 -13.66 -15.44 -6.00
N LEU B 195 -13.92 -16.03 -4.83
CA LEU B 195 -14.20 -15.26 -3.64
C LEU B 195 -12.96 -14.64 -3.01
N ARG B 196 -11.77 -15.03 -3.46
CA ARG B 196 -10.53 -14.45 -2.98
C ARG B 196 -9.99 -13.36 -3.89
N ARG B 197 -10.10 -13.53 -5.21
CA ARG B 197 -9.80 -12.43 -6.10
C ARG B 197 -10.88 -11.36 -6.02
N ALA B 198 -12.00 -11.64 -5.34
CA ALA B 198 -13.02 -10.62 -5.11
C ALA B 198 -12.58 -9.57 -4.10
N ARG B 199 -11.59 -9.88 -3.24
CA ARG B 199 -11.21 -9.02 -2.14
C ARG B 199 -10.28 -7.92 -2.62
N ALA B 200 -10.22 -6.83 -1.83
CA ALA B 200 -9.37 -5.67 -2.12
C ALA B 200 -7.92 -6.08 -2.37
N ALA B 201 -7.44 -5.86 -3.60
CA ALA B 201 -6.14 -6.40 -4.01
C ALA B 201 -5.01 -5.90 -3.15
N ALA B 202 -4.97 -4.59 -2.90
CA ALA B 202 -3.79 -3.99 -2.29
C ALA B 202 -3.83 -4.01 -0.76
N ALA B 203 -4.83 -4.68 -0.16
CA ALA B 203 -4.98 -4.78 1.29
C ALA B 203 -4.88 -6.20 1.84
N ASN B 204 -4.50 -7.19 1.05
CA ASN B 204 -4.63 -8.56 1.55
C ASN B 204 -3.54 -9.47 1.02
N ILE B 205 -3.28 -10.50 1.82
CA ILE B 205 -2.66 -11.72 1.31
C ILE B 205 -3.80 -12.61 0.78
N VAL B 206 -3.76 -12.93 -0.51
CA VAL B 206 -4.87 -13.59 -1.18
C VAL B 206 -4.36 -14.91 -1.77
N PRO B 207 -4.64 -16.04 -1.11
CA PRO B 207 -4.26 -17.33 -1.70
C PRO B 207 -4.98 -17.55 -3.03
N ASN B 208 -4.28 -18.12 -3.99
CA ASN B 208 -4.94 -18.33 -5.27
C ASN B 208 -4.35 -19.54 -5.97
N SER B 209 -5.15 -20.13 -6.86
CA SER B 209 -4.72 -21.30 -7.60
C SER B 209 -3.87 -20.94 -8.81
N THR B 210 -2.97 -21.85 -9.16
CA THR B 210 -2.18 -21.72 -10.37
C THR B 210 -1.84 -23.10 -10.90
N GLY B 211 -1.91 -23.24 -12.21
CA GLY B 211 -1.59 -24.48 -12.90
C GLY B 211 -0.17 -24.55 -13.39
N ALA B 212 0.65 -23.54 -13.08
CA ALA B 212 2.01 -23.50 -13.56
C ALA B 212 2.78 -24.77 -13.20
N ALA B 213 2.62 -25.25 -11.97
CA ALA B 213 3.38 -26.43 -11.56
C ALA B 213 2.79 -27.70 -12.18
N LYS B 214 1.47 -27.90 -12.08
CA LYS B 214 0.87 -29.12 -12.62
C LYS B 214 1.13 -29.24 -14.12
N ALA B 215 1.17 -28.14 -14.84
CA ALA B 215 1.34 -28.11 -16.30
C ALA B 215 2.78 -28.09 -16.75
N ILE B 216 3.73 -28.21 -15.81
CA ILE B 216 5.15 -28.11 -16.20
C ILE B 216 5.47 -29.17 -17.24
N GLY B 217 4.74 -30.28 -17.25
CA GLY B 217 4.96 -31.32 -18.24
C GLY B 217 4.87 -30.85 -19.68
N LEU B 218 4.11 -29.80 -19.97
CA LEU B 218 4.04 -29.36 -21.36
C LEU B 218 5.33 -28.69 -21.77
N VAL B 219 6.11 -28.21 -20.82
CA VAL B 219 7.39 -27.57 -21.09
C VAL B 219 8.56 -28.51 -20.78
N ILE B 220 8.52 -29.22 -19.65
CA ILE B 220 9.56 -30.21 -19.35
C ILE B 220 8.89 -31.57 -19.21
N PRO B 221 8.76 -32.34 -20.29
CA PRO B 221 8.02 -33.62 -20.21
C PRO B 221 8.54 -34.58 -19.16
N GLU B 222 9.85 -34.64 -18.90
CA GLU B 222 10.35 -35.51 -17.85
C GLU B 222 9.69 -35.23 -16.50
N LEU B 223 9.19 -34.00 -16.29
CA LEU B 223 8.64 -33.62 -14.99
C LEU B 223 7.12 -33.67 -14.91
N ALA B 224 6.46 -34.27 -15.90
CA ALA B 224 5.01 -34.35 -15.85
C ALA B 224 4.54 -35.00 -14.55
N GLY B 225 3.58 -34.36 -13.89
CA GLY B 225 3.01 -34.86 -12.65
C GLY B 225 3.93 -34.90 -11.45
N LYS B 226 5.08 -34.25 -11.48
CA LYS B 226 6.00 -34.29 -10.34
C LYS B 226 5.96 -33.03 -9.51
N LEU B 227 5.24 -32.00 -9.95
CA LEU B 227 5.14 -30.77 -9.18
C LEU B 227 3.69 -30.33 -9.05
N ASP B 228 3.46 -29.59 -7.98
CA ASP B 228 2.21 -28.88 -7.75
C ASP B 228 2.57 -27.61 -6.99
N GLY B 229 1.57 -26.74 -6.79
CA GLY B 229 1.83 -25.49 -6.12
C GLY B 229 0.61 -24.60 -6.15
N ASN B 230 0.79 -23.38 -5.65
CA ASN B 230 -0.26 -22.36 -5.60
C ASN B 230 0.41 -20.99 -5.52
N ALA B 231 -0.40 -19.95 -5.39
CA ALA B 231 0.11 -18.59 -5.32
C ALA B 231 -0.41 -17.90 -4.07
N GLN B 232 0.30 -16.87 -3.65
CA GLN B 232 -0.19 -15.91 -2.67
C GLN B 232 -0.02 -14.55 -3.29
N ARG B 233 -1.12 -13.88 -3.62
CA ARG B 233 -1.03 -12.53 -4.16
C ARG B 233 -0.90 -11.56 -2.99
N VAL B 234 0.05 -10.63 -3.11
CA VAL B 234 0.32 -9.69 -2.03
C VAL B 234 0.43 -8.29 -2.61
N PRO B 235 0.27 -7.25 -1.76
CA PRO B 235 0.16 -5.85 -2.25
C PRO B 235 1.46 -5.21 -2.71
N VAL B 236 2.03 -5.73 -3.80
CA VAL B 236 3.02 -4.98 -4.57
C VAL B 236 2.49 -4.89 -5.98
N ILE B 237 2.80 -3.76 -6.63
CA ILE B 237 2.20 -3.44 -7.92
C ILE B 237 2.70 -4.40 -9.00
N THR B 238 3.95 -4.86 -8.89
CA THR B 238 4.53 -5.85 -9.80
C THR B 238 5.82 -6.36 -9.17
N GLY B 239 6.30 -7.49 -9.66
CA GLY B 239 7.42 -8.19 -9.01
C GLY B 239 6.92 -9.37 -8.20
N SER B 240 7.51 -10.55 -8.38
CA SER B 240 7.05 -11.81 -7.78
C SER B 240 8.21 -12.75 -7.47
N LEU B 241 7.90 -13.76 -6.64
CA LEU B 241 8.90 -14.75 -6.24
C LEU B 241 8.33 -16.16 -6.31
N THR B 242 9.04 -17.09 -6.96
CA THR B 242 8.66 -18.50 -6.99
C THR B 242 9.57 -19.29 -6.03
N GLU B 243 8.95 -19.92 -5.03
CA GLU B 243 9.64 -20.83 -4.12
C GLU B 243 9.31 -22.26 -4.50
N LEU B 244 10.30 -23.14 -4.42
CA LEU B 244 10.13 -24.54 -4.72
C LEU B 244 10.71 -25.36 -3.58
N VAL B 245 9.88 -26.18 -2.96
CA VAL B 245 10.30 -27.12 -1.92
C VAL B 245 10.18 -28.53 -2.48
N CYS B 246 11.30 -29.25 -2.54
CA CYS B 246 11.32 -30.49 -3.28
C CYS B 246 12.24 -31.53 -2.65
N THR B 247 12.11 -32.77 -3.11
CA THR B 247 13.03 -33.84 -2.81
C THR B 247 13.74 -34.28 -4.09
N LEU B 248 15.02 -34.62 -3.96
CA LEU B 248 15.86 -34.95 -5.11
C LEU B 248 16.42 -36.35 -4.95
N ASP B 249 16.95 -36.86 -6.06
CA ASP B 249 17.54 -38.19 -6.10
C ASP B 249 18.92 -38.26 -5.46
N LYS B 250 19.51 -37.14 -5.13
CA LYS B 250 20.92 -37.09 -4.77
C LYS B 250 21.05 -36.15 -3.59
N LYS B 251 21.77 -36.57 -2.56
CA LYS B 251 22.21 -35.63 -1.54
C LYS B 251 23.02 -34.52 -2.18
N VAL B 252 22.79 -33.28 -1.73
CA VAL B 252 23.41 -32.09 -2.31
C VAL B 252 23.76 -31.10 -1.20
N THR B 253 24.53 -30.08 -1.57
CA THR B 253 24.87 -28.98 -0.68
C THR B 253 24.35 -27.69 -1.29
N VAL B 254 24.21 -26.68 -0.43
CA VAL B 254 23.76 -25.37 -0.89
C VAL B 254 24.66 -24.92 -2.03
N GLU B 255 25.97 -25.04 -1.81
CA GLU B 255 26.97 -24.60 -2.77
C GLU B 255 26.82 -25.31 -4.12
N GLU B 256 26.53 -26.62 -4.08
CA GLU B 256 26.26 -27.39 -5.30
C GLU B 256 25.04 -26.89 -6.03
N VAL B 257 23.93 -26.68 -5.32
CA VAL B 257 22.72 -26.23 -5.99
C VAL B 257 22.94 -24.87 -6.63
N ASN B 258 23.53 -23.94 -5.88
CA ASN B 258 23.78 -22.61 -6.41
C ASN B 258 24.69 -22.67 -7.62
N ALA B 259 25.73 -23.51 -7.58
CA ALA B 259 26.61 -23.64 -8.73
C ALA B 259 25.87 -24.21 -9.93
N ALA B 260 25.00 -25.19 -9.71
CA ALA B 260 24.21 -25.74 -10.82
C ALA B 260 23.33 -24.65 -11.44
N MET B 261 22.78 -23.78 -10.61
CA MET B 261 21.94 -22.71 -11.15
C MET B 261 22.78 -21.74 -11.96
N LYS B 262 23.91 -21.28 -11.41
CA LYS B 262 24.76 -20.35 -12.15
C LYS B 262 25.21 -20.95 -13.46
N ALA B 263 25.52 -22.26 -13.45
CA ALA B 263 25.98 -22.92 -14.67
C ALA B 263 24.90 -22.94 -15.74
N ALA B 264 23.64 -23.03 -15.35
CA ALA B 264 22.54 -23.01 -16.31
C ALA B 264 22.12 -21.58 -16.69
N SER B 265 22.74 -20.55 -16.11
CA SER B 265 22.33 -19.17 -16.38
C SER B 265 22.55 -18.75 -17.83
N ASN B 266 21.64 -17.92 -18.32
CA ASN B 266 21.71 -17.39 -19.69
C ASN B 266 20.95 -16.06 -19.70
N GLU B 267 20.61 -15.59 -20.89
CA GLU B 267 19.83 -14.35 -21.03
C GLU B 267 18.44 -14.49 -20.41
N SER B 268 17.84 -15.67 -20.51
CA SER B 268 16.53 -15.90 -19.91
C SER B 268 16.62 -16.16 -18.41
N PHE B 269 17.64 -16.89 -18.00
CA PHE B 269 17.78 -17.35 -16.62
C PHE B 269 19.01 -16.67 -16.03
N GLY B 270 18.78 -15.79 -15.06
CA GLY B 270 19.84 -15.05 -14.42
C GLY B 270 20.18 -15.59 -13.04
N TYR B 271 21.31 -15.09 -12.52
CA TYR B 271 21.82 -15.53 -11.24
C TYR B 271 22.30 -14.33 -10.43
N THR B 272 21.90 -14.26 -9.16
CA THR B 272 22.36 -13.20 -8.28
C THR B 272 22.62 -13.74 -6.88
N GLU B 273 23.63 -13.16 -6.24
CA GLU B 273 23.93 -13.40 -4.84
C GLU B 273 23.68 -12.16 -3.99
N ASP B 274 23.12 -11.13 -4.56
CA ASP B 274 22.81 -9.92 -3.81
C ASP B 274 21.48 -10.10 -3.10
N PRO B 275 21.37 -9.68 -1.84
CA PRO B 275 20.08 -9.80 -1.13
C PRO B 275 19.01 -8.83 -1.61
N ILE B 276 18.47 -9.03 -2.79
CA ILE B 276 17.53 -8.08 -3.39
C ILE B 276 16.12 -8.31 -2.84
N VAL B 277 15.22 -7.36 -3.11
CA VAL B 277 13.81 -7.47 -2.77
C VAL B 277 13.01 -7.24 -4.05
N SER B 278 11.68 -7.46 -4.00
CA SER B 278 10.90 -7.52 -5.24
C SER B 278 11.02 -6.24 -6.08
N SER B 279 11.00 -5.05 -5.46
CA SER B 279 11.01 -3.84 -6.30
C SER B 279 12.25 -3.76 -7.15
N ASP B 280 13.30 -4.54 -6.83
CA ASP B 280 14.55 -4.54 -7.58
C ASP B 280 14.50 -5.37 -8.84
N VAL B 281 13.46 -6.18 -9.05
CA VAL B 281 13.33 -6.94 -10.28
C VAL B 281 12.33 -6.32 -11.25
N ILE B 282 11.75 -5.17 -10.91
CA ILE B 282 10.83 -4.52 -11.83
C ILE B 282 11.59 -4.11 -13.08
N GLY B 283 11.13 -4.58 -14.24
CA GLY B 283 11.69 -4.22 -15.53
C GLY B 283 12.89 -5.03 -15.99
N ILE B 284 13.30 -6.07 -15.25
CA ILE B 284 14.46 -6.86 -15.66
C ILE B 284 14.14 -7.64 -16.92
N SER B 285 15.18 -7.96 -17.68
CA SER B 285 15.01 -8.69 -18.93
C SER B 285 15.03 -10.21 -18.77
N PHE B 286 15.50 -10.74 -17.64
CA PHE B 286 15.48 -12.19 -17.44
C PHE B 286 14.05 -12.67 -17.28
N GLY B 287 13.78 -13.87 -17.79
CA GLY B 287 12.50 -14.49 -17.46
C GLY B 287 12.45 -15.06 -16.06
N SER B 288 13.61 -15.28 -15.46
CA SER B 288 13.74 -15.85 -14.13
C SER B 288 15.06 -15.37 -13.56
N LEU B 289 15.07 -15.03 -12.27
CA LEU B 289 16.31 -14.55 -11.68
C LEU B 289 16.55 -15.34 -10.39
N PHE B 290 17.40 -16.36 -10.48
CA PHE B 290 17.67 -17.22 -9.34
C PHE B 290 18.36 -16.43 -8.24
N ASP B 291 17.92 -16.63 -7.01
CA ASP B 291 18.46 -15.92 -5.86
C ASP B 291 19.23 -16.93 -5.01
N ALA B 292 20.56 -16.92 -5.14
CA ALA B 292 21.34 -17.90 -4.39
C ALA B 292 21.28 -17.67 -2.88
N THR B 293 20.90 -16.47 -2.43
CA THR B 293 20.82 -16.19 -1.00
C THR B 293 19.67 -16.89 -0.31
N GLN B 294 18.69 -17.42 -1.06
CA GLN B 294 17.51 -18.05 -0.46
C GLN B 294 17.56 -19.56 -0.48
N THR B 295 18.65 -20.15 -0.97
CA THR B 295 18.79 -21.60 -1.03
C THR B 295 18.93 -22.18 0.36
N LYS B 296 18.09 -23.16 0.68
CA LYS B 296 18.12 -23.77 2.00
C LYS B 296 17.95 -25.28 1.88
N ILE B 297 18.68 -26.00 2.73
CA ILE B 297 18.60 -27.44 2.75
C ILE B 297 18.40 -27.90 4.18
N MET B 298 17.43 -28.77 4.39
CA MET B 298 17.26 -29.40 5.68
C MET B 298 17.35 -30.90 5.49
N GLU B 299 18.02 -31.56 6.44
CA GLU B 299 18.30 -32.99 6.39
C GLU B 299 17.79 -33.61 7.68
N VAL B 300 16.97 -34.65 7.54
CA VAL B 300 16.47 -35.41 8.68
C VAL B 300 16.61 -36.89 8.37
N ASP B 301 17.30 -37.62 9.26
CA ASP B 301 17.62 -39.04 9.06
C ASP B 301 18.28 -39.27 7.70
N GLY B 302 19.09 -38.31 7.26
CA GLY B 302 19.78 -38.42 5.98
C GLY B 302 18.93 -38.11 4.75
N GLN B 303 17.67 -37.71 4.93
CA GLN B 303 16.76 -37.40 3.83
C GLN B 303 16.69 -35.89 3.74
N GLN B 304 16.84 -35.35 2.53
CA GLN B 304 16.91 -33.91 2.39
C GLN B 304 15.66 -33.32 1.76
N LEU B 305 15.32 -32.13 2.24
CA LEU B 305 14.33 -31.25 1.66
C LEU B 305 15.08 -30.01 1.16
N VAL B 306 14.82 -29.62 -0.08
CA VAL B 306 15.55 -28.55 -0.72
C VAL B 306 14.60 -27.43 -1.05
N LYS B 307 14.98 -26.21 -0.69
CA LYS B 307 14.20 -25.03 -1.00
C LYS B 307 15.03 -24.09 -1.86
N VAL B 308 14.46 -23.68 -3.00
CA VAL B 308 15.09 -22.71 -3.88
C VAL B 308 14.07 -21.64 -4.23
N ALA B 309 14.56 -20.48 -4.64
CA ALA B 309 13.65 -19.40 -4.98
C ALA B 309 14.20 -18.60 -6.14
N SER B 310 13.32 -18.19 -7.04
CA SER B 310 13.73 -17.37 -8.17
C SER B 310 12.75 -16.20 -8.33
N TRP B 311 13.30 -15.02 -8.57
CA TRP B 311 12.50 -13.82 -8.78
C TRP B 311 12.09 -13.67 -10.24
N TYR B 312 11.01 -12.92 -10.45
CA TYR B 312 10.63 -12.51 -11.79
C TYR B 312 9.71 -11.30 -11.70
N ASP B 313 9.77 -10.46 -12.72
CA ASP B 313 8.80 -9.39 -12.89
C ASP B 313 7.69 -10.02 -13.73
N ASN B 314 6.54 -10.31 -13.11
CA ASN B 314 5.49 -11.03 -13.82
C ASN B 314 5.08 -10.33 -15.11
N GLU B 315 5.44 -9.05 -15.26
CA GLU B 315 5.19 -8.33 -16.51
C GLU B 315 6.40 -8.35 -17.45
N ALA B 316 7.52 -7.74 -17.04
CA ALA B 316 8.65 -7.56 -17.95
C ALA B 316 9.38 -8.88 -18.22
N SER B 317 9.52 -9.73 -17.22
CA SER B 317 10.19 -11.02 -17.43
C SER B 317 9.40 -11.83 -18.44
N TYR B 318 8.09 -11.92 -18.23
CA TYR B 318 7.25 -12.66 -19.16
C TYR B 318 7.25 -12.01 -20.54
N THR B 319 7.11 -10.69 -20.61
CA THR B 319 7.02 -10.07 -21.92
C THR B 319 8.32 -10.28 -22.70
N ASN B 320 9.48 -10.13 -22.04
CA ASN B 320 10.75 -10.38 -22.72
C ASN B 320 10.82 -11.81 -23.21
N GLN B 321 10.40 -12.77 -22.39
CA GLN B 321 10.39 -14.14 -22.85
C GLN B 321 9.48 -14.28 -24.07
N LEU B 322 8.34 -13.59 -24.04
CA LEU B 322 7.37 -13.71 -25.12
C LEU B 322 7.93 -13.16 -26.43
N ILE B 323 8.65 -12.04 -26.37
CA ILE B 323 9.25 -11.49 -27.58
C ILE B 323 10.39 -12.39 -28.05
N ARG B 324 11.13 -13.00 -27.12
CA ARG B 324 12.15 -13.97 -27.53
C ARG B 324 11.52 -15.11 -28.32
N THR B 325 10.42 -15.65 -27.81
CA THR B 325 9.75 -16.76 -28.47
C THR B 325 9.15 -16.32 -29.80
N LEU B 326 8.69 -15.07 -29.88
CA LEU B 326 8.18 -14.52 -31.13
C LEU B 326 9.28 -14.43 -32.18
N LYS B 327 10.45 -13.92 -31.80
CA LYS B 327 11.54 -13.81 -32.76
C LYS B 327 11.93 -15.18 -33.24
N CYS B 328 12.03 -16.14 -32.32
CA CYS B 328 12.41 -17.48 -32.74
C CYS B 328 11.38 -18.04 -33.71
N LEU B 329 10.10 -17.82 -33.42
CA LEU B 329 9.06 -18.38 -34.27
C LEU B 329 9.10 -17.77 -35.67
N VAL B 330 9.34 -16.46 -35.79
CA VAL B 330 9.30 -15.90 -37.15
C VAL B 330 10.64 -16.05 -37.86
N SER B 331 11.73 -16.30 -37.12
CA SER B 331 13.03 -16.57 -37.71
C SER B 331 13.16 -17.99 -38.18
N LYS B 332 12.13 -18.81 -37.98
CA LYS B 332 12.15 -20.21 -38.36
C LYS B 332 11.61 -20.35 -39.79
N VAL C 2 36.41 19.54 -9.20
CA VAL C 2 35.81 20.16 -8.03
C VAL C 2 35.57 19.02 -7.01
N LYS C 3 36.22 19.10 -5.84
CA LYS C 3 36.24 17.98 -4.87
C LYS C 3 34.97 18.01 -4.01
N VAL C 4 34.01 17.13 -4.34
CA VAL C 4 32.72 17.07 -3.66
C VAL C 4 32.72 15.91 -2.67
N ALA C 5 32.25 16.17 -1.46
CA ALA C 5 32.01 15.13 -0.46
C ALA C 5 30.54 15.15 -0.07
N ILE C 6 30.04 14.01 0.39
CA ILE C 6 28.67 13.87 0.84
C ILE C 6 28.68 13.43 2.29
N ASN C 7 27.99 14.19 3.15
CA ASN C 7 27.77 13.80 4.54
C ASN C 7 26.31 13.40 4.66
N GLY C 8 26.07 12.12 4.93
CA GLY C 8 24.72 11.56 4.94
C GLY C 8 24.30 10.95 3.61
N PHE C 9 24.58 9.65 3.45
CA PHE C 9 24.29 8.95 2.20
C PHE C 9 22.86 8.39 2.18
N GLY C 10 21.89 9.27 2.39
CA GLY C 10 20.49 8.89 2.46
C GLY C 10 19.76 8.99 1.14
N ARG C 11 18.46 9.25 1.23
CA ARG C 11 17.68 9.43 0.00
C ARG C 11 18.25 10.56 -0.84
N ILE C 12 18.54 11.71 -0.23
CA ILE C 12 19.06 12.83 -1.01
C ILE C 12 20.52 12.60 -1.42
N GLY C 13 21.36 12.12 -0.49
CA GLY C 13 22.77 11.90 -0.80
C GLY C 13 23.02 10.89 -1.91
N ARG C 14 22.40 9.71 -1.82
CA ARG C 14 22.64 8.69 -2.84
C ARG C 14 22.14 9.14 -4.21
N LEU C 15 20.99 9.79 -4.26
CA LEU C 15 20.51 10.26 -5.56
C LEU C 15 21.37 11.40 -6.10
N ALA C 16 21.91 12.25 -5.21
CA ALA C 16 22.86 13.27 -5.65
C ALA C 16 24.08 12.63 -6.29
N LEU C 17 24.62 11.57 -5.67
CA LEU C 17 25.74 10.90 -6.31
C LEU C 17 25.34 10.36 -7.66
N ARG C 18 24.14 9.76 -7.76
CA ARG C 18 23.70 9.25 -9.05
C ARG C 18 23.76 10.34 -10.10
N LEU C 19 23.41 11.57 -9.73
CA LEU C 19 23.38 12.67 -10.69
C LEU C 19 24.76 13.24 -11.00
N MET C 20 25.70 13.10 -10.08
CA MET C 20 27.04 13.64 -10.29
C MET C 20 28.02 12.67 -10.91
N ILE C 21 27.65 11.40 -11.11
CA ILE C 21 28.62 10.42 -11.58
C ILE C 21 29.17 10.82 -12.94
N ASP C 22 28.28 11.20 -13.85
CA ASP C 22 28.67 11.52 -15.22
C ASP C 22 28.78 13.02 -15.45
N ASN C 23 28.89 13.83 -14.40
CA ASN C 23 29.19 15.23 -14.56
C ASN C 23 30.71 15.39 -14.49
N PRO C 24 31.37 15.78 -15.58
CA PRO C 24 32.84 15.75 -15.60
C PRO C 24 33.52 16.77 -14.69
N GLU C 25 32.81 17.80 -14.25
CA GLU C 25 33.43 18.82 -13.38
C GLU C 25 33.50 18.49 -11.89
N PHE C 26 32.79 17.49 -11.43
CA PHE C 26 32.94 17.15 -10.04
C PHE C 26 33.44 15.77 -9.93
N GLU C 27 34.25 15.54 -8.94
CA GLU C 27 34.58 14.21 -8.66
C GLU C 27 34.37 14.05 -7.20
N VAL C 28 33.66 13.01 -6.86
CA VAL C 28 33.36 12.80 -5.48
C VAL C 28 34.50 12.07 -4.85
N VAL C 29 34.99 12.60 -3.75
CA VAL C 29 36.11 11.97 -3.12
C VAL C 29 35.76 11.18 -1.94
N ALA C 30 34.75 11.59 -1.23
CA ALA C 30 34.43 10.85 -0.02
C ALA C 30 32.92 10.88 0.25
N ILE C 31 32.52 9.96 1.11
CA ILE C 31 31.16 9.87 1.62
C ILE C 31 31.26 9.49 3.09
N ASN C 32 30.47 10.15 3.93
CA ASN C 32 30.44 9.87 5.36
C ASN C 32 29.03 9.47 5.79
N ASP C 33 28.95 8.44 6.62
CA ASP C 33 27.65 7.98 7.12
C ASP C 33 27.89 7.20 8.40
N LEU C 34 26.86 6.52 8.89
CA LEU C 34 26.98 5.77 10.14
C LEU C 34 27.14 4.28 9.90
N THR C 35 27.38 3.87 8.67
CA THR C 35 27.46 2.46 8.38
C THR C 35 28.67 2.19 7.48
N ASP C 36 28.88 0.92 7.20
CA ASP C 36 30.03 0.47 6.44
C ASP C 36 29.76 0.61 4.94
N ALA C 37 30.82 0.41 4.16
CA ALA C 37 30.75 0.56 2.71
C ALA C 37 29.86 -0.50 2.05
N LYS C 38 29.79 -1.72 2.60
CA LYS C 38 28.92 -2.76 2.04
C LYS C 38 27.47 -2.29 1.99
N THR C 39 26.94 -1.81 3.12
CA THR C 39 25.57 -1.30 3.19
C THR C 39 25.35 -0.14 2.23
N LEU C 40 26.22 0.88 2.29
CA LEU C 40 26.07 2.05 1.44
C LEU C 40 26.06 1.68 -0.02
N ALA C 41 26.94 0.77 -0.43
CA ALA C 41 26.99 0.35 -1.84
C ALA C 41 25.73 -0.39 -2.21
N HIS C 42 25.24 -1.25 -1.32
CA HIS C 42 24.02 -1.99 -1.65
C HIS C 42 22.84 -1.04 -1.82
N LEU C 43 22.71 -0.06 -0.91
CA LEU C 43 21.66 0.94 -1.00
C LEU C 43 21.81 1.85 -2.21
N PHE C 44 23.05 2.06 -2.68
CA PHE C 44 23.25 2.83 -3.90
C PHE C 44 22.84 2.03 -5.13
N LYS C 45 23.07 0.72 -5.09
CA LYS C 45 22.79 -0.13 -6.24
C LYS C 45 21.29 -0.32 -6.45
N TYR C 46 20.54 -0.53 -5.37
CA TYR C 46 19.14 -0.89 -5.41
C TYR C 46 18.31 0.12 -4.67
N ASP C 47 17.24 0.60 -5.31
CA ASP C 47 16.38 1.60 -4.70
C ASP C 47 14.92 1.27 -5.00
N SER C 48 14.07 1.27 -3.98
CA SER C 48 12.67 0.90 -4.15
C SER C 48 11.88 1.93 -4.99
N ALA C 49 12.30 3.19 -5.01
CA ALA C 49 11.60 4.24 -5.77
C ALA C 49 12.30 4.64 -7.05
N GLN C 50 13.63 4.77 -7.01
CA GLN C 50 14.36 5.34 -8.13
C GLN C 50 14.97 4.28 -9.04
N GLY C 51 14.68 3.00 -8.78
CA GLY C 51 15.15 1.97 -9.67
C GLY C 51 16.61 1.62 -9.46
N ARG C 52 17.09 0.70 -10.29
CA ARG C 52 18.46 0.26 -10.22
C ARG C 52 19.42 1.33 -10.75
N PHE C 53 20.62 1.32 -10.21
CA PHE C 53 21.69 2.17 -10.71
C PHE C 53 22.15 1.68 -12.07
N ASN C 54 22.37 2.63 -13.00
CA ASN C 54 22.89 2.33 -14.33
C ASN C 54 24.39 2.42 -14.22
N GLY C 55 25.03 1.29 -14.00
CA GLY C 55 26.47 1.32 -13.82
C GLY C 55 26.90 0.14 -12.99
N GLU C 56 28.19 0.14 -12.69
CA GLU C 56 28.86 -0.92 -11.96
C GLU C 56 29.34 -0.35 -10.64
N ILE C 57 29.21 -1.13 -9.58
CA ILE C 57 29.71 -0.72 -8.27
C ILE C 57 30.61 -1.84 -7.81
N GLU C 58 31.77 -1.47 -7.26
CA GLU C 58 32.71 -2.41 -6.70
C GLU C 58 33.02 -1.87 -5.31
N VAL C 59 33.18 -2.73 -4.32
CA VAL C 59 33.41 -2.27 -2.96
C VAL C 59 34.79 -2.72 -2.49
N LYS C 60 35.73 -1.76 -2.41
CA LYS C 60 37.09 -1.96 -1.92
C LYS C 60 37.06 -1.97 -0.40
N GLU C 61 38.25 -1.96 0.22
CA GLU C 61 38.39 -1.81 1.67
C GLU C 61 38.15 -0.35 2.04
N GLY C 62 37.07 -0.08 2.77
CA GLY C 62 36.82 1.28 3.25
C GLY C 62 36.55 2.27 2.15
N ALA C 63 36.13 1.81 0.98
CA ALA C 63 35.83 2.67 -0.16
C ALA C 63 35.07 1.82 -1.16
N PHE C 64 34.46 2.49 -2.13
CA PHE C 64 33.91 1.78 -3.26
C PHE C 64 34.09 2.57 -4.54
N VAL C 65 34.14 1.84 -5.64
CA VAL C 65 34.47 2.36 -6.96
C VAL C 65 33.23 2.28 -7.84
N VAL C 66 32.84 3.42 -8.38
CA VAL C 66 31.66 3.53 -9.21
C VAL C 66 32.14 3.87 -10.61
N ASN C 67 31.83 3.01 -11.56
CA ASN C 67 32.23 3.23 -12.94
C ASN C 67 33.72 3.55 -13.03
N GLY C 68 34.53 2.83 -12.24
CA GLY C 68 35.98 2.96 -12.26
C GLY C 68 36.57 4.04 -11.37
N LYS C 69 35.73 4.81 -10.69
CA LYS C 69 36.16 5.96 -9.91
C LYS C 69 36.02 5.67 -8.42
N GLU C 70 37.11 5.83 -7.66
CA GLU C 70 37.07 5.42 -6.25
C GLU C 70 36.56 6.53 -5.34
N ILE C 71 35.80 6.15 -4.31
CA ILE C 71 35.27 7.07 -3.31
C ILE C 71 35.43 6.43 -1.94
N LYS C 72 36.13 7.09 -1.03
CA LYS C 72 36.32 6.58 0.33
C LYS C 72 35.12 6.90 1.20
N VAL C 73 34.86 6.02 2.17
CA VAL C 73 33.69 6.09 3.03
C VAL C 73 34.14 6.13 4.48
N THR C 74 33.43 6.93 5.28
CA THR C 74 33.74 7.13 6.69
C THR C 74 32.49 6.89 7.54
N ALA C 75 32.74 6.70 8.86
CA ALA C 75 31.68 6.50 9.85
C ALA C 75 31.96 7.41 11.05
N LYS C 76 31.74 8.72 10.85
CA LYS C 76 31.86 9.73 11.89
C LYS C 76 30.49 10.36 12.09
N SER C 77 29.93 10.18 13.29
CA SER C 77 28.66 10.85 13.58
C SER C 77 28.87 12.34 13.84
N ASN C 78 30.09 12.73 14.26
CA ASN C 78 30.41 14.11 14.54
C ASN C 78 31.17 14.69 13.36
N PRO C 79 30.60 15.68 12.65
CA PRO C 79 31.28 16.19 11.44
C PRO C 79 32.63 16.83 11.69
N ALA C 80 32.86 17.42 12.88
CA ALA C 80 34.16 18.04 13.13
C ALA C 80 35.31 17.04 13.09
N GLU C 81 35.02 15.74 13.32
CA GLU C 81 36.07 14.71 13.31
C GLU C 81 36.37 14.14 11.93
N LEU C 82 35.75 14.68 10.86
CA LEU C 82 35.96 14.14 9.53
C LEU C 82 37.21 14.75 8.86
N PRO C 83 37.87 13.98 7.93
CA PRO C 83 39.14 14.39 7.35
C PRO C 83 39.01 15.21 6.06
N TRP C 84 38.12 16.20 6.09
CA TRP C 84 37.91 17.02 4.92
C TRP C 84 39.16 17.80 4.59
N GLY C 85 39.88 18.23 5.63
CA GLY C 85 41.14 18.90 5.41
C GLY C 85 42.16 17.99 4.76
N GLU C 86 42.30 16.76 5.28
CA GLU C 86 43.27 15.83 4.70
C GLU C 86 42.92 15.47 3.27
N LEU C 87 41.62 15.45 2.94
CA LEU C 87 41.15 15.19 1.60
C LEU C 87 40.93 16.46 0.77
N GLY C 88 41.12 17.64 1.38
CA GLY C 88 41.03 18.89 0.64
C GLY C 88 39.70 19.02 -0.08
N VAL C 89 38.60 18.73 0.60
CA VAL C 89 37.30 18.77 -0.07
C VAL C 89 36.99 20.18 -0.55
N ASP C 90 36.46 20.25 -1.76
N ASP C 90 36.42 20.27 -1.75
CA ASP C 90 36.02 21.51 -2.36
CA ASP C 90 36.04 21.58 -2.28
C ASP C 90 34.70 21.97 -1.75
C ASP C 90 34.67 22.02 -1.79
N VAL C 91 33.67 21.13 -1.82
CA VAL C 91 32.34 21.42 -1.29
C VAL C 91 31.76 20.15 -0.65
N VAL C 92 31.11 20.31 0.49
CA VAL C 92 30.43 19.23 1.21
C VAL C 92 28.93 19.43 1.13
N LEU C 93 28.22 18.36 0.78
CA LEU C 93 26.76 18.31 0.81
C LEU C 93 26.29 17.78 2.15
N GLU C 94 25.66 18.64 2.95
CA GLU C 94 25.22 18.28 4.29
C GLU C 94 23.82 17.70 4.16
N CYS C 95 23.73 16.38 4.20
CA CYS C 95 22.47 15.69 3.93
C CYS C 95 22.00 14.83 5.08
N THR C 96 22.47 15.07 6.30
CA THR C 96 22.05 14.19 7.39
C THR C 96 20.69 14.57 7.92
N GLY C 97 20.35 15.86 7.94
CA GLY C 97 19.17 16.30 8.62
C GLY C 97 19.38 16.69 10.07
N PHE C 98 20.61 16.63 10.58
CA PHE C 98 20.89 16.93 11.98
C PHE C 98 21.73 18.19 12.19
N PHE C 99 22.34 18.73 11.14
CA PHE C 99 23.26 19.86 11.18
C PHE C 99 22.78 20.97 10.26
N ALA C 100 21.47 21.22 10.26
CA ALA C 100 20.83 22.16 9.33
C ALA C 100 20.83 23.57 9.92
N SER C 101 22.02 24.14 10.03
CA SER C 101 22.19 25.49 10.54
C SER C 101 23.61 25.92 10.24
N LYS C 102 23.83 27.23 10.18
CA LYS C 102 25.20 27.67 9.95
C LYS C 102 26.11 27.21 11.06
N GLU C 103 25.64 27.33 12.30
CA GLU C 103 26.49 27.00 13.45
C GLU C 103 26.84 25.51 13.42
N LYS C 104 25.84 24.65 13.20
CA LYS C 104 26.12 23.22 13.20
C LYS C 104 26.87 22.80 11.94
N ALA C 105 26.44 23.30 10.77
CA ALA C 105 27.08 22.93 9.50
C ALA C 105 28.49 23.50 9.36
N SER C 106 28.82 24.54 10.11
CA SER C 106 30.16 25.09 10.04
C SER C 106 31.22 24.13 10.57
N ALA C 107 30.79 23.07 11.28
CA ALA C 107 31.74 22.05 11.73
C ALA C 107 32.46 21.40 10.56
N HIS C 108 31.79 21.34 9.39
CA HIS C 108 32.47 20.88 8.18
C HIS C 108 33.63 21.81 7.86
N LEU C 109 33.43 23.11 8.09
CA LEU C 109 34.49 24.08 7.87
C LEU C 109 35.64 23.84 8.83
N THR C 110 35.32 23.49 10.10
CA THR C 110 36.38 23.22 11.07
C THR C 110 37.17 21.96 10.73
N ALA C 111 36.51 20.94 10.17
CA ALA C 111 37.23 19.74 9.72
C ALA C 111 38.11 20.00 8.50
N GLY C 112 38.02 21.20 7.92
CA GLY C 112 38.81 21.60 6.78
C GLY C 112 38.02 21.80 5.51
N ALA C 113 36.69 21.74 5.57
CA ALA C 113 35.88 21.88 4.37
C ALA C 113 35.84 23.33 3.92
N LYS C 114 35.88 23.53 2.59
CA LYS C 114 35.88 24.88 2.04
C LYS C 114 34.48 25.48 1.97
N LYS C 115 33.51 24.71 1.48
CA LYS C 115 32.16 25.21 1.26
C LYS C 115 31.20 24.11 1.68
N VAL C 116 30.01 24.52 2.12
CA VAL C 116 28.98 23.59 2.56
C VAL C 116 27.67 24.00 1.92
N VAL C 117 26.98 23.05 1.30
CA VAL C 117 25.63 23.22 0.78
C VAL C 117 24.71 22.33 1.60
N ILE C 118 23.77 22.93 2.32
CA ILE C 118 22.87 22.18 3.18
C ILE C 118 21.65 21.80 2.36
N SER C 119 21.26 20.54 2.45
CA SER C 119 20.15 20.00 1.69
C SER C 119 18.81 20.12 2.41
N ALA C 120 18.65 21.19 3.19
CA ALA C 120 17.41 21.43 3.91
C ALA C 120 17.41 22.89 4.34
N PRO C 121 16.28 23.40 4.82
CA PRO C 121 16.27 24.74 5.41
C PRO C 121 17.16 24.78 6.64
N ALA C 122 17.96 25.84 6.74
CA ALA C 122 18.93 25.95 7.82
C ALA C 122 18.91 27.33 8.49
N GLY C 123 17.79 28.05 8.43
CA GLY C 123 17.72 29.34 9.10
C GLY C 123 17.87 30.52 8.17
N ASN C 124 17.84 31.73 8.75
CA ASN C 124 17.94 32.98 8.01
C ASN C 124 19.36 33.56 7.96
N ASP C 125 20.35 32.91 8.56
CA ASP C 125 21.65 33.55 8.62
C ASP C 125 22.48 33.32 7.36
N LEU C 126 21.95 32.60 6.40
CA LEU C 126 22.64 32.20 5.18
C LEU C 126 21.75 32.34 3.96
N PRO C 127 22.35 32.37 2.78
CA PRO C 127 21.57 32.33 1.54
C PRO C 127 20.87 31.01 1.40
N THR C 128 19.57 31.07 1.16
CA THR C 128 18.79 29.90 0.83
C THR C 128 18.34 30.14 -0.60
N VAL C 129 18.54 29.16 -1.47
CA VAL C 129 18.39 29.36 -2.90
C VAL C 129 17.48 28.27 -3.50
N VAL C 130 16.52 28.70 -4.32
CA VAL C 130 15.77 27.84 -5.21
C VAL C 130 16.24 28.14 -6.62
N TYR C 131 16.88 27.17 -7.26
CA TYR C 131 17.49 27.43 -8.56
C TYR C 131 16.44 27.86 -9.58
N ASN C 132 16.81 28.84 -10.41
CA ASN C 132 15.88 29.44 -11.37
C ASN C 132 14.75 30.18 -10.66
N VAL C 133 14.97 30.56 -9.40
CA VAL C 133 14.08 31.50 -8.71
C VAL C 133 14.91 32.66 -8.16
N ASN C 134 15.91 32.39 -7.31
CA ASN C 134 16.74 33.42 -6.68
C ASN C 134 18.24 33.09 -6.70
N HIS C 135 18.71 32.27 -7.65
CA HIS C 135 20.11 31.82 -7.57
C HIS C 135 21.15 32.88 -7.94
N ASP C 136 20.76 33.95 -8.65
CA ASP C 136 21.68 35.04 -9.00
C ASP C 136 22.21 35.80 -7.80
N ILE C 137 21.59 35.65 -6.63
CA ILE C 137 22.11 36.26 -5.41
C ILE C 137 23.47 35.72 -5.03
N LEU C 138 23.94 34.67 -5.73
CA LEU C 138 25.21 34.04 -5.41
C LEU C 138 26.37 34.77 -6.08
N ASP C 139 27.42 35.02 -5.28
CA ASP C 139 28.71 35.53 -5.74
C ASP C 139 29.73 34.49 -5.26
N GLY C 140 31.03 34.78 -5.30
CA GLY C 140 31.98 33.73 -4.95
C GLY C 140 32.06 33.41 -3.45
N SER C 141 31.60 34.34 -2.61
CA SER C 141 32.07 34.45 -1.23
C SER C 141 31.39 33.51 -0.22
N GLU C 142 30.35 32.78 -0.61
CA GLU C 142 29.56 32.03 0.36
C GLU C 142 30.16 30.64 0.63
N ASP C 143 30.54 30.39 1.90
CA ASP C 143 30.98 29.09 2.43
C ASP C 143 29.80 28.18 2.77
N VAL C 144 28.69 28.74 3.30
CA VAL C 144 27.52 27.93 3.69
C VAL C 144 26.26 28.49 3.04
N ILE C 145 25.50 27.63 2.36
CA ILE C 145 24.21 28.00 1.80
C ILE C 145 23.23 26.84 1.98
N SER C 146 21.94 27.16 1.84
CA SER C 146 20.85 26.22 1.97
C SER C 146 20.15 26.06 0.64
N GLY C 147 19.82 24.81 0.30
CA GLY C 147 19.07 24.50 -0.89
C GLY C 147 17.58 24.53 -0.66
N ALA C 148 17.12 24.94 0.52
CA ALA C 148 15.70 25.02 0.81
C ALA C 148 15.11 23.62 0.96
N SER C 149 13.79 23.54 1.01
CA SER C 149 13.04 22.29 1.05
C SER C 149 12.55 21.87 -0.35
N CYS C 150 12.21 20.60 -0.46
CA CYS C 150 11.58 20.08 -1.68
C CYS C 150 10.29 20.84 -1.98
N THR C 151 9.49 21.09 -0.95
CA THR C 151 8.22 21.79 -1.11
C THR C 151 8.43 23.23 -1.55
N THR C 152 9.47 23.90 -1.01
CA THR C 152 9.76 25.26 -1.45
C THR C 152 10.22 25.26 -2.91
N ASN C 153 11.00 24.23 -3.30
CA ASN C 153 11.44 24.16 -4.69
C ASN C 153 10.28 23.87 -5.64
N CYS C 154 9.21 23.24 -5.15
CA CYS C 154 8.02 23.11 -5.99
C CYS C 154 7.22 24.40 -6.01
N LEU C 155 7.00 25.03 -4.84
CA LEU C 155 6.09 26.17 -4.72
C LEU C 155 6.68 27.46 -5.29
N ALA C 156 7.95 27.74 -5.01
CA ALA C 156 8.56 29.03 -5.33
C ALA C 156 8.39 29.47 -6.78
N PRO C 157 8.73 28.67 -7.80
CA PRO C 157 8.54 29.16 -9.18
C PRO C 157 7.08 29.43 -9.50
N MET C 158 6.18 28.59 -9.00
CA MET C 158 4.75 28.80 -9.25
C MET C 158 4.29 30.11 -8.62
N ALA C 159 4.65 30.33 -7.35
CA ALA C 159 4.27 31.55 -6.65
C ALA C 159 4.92 32.77 -7.29
N LYS C 160 6.17 32.63 -7.74
CA LYS C 160 6.84 33.74 -8.40
C LYS C 160 6.14 34.12 -9.69
N ALA C 161 5.81 33.13 -10.52
CA ALA C 161 5.11 33.45 -11.77
C ALA C 161 3.79 34.13 -11.47
N LEU C 162 3.12 33.66 -10.45
CA LEU C 162 1.88 34.27 -10.10
C LEU C 162 2.05 35.69 -9.66
N ASN C 163 3.04 35.95 -8.84
CA ASN C 163 3.22 37.30 -8.39
C ASN C 163 3.62 38.24 -9.48
N ASP C 164 4.58 37.83 -10.27
CA ASP C 164 5.08 38.65 -11.33
C ASP C 164 4.04 39.04 -12.35
N ASN C 165 3.10 38.16 -12.58
CA ASN C 165 2.12 38.44 -13.59
C ASN C 165 0.88 39.10 -13.07
N PHE C 166 0.42 38.68 -11.91
CA PHE C 166 -0.81 39.21 -11.38
C PHE C 166 -0.74 39.76 -9.98
N GLY C 167 0.30 39.47 -9.23
CA GLY C 167 0.38 39.99 -7.86
C GLY C 167 -0.36 39.12 -6.88
N LEU C 168 0.39 38.45 -6.01
CA LEU C 168 -0.19 37.55 -5.06
C LEU C 168 -0.47 38.22 -3.75
N ASN C 169 -1.73 38.38 -3.40
CA ASN C 169 -2.03 39.00 -2.13
C ASN C 169 -1.75 38.04 -1.02
N LYS C 170 -2.37 36.88 -1.08
CA LYS C 170 -2.18 35.89 -0.06
C LYS C 170 -2.56 34.53 -0.61
N GLY C 171 -2.14 33.48 0.06
CA GLY C 171 -2.46 32.16 -0.41
C GLY C 171 -2.23 31.15 0.67
N PHE C 172 -2.97 30.06 0.59
CA PHE C 172 -2.83 28.94 1.50
C PHE C 172 -2.39 27.74 0.68
N MET C 173 -1.28 27.14 1.08
CA MET C 173 -0.75 25.99 0.37
C MET C 173 -1.11 24.72 1.13
N THR C 174 -1.49 23.71 0.37
CA THR C 174 -1.66 22.34 0.85
C THR C 174 -0.86 21.44 -0.06
N THR C 175 0.10 20.72 0.52
CA THR C 175 0.91 19.75 -0.20
C THR C 175 0.46 18.35 0.22
N ILE C 176 0.03 17.56 -0.77
CA ILE C 176 -0.25 16.14 -0.61
C ILE C 176 1.06 15.42 -0.88
N HIS C 177 1.68 14.92 0.19
CA HIS C 177 3.09 14.54 0.17
C HIS C 177 3.28 13.06 0.39
N ALA C 178 4.26 12.49 -0.31
CA ALA C 178 4.65 11.13 -0.04
C ALA C 178 5.17 11.01 1.39
N TYR C 179 5.02 9.83 1.98
CA TYR C 179 5.58 9.63 3.30
C TYR C 179 7.10 9.53 3.20
N THR C 180 7.77 9.78 4.32
CA THR C 180 9.22 9.85 4.36
C THR C 180 9.70 9.06 5.56
N ASN C 181 11.02 8.96 5.71
CA ASN C 181 11.63 8.17 6.76
C ASN C 181 11.45 8.78 8.15
N ASP C 182 10.95 10.01 8.25
CA ASP C 182 10.65 10.53 9.58
C ASP C 182 9.29 10.07 10.09
N GLN C 183 8.59 9.21 9.37
CA GLN C 183 7.35 8.64 9.86
C GLN C 183 7.61 7.19 10.27
N ASN C 184 6.83 6.72 11.23
CA ASN C 184 7.00 5.35 11.70
C ASN C 184 6.42 4.33 10.72
N THR C 185 7.01 3.14 10.74
CA THR C 185 6.50 2.05 9.92
C THR C 185 5.15 1.57 10.44
N LEU C 186 5.06 1.27 11.71
CA LEU C 186 3.80 0.97 12.37
C LEU C 186 3.64 1.92 13.55
N ASP C 187 2.42 2.04 14.06
CA ASP C 187 2.16 2.92 15.20
C ASP C 187 3.12 2.61 16.34
N ALA C 188 3.79 3.64 16.83
CA ALA C 188 4.83 3.53 17.84
C ALA C 188 5.17 4.94 18.29
N PRO C 189 5.83 5.09 19.44
CA PRO C 189 6.29 6.42 19.84
C PRO C 189 7.18 7.01 18.76
N HIS C 190 7.20 8.34 18.68
CA HIS C 190 7.97 9.07 17.70
C HIS C 190 9.06 9.86 18.41
N LYS C 191 10.24 9.98 17.77
CA LYS C 191 11.41 10.48 18.50
C LYS C 191 11.27 11.97 18.81
N LYS C 192 10.67 12.74 17.90
CA LYS C 192 10.41 14.16 18.07
C LYS C 192 9.03 14.44 18.68
N GLY C 193 8.31 13.41 19.12
CA GLY C 193 7.06 13.59 19.85
C GLY C 193 5.83 13.85 19.01
N ASP C 194 5.94 13.81 17.68
CA ASP C 194 4.79 14.05 16.82
C ASP C 194 3.87 12.82 16.83
N LEU C 195 2.66 12.99 17.36
CA LEU C 195 1.71 11.90 17.50
C LEU C 195 1.11 11.49 16.16
N ARG C 196 1.35 12.27 15.11
CA ARG C 196 0.90 11.89 13.78
C ARG C 196 1.99 11.21 12.99
N ARG C 197 3.24 11.68 13.10
CA ARG C 197 4.29 10.96 12.41
C ARG C 197 4.61 9.64 13.11
N ALA C 198 4.06 9.44 14.31
CA ALA C 198 4.16 8.15 15.01
C ALA C 198 3.32 7.07 14.36
N ARG C 199 2.31 7.44 13.57
CA ARG C 199 1.38 6.47 13.03
C ARG C 199 1.96 5.79 11.79
N ALA C 200 1.42 4.61 11.52
CA ALA C 200 1.86 3.80 10.39
C ALA C 200 1.83 4.60 9.10
N ALA C 201 3.00 4.77 8.50
CA ALA C 201 3.15 5.63 7.33
C ALA C 201 2.30 5.14 6.15
N ALA C 202 2.34 3.84 5.85
CA ALA C 202 1.75 3.36 4.62
C ALA C 202 0.28 3.00 4.76
N ALA C 203 -0.35 3.33 5.89
CA ALA C 203 -1.77 3.02 6.10
C ALA C 203 -2.66 4.23 6.36
N ASN C 204 -2.18 5.47 6.21
CA ASN C 204 -2.95 6.61 6.71
C ASN C 204 -2.76 7.83 5.83
N ILE C 205 -3.76 8.70 5.86
CA ILE C 205 -3.58 10.12 5.53
C ILE C 205 -3.19 10.81 6.83
N VAL C 206 -2.01 11.42 6.86
CA VAL C 206 -1.39 11.94 8.08
C VAL C 206 -1.18 13.44 7.92
N PRO C 207 -2.05 14.28 8.50
CA PRO C 207 -1.81 15.73 8.48
C PRO C 207 -0.48 16.07 9.13
N ASN C 208 0.22 17.03 8.54
CA ASN C 208 1.53 17.40 9.05
C ASN C 208 1.79 18.89 8.82
N SER C 209 2.66 19.47 9.63
CA SER C 209 3.03 20.88 9.51
C SER C 209 4.18 21.03 8.54
N THR C 210 4.25 22.17 7.87
CA THR C 210 5.42 22.48 7.06
C THR C 210 5.60 23.99 7.07
N GLY C 211 6.86 24.43 7.10
CA GLY C 211 7.18 25.83 7.05
C GLY C 211 7.50 26.35 5.67
N ALA C 212 7.35 25.50 4.64
CA ALA C 212 7.71 25.91 3.28
C ALA C 212 6.99 27.19 2.87
N ALA C 213 5.71 27.31 3.23
CA ALA C 213 4.96 28.50 2.84
C ALA C 213 5.39 29.72 3.66
N LYS C 214 5.49 29.58 4.99
CA LYS C 214 5.84 30.72 5.84
C LYS C 214 7.23 31.27 5.52
N ALA C 215 8.17 30.41 5.16
CA ALA C 215 9.54 30.82 4.91
C ALA C 215 9.79 31.28 3.49
N ILE C 216 8.77 31.34 2.65
CA ILE C 216 8.99 31.67 1.24
C ILE C 216 9.71 32.99 1.10
N GLY C 217 9.54 33.89 2.07
CA GLY C 217 10.19 35.18 2.05
C GLY C 217 11.69 35.13 1.90
N LEU C 218 12.31 34.00 2.28
CA LEU C 218 13.76 33.90 2.12
C LEU C 218 14.16 33.72 0.68
N VAL C 219 13.24 33.19 -0.14
CA VAL C 219 13.49 32.92 -1.54
C VAL C 219 12.85 33.97 -2.43
N ILE C 220 11.64 34.42 -2.09
CA ILE C 220 10.98 35.54 -2.76
C ILE C 220 10.63 36.59 -1.72
N PRO C 221 11.50 37.58 -1.47
CA PRO C 221 11.23 38.55 -0.39
C PRO C 221 9.91 39.30 -0.48
N GLU C 222 9.45 39.61 -1.68
CA GLU C 222 8.19 40.33 -1.83
C GLU C 222 7.04 39.61 -1.16
N LEU C 223 7.13 38.28 -1.05
CA LEU C 223 6.03 37.46 -0.54
C LEU C 223 6.19 37.07 0.94
N ALA C 224 7.08 37.74 1.66
CA ALA C 224 7.22 37.44 3.09
C ALA C 224 5.91 37.65 3.82
N GLY C 225 5.52 36.67 4.62
CA GLY C 225 4.29 36.69 5.40
C GLY C 225 3.01 36.63 4.61
N LYS C 226 3.06 36.31 3.32
CA LYS C 226 1.87 36.28 2.50
C LYS C 226 1.34 34.89 2.19
N LEU C 227 2.08 33.84 2.55
CA LEU C 227 1.62 32.47 2.33
C LEU C 227 1.76 31.67 3.60
N ASP C 228 0.90 30.68 3.72
CA ASP C 228 0.98 29.69 4.78
C ASP C 228 0.42 28.40 4.20
N GLY C 229 0.55 27.31 4.96
CA GLY C 229 0.04 26.05 4.49
C GLY C 229 0.44 24.91 5.41
N ASN C 230 0.09 23.71 4.97
CA ASN C 230 0.31 22.48 5.71
C ASN C 230 0.44 21.35 4.70
N ALA C 231 0.64 20.13 5.20
CA ALA C 231 0.84 18.97 4.37
C ALA C 231 -0.11 17.85 4.77
N GLN C 232 -0.28 16.92 3.86
CA GLN C 232 -0.99 15.70 4.15
C GLN C 232 -0.10 14.62 3.66
N ARG C 233 0.26 13.67 4.48
CA ARG C 233 1.11 12.61 4.03
C ARG C 233 0.27 11.44 3.70
N VAL C 234 0.47 10.86 2.54
CA VAL C 234 -0.31 9.76 2.07
C VAL C 234 0.53 8.59 1.65
N PRO C 235 -0.05 7.42 1.54
CA PRO C 235 0.76 6.21 1.26
C PRO C 235 1.23 6.04 -0.19
N VAL C 236 2.13 6.93 -0.65
CA VAL C 236 2.92 6.65 -1.85
C VAL C 236 4.39 6.80 -1.51
N ILE C 237 5.22 5.99 -2.17
CA ILE C 237 6.63 5.89 -1.80
C ILE C 237 7.37 7.17 -2.13
N THR C 238 7.01 7.82 -3.23
CA THR C 238 7.60 9.12 -3.57
C THR C 238 6.72 9.74 -4.66
N GLY C 239 6.85 11.06 -4.82
CA GLY C 239 5.91 11.82 -5.66
C GLY C 239 4.93 12.64 -4.83
N SER C 240 4.80 13.93 -5.12
CA SER C 240 3.99 14.82 -4.29
C SER C 240 3.36 15.90 -5.14
N LEU C 241 2.35 16.56 -4.55
CA LEU C 241 1.58 17.59 -5.23
C LEU C 241 1.40 18.79 -4.33
N THR C 242 1.73 19.98 -4.81
CA THR C 242 1.50 21.22 -4.06
C THR C 242 0.31 21.95 -4.70
N GLU C 243 -0.77 22.09 -3.93
CA GLU C 243 -1.94 22.86 -4.30
C GLU C 243 -1.88 24.21 -3.59
N LEU C 244 -2.24 25.27 -4.29
CA LEU C 244 -2.24 26.62 -3.74
C LEU C 244 -3.58 27.27 -4.03
N VAL C 245 -4.25 27.74 -2.99
CA VAL C 245 -5.48 28.54 -3.11
C VAL C 245 -5.12 29.96 -2.69
N CYS C 246 -5.31 30.93 -3.59
CA CYS C 246 -4.77 32.26 -3.38
C CYS C 246 -5.73 33.31 -3.94
N THR C 247 -5.50 34.57 -3.53
CA THR C 247 -6.18 35.72 -4.10
C THR C 247 -5.13 36.62 -4.74
N LEU C 248 -5.49 37.23 -5.86
CA LEU C 248 -4.56 38.00 -6.69
C LEU C 248 -5.02 39.46 -6.79
N ASP C 249 -4.11 40.32 -7.25
CA ASP C 249 -4.46 41.72 -7.45
C ASP C 249 -5.32 41.90 -8.69
N LYS C 250 -5.10 41.10 -9.70
CA LYS C 250 -5.78 41.26 -10.96
C LYS C 250 -6.79 40.15 -11.13
N LYS C 251 -7.80 40.42 -11.94
CA LYS C 251 -8.74 39.38 -12.31
C LYS C 251 -8.15 38.62 -13.48
N VAL C 252 -8.32 37.30 -13.46
CA VAL C 252 -7.68 36.40 -14.41
C VAL C 252 -8.64 35.32 -14.87
N THR C 253 -8.20 34.59 -15.89
CA THR C 253 -8.90 33.45 -16.44
C THR C 253 -8.02 32.21 -16.34
N VAL C 254 -8.63 31.02 -16.41
CA VAL C 254 -7.84 29.81 -16.38
C VAL C 254 -6.76 29.88 -17.45
N GLU C 255 -7.16 30.24 -18.67
CA GLU C 255 -6.22 30.36 -19.79
C GLU C 255 -5.09 31.33 -19.47
N GLU C 256 -5.40 32.52 -18.91
CA GLU C 256 -4.34 33.45 -18.50
C GLU C 256 -3.36 32.83 -17.51
N VAL C 257 -3.86 32.15 -16.49
CA VAL C 257 -2.96 31.57 -15.50
C VAL C 257 -2.08 30.50 -16.13
N ASN C 258 -2.69 29.59 -16.91
CA ASN C 258 -1.91 28.56 -17.58
C ASN C 258 -0.90 29.17 -18.54
N ALA C 259 -1.26 30.24 -19.24
CA ALA C 259 -0.30 30.86 -20.15
C ALA C 259 0.85 31.48 -19.38
N ALA C 260 0.55 32.20 -18.29
CA ALA C 260 1.60 32.78 -17.48
C ALA C 260 2.54 31.71 -16.95
N MET C 261 1.99 30.55 -16.56
CA MET C 261 2.83 29.45 -16.10
C MET C 261 3.70 28.91 -17.23
N LYS C 262 3.10 28.65 -18.40
CA LYS C 262 3.90 28.15 -19.52
C LYS C 262 5.01 29.12 -19.87
N ALA C 263 4.74 30.42 -19.75
CA ALA C 263 5.74 31.44 -20.06
C ALA C 263 6.91 31.36 -19.10
N ALA C 264 6.66 30.90 -17.90
CA ALA C 264 7.70 30.83 -16.92
C ALA C 264 8.46 29.54 -17.01
N SER C 265 8.12 28.71 -17.96
CA SER C 265 8.72 27.40 -18.09
C SER C 265 10.21 27.41 -18.31
N ASN C 266 10.90 26.52 -17.63
CA ASN C 266 12.34 26.38 -17.72
C ASN C 266 12.77 24.96 -17.33
N GLU C 267 14.05 24.67 -17.24
CA GLU C 267 14.51 23.34 -16.84
C GLU C 267 14.10 23.02 -15.40
N SER C 268 14.07 24.06 -14.56
CA SER C 268 13.65 23.88 -13.17
C SER C 268 12.14 23.76 -13.04
N PHE C 269 11.40 24.54 -13.81
CA PHE C 269 9.94 24.66 -13.74
C PHE C 269 9.35 24.19 -15.06
N GLY C 270 8.63 23.06 -15.03
CA GLY C 270 8.04 22.48 -16.21
C GLY C 270 6.53 22.68 -16.28
N TYR C 271 5.98 22.39 -17.46
CA TYR C 271 4.57 22.60 -17.72
C TYR C 271 3.99 21.37 -18.41
N THR C 272 2.83 20.94 -17.96
CA THR C 272 2.14 19.84 -18.61
C THR C 272 0.65 20.09 -18.62
N GLU C 273 0.01 19.58 -19.67
CA GLU C 273 -1.44 19.51 -19.77
C GLU C 273 -1.94 18.07 -19.78
N ASP C 274 -1.03 17.08 -19.57
CA ASP C 274 -1.41 15.67 -19.52
C ASP C 274 -2.00 15.34 -18.16
N PRO C 275 -3.12 14.63 -18.10
CA PRO C 275 -3.73 14.33 -16.80
C PRO C 275 -2.98 13.26 -16.02
N ILE C 276 -1.78 13.58 -15.54
CA ILE C 276 -0.91 12.58 -14.93
C ILE C 276 -1.27 12.31 -13.46
N VAL C 277 -0.66 11.28 -12.89
CA VAL C 277 -0.81 10.94 -11.48
C VAL C 277 0.60 10.90 -10.85
N SER C 278 0.63 10.81 -9.52
CA SER C 278 1.90 10.99 -8.79
C SER C 278 3.03 10.10 -9.32
N SER C 279 2.74 8.84 -9.61
CA SER C 279 3.83 7.98 -10.07
C SER C 279 4.44 8.47 -11.37
N ASP C 280 3.77 9.36 -12.09
CA ASP C 280 4.34 9.86 -13.34
C ASP C 280 5.45 10.89 -13.14
N VAL C 281 5.64 11.40 -11.92
CA VAL C 281 6.74 12.34 -11.70
C VAL C 281 7.93 11.69 -10.98
N ILE C 282 7.90 10.38 -10.73
CA ILE C 282 9.06 9.77 -10.08
C ILE C 282 10.27 9.91 -10.97
N GLY C 283 11.31 10.55 -10.45
CA GLY C 283 12.56 10.72 -11.15
C GLY C 283 12.65 11.88 -12.12
N ILE C 284 11.63 12.74 -12.22
CA ILE C 284 11.67 13.83 -13.20
C ILE C 284 12.76 14.81 -12.82
N SER C 285 13.30 15.50 -13.82
CA SER C 285 14.42 16.42 -13.58
C SER C 285 13.96 17.82 -13.20
N PHE C 286 12.68 18.15 -13.36
CA PHE C 286 12.19 19.46 -12.95
C PHE C 286 12.12 19.56 -11.43
N GLY C 287 12.39 20.75 -10.91
CA GLY C 287 12.09 20.96 -9.51
C GLY C 287 10.62 21.17 -9.25
N SER C 288 9.86 21.48 -10.29
CA SER C 288 8.44 21.77 -10.19
C SER C 288 7.83 21.47 -11.56
N LEU C 289 6.64 20.89 -11.55
CA LEU C 289 5.94 20.59 -12.80
C LEU C 289 4.52 21.12 -12.64
N PHE C 290 4.26 22.28 -13.24
CA PHE C 290 2.95 22.91 -13.17
C PHE C 290 1.94 22.08 -13.97
N ASP C 291 0.76 21.85 -13.40
CA ASP C 291 -0.25 20.99 -14.01
C ASP C 291 -1.42 21.89 -14.42
N ALA C 292 -1.52 22.19 -15.72
CA ALA C 292 -2.55 23.10 -16.17
C ALA C 292 -3.95 22.51 -16.04
N THR C 293 -4.09 21.18 -15.94
CA THR C 293 -5.41 20.56 -15.81
C THR C 293 -6.03 20.83 -14.44
N GLN C 294 -5.25 21.24 -13.45
CA GLN C 294 -5.76 21.46 -12.11
C GLN C 294 -6.04 22.93 -11.79
N THR C 295 -5.86 23.84 -12.74
CA THR C 295 -6.16 25.25 -12.50
C THR C 295 -7.66 25.49 -12.41
N LYS C 296 -8.09 26.13 -11.33
CA LYS C 296 -9.51 26.45 -11.17
C LYS C 296 -9.66 27.86 -10.63
N ILE C 297 -10.69 28.57 -11.08
CA ILE C 297 -11.01 29.90 -10.58
C ILE C 297 -12.48 29.94 -10.20
N MET C 298 -12.78 30.46 -9.03
CA MET C 298 -14.16 30.61 -8.60
C MET C 298 -14.38 32.08 -8.27
N GLU C 299 -15.55 32.60 -8.64
CA GLU C 299 -15.85 34.02 -8.46
C GLU C 299 -17.16 34.24 -7.74
N VAL C 300 -17.10 35.06 -6.68
CA VAL C 300 -18.26 35.44 -5.90
C VAL C 300 -18.25 36.95 -5.79
N ASP C 301 -19.37 37.58 -6.11
CA ASP C 301 -19.41 39.03 -6.25
C ASP C 301 -18.32 39.41 -7.27
N GLY C 302 -17.46 40.37 -6.97
CA GLY C 302 -16.35 40.71 -7.84
C GLY C 302 -15.04 40.06 -7.47
N GLN C 303 -15.04 39.16 -6.50
CA GLN C 303 -13.83 38.61 -5.90
C GLN C 303 -13.57 37.19 -6.40
N GLN C 304 -12.30 36.92 -6.76
CA GLN C 304 -11.87 35.61 -7.25
C GLN C 304 -11.00 34.91 -6.22
N LEU C 305 -11.14 33.58 -6.18
CA LEU C 305 -10.22 32.64 -5.55
C LEU C 305 -9.63 31.75 -6.64
N VAL C 306 -8.31 31.59 -6.63
CA VAL C 306 -7.57 30.90 -7.70
C VAL C 306 -6.86 29.70 -7.10
N LYS C 307 -7.02 28.53 -7.74
CA LYS C 307 -6.38 27.31 -7.28
C LYS C 307 -5.45 26.81 -8.39
N VAL C 308 -4.21 26.55 -8.04
CA VAL C 308 -3.28 25.95 -9.00
C VAL C 308 -2.53 24.82 -8.30
N ALA C 309 -1.95 23.93 -9.11
CA ALA C 309 -1.28 22.77 -8.55
C ALA C 309 -0.04 22.42 -9.37
N SER C 310 1.01 21.99 -8.67
CA SER C 310 2.27 21.58 -9.29
C SER C 310 2.77 20.28 -8.68
N TRP C 311 3.26 19.38 -9.54
CA TRP C 311 3.85 18.11 -9.09
C TRP C 311 5.34 18.28 -8.81
N TYR C 312 5.86 17.38 -7.98
CA TYR C 312 7.31 17.25 -7.84
C TYR C 312 7.64 15.88 -7.27
N ASP C 313 8.81 15.36 -7.63
CA ASP C 313 9.34 14.18 -6.97
C ASP C 313 10.18 14.70 -5.81
N ASN C 314 9.64 14.61 -4.60
CA ASN C 314 10.25 15.25 -3.45
C ASN C 314 11.70 14.82 -3.28
N GLU C 315 12.12 13.73 -3.94
CA GLU C 315 13.51 13.31 -3.94
C GLU C 315 14.26 13.81 -5.18
N ALA C 316 13.83 13.40 -6.38
CA ALA C 316 14.58 13.66 -7.60
C ALA C 316 14.50 15.13 -8.02
N SER C 317 13.33 15.75 -7.85
CA SER C 317 13.17 17.15 -8.21
C SER C 317 14.05 18.02 -7.33
N TYR C 318 13.99 17.78 -6.02
CA TYR C 318 14.79 18.56 -5.09
C TYR C 318 16.27 18.34 -5.33
N THR C 319 16.68 17.09 -5.53
CA THR C 319 18.11 16.79 -5.75
C THR C 319 18.64 17.40 -7.03
N ASN C 320 17.84 17.35 -8.10
CA ASN C 320 18.25 17.98 -9.35
C ASN C 320 18.46 19.47 -9.14
N GLN C 321 17.52 20.11 -8.43
CA GLN C 321 17.69 21.51 -8.06
C GLN C 321 18.93 21.72 -7.22
N LEU C 322 19.20 20.79 -6.30
CA LEU C 322 20.32 20.95 -5.40
C LEU C 322 21.65 20.92 -6.17
N ILE C 323 21.78 20.03 -7.14
CA ILE C 323 23.04 20.00 -7.88
C ILE C 323 23.15 21.18 -8.83
N ARG C 324 22.02 21.67 -9.37
CA ARG C 324 22.09 22.90 -10.17
C ARG C 324 22.63 24.06 -9.35
N THR C 325 22.10 24.21 -8.14
CA THR C 325 22.59 25.26 -7.27
C THR C 325 24.03 25.02 -6.92
N LEU C 326 24.43 23.75 -6.88
CA LEU C 326 25.81 23.40 -6.56
C LEU C 326 26.76 23.87 -7.67
N LYS C 327 26.38 23.60 -8.92
CA LYS C 327 27.16 24.03 -10.06
C LYS C 327 27.25 25.55 -10.08
N CYS C 328 26.12 26.24 -9.83
CA CYS C 328 26.15 27.69 -9.84
C CYS C 328 27.08 28.21 -8.75
N LEU C 329 26.99 27.63 -7.59
CA LEU C 329 27.77 28.08 -6.48
C LEU C 329 29.25 27.98 -6.69
N VAL C 330 29.68 27.05 -7.51
CA VAL C 330 31.09 26.93 -7.72
C VAL C 330 31.55 27.53 -9.00
N SER C 331 30.63 27.93 -9.87
CA SER C 331 31.06 28.54 -11.10
C SER C 331 31.68 29.87 -10.77
N LYS C 332 30.98 30.60 -9.91
CA LYS C 332 31.38 31.89 -9.47
C LYS C 332 32.78 31.81 -8.89
N MET D 1 -6.33 -11.16 42.57
CA MET D 1 -5.92 -9.84 42.09
C MET D 1 -4.38 -9.76 41.98
N VAL D 2 -3.85 -9.88 40.76
CA VAL D 2 -2.42 -9.99 40.49
C VAL D 2 -1.95 -8.70 39.82
N LYS D 3 -0.96 -8.04 40.41
CA LYS D 3 -0.46 -6.78 39.87
C LYS D 3 0.56 -7.06 38.77
N VAL D 4 0.32 -6.44 37.61
CA VAL D 4 1.07 -6.68 36.38
C VAL D 4 1.66 -5.35 35.93
N ALA D 5 2.95 -5.37 35.63
CA ALA D 5 3.57 -4.28 34.91
C ALA D 5 3.84 -4.71 33.47
N ILE D 6 3.84 -3.75 32.56
CA ILE D 6 4.17 -3.95 31.15
C ILE D 6 5.41 -3.13 30.87
N ASN D 7 6.44 -3.76 30.34
CA ASN D 7 7.66 -3.08 29.96
C ASN D 7 7.73 -3.09 28.44
N GLY D 8 7.65 -1.90 27.83
CA GLY D 8 7.58 -1.79 26.39
C GLY D 8 6.12 -1.75 25.93
N PHE D 9 5.59 -0.53 25.82
CA PHE D 9 4.18 -0.35 25.47
C PHE D 9 3.99 -0.32 23.95
N GLY D 10 4.48 -1.36 23.30
CA GLY D 10 4.45 -1.44 21.85
C GLY D 10 3.20 -2.12 21.33
N ARG D 11 3.33 -2.70 20.13
CA ARG D 11 2.19 -3.41 19.56
C ARG D 11 1.74 -4.52 20.48
N ILE D 12 2.68 -5.31 21.00
CA ILE D 12 2.32 -6.40 21.89
C ILE D 12 1.88 -5.87 23.24
N GLY D 13 2.64 -4.94 23.82
CA GLY D 13 2.25 -4.41 25.12
C GLY D 13 0.88 -3.74 25.12
N ARG D 14 0.64 -2.85 24.15
CA ARG D 14 -0.63 -2.15 24.13
C ARG D 14 -1.78 -3.12 23.92
N LEU D 15 -1.59 -4.12 23.04
CA LEU D 15 -2.68 -5.08 22.83
C LEU D 15 -2.87 -5.98 24.06
N ALA D 16 -1.79 -6.31 24.76
CA ALA D 16 -1.91 -7.03 26.03
C ALA D 16 -2.79 -6.25 26.97
N LEU D 17 -2.54 -4.93 27.07
CA LEU D 17 -3.36 -4.11 27.94
C LEU D 17 -4.82 -4.15 27.50
N ARG D 18 -5.07 -4.10 26.18
CA ARG D 18 -6.45 -4.19 25.70
C ARG D 18 -7.13 -5.45 26.17
N LEU D 19 -6.39 -6.56 26.20
CA LEU D 19 -6.98 -7.84 26.59
C LEU D 19 -7.08 -8.00 28.11
N MET D 20 -6.26 -7.30 28.89
CA MET D 20 -6.30 -7.52 30.33
C MET D 20 -7.32 -6.63 31.04
N ILE D 21 -7.74 -5.52 30.42
CA ILE D 21 -8.70 -4.66 31.11
C ILE D 21 -10.01 -5.42 31.29
N ASP D 22 -10.31 -6.32 30.35
CA ASP D 22 -11.47 -7.21 30.46
C ASP D 22 -11.36 -8.09 31.70
N ASN D 23 -10.19 -8.65 31.96
CA ASN D 23 -10.05 -9.73 32.92
C ASN D 23 -9.85 -9.20 34.32
N PRO D 24 -10.77 -9.48 35.24
CA PRO D 24 -10.68 -8.95 36.62
C PRO D 24 -9.54 -9.54 37.43
N GLU D 25 -8.99 -10.65 36.96
CA GLU D 25 -7.90 -11.35 37.64
C GLU D 25 -6.63 -10.52 37.68
N PHE D 26 -6.47 -9.56 36.78
CA PHE D 26 -5.30 -8.71 36.71
C PHE D 26 -5.64 -7.28 37.12
N GLU D 27 -4.66 -6.59 37.67
CA GLU D 27 -4.65 -5.14 37.70
C GLU D 27 -3.28 -4.68 37.26
N VAL D 28 -3.25 -3.88 36.20
CA VAL D 28 -2.01 -3.38 35.64
C VAL D 28 -1.63 -2.14 36.45
N VAL D 29 -0.53 -2.23 37.21
CA VAL D 29 -0.11 -1.14 38.08
C VAL D 29 0.71 -0.11 37.31
N ALA D 30 1.59 -0.56 36.41
CA ALA D 30 2.50 0.36 35.75
C ALA D 30 2.80 -0.09 34.33
N ILE D 31 3.30 0.87 33.53
CA ILE D 31 3.76 0.67 32.17
C ILE D 31 5.07 1.44 32.02
N ASN D 32 6.08 0.81 31.44
CA ASN D 32 7.37 1.46 31.25
C ASN D 32 7.72 1.50 29.78
N ASP D 33 8.23 2.64 29.34
CA ASP D 33 8.60 2.85 27.94
C ASP D 33 9.62 3.98 27.89
N LEU D 34 9.87 4.49 26.69
CA LEU D 34 10.84 5.56 26.52
C LEU D 34 10.21 6.93 26.31
N THR D 35 8.91 7.07 26.54
CA THR D 35 8.24 8.32 26.25
C THR D 35 7.27 8.66 27.37
N ASP D 36 6.51 9.74 27.16
CA ASP D 36 5.58 10.27 28.15
C ASP D 36 4.23 9.57 28.10
N ALA D 37 3.39 9.92 29.10
CA ALA D 37 2.05 9.37 29.19
C ALA D 37 1.14 9.87 28.07
N LYS D 38 1.27 11.13 27.63
CA LYS D 38 0.38 11.61 26.59
C LYS D 38 0.45 10.70 25.37
N THR D 39 1.67 10.40 24.92
CA THR D 39 1.82 9.56 23.73
C THR D 39 1.33 8.15 23.99
N LEU D 40 1.73 7.54 25.11
CA LEU D 40 1.28 6.17 25.39
C LEU D 40 -0.24 6.10 25.38
N ALA D 41 -0.89 7.09 25.98
CA ALA D 41 -2.35 7.11 26.02
C ALA D 41 -2.94 7.27 24.62
N HIS D 42 -2.33 8.15 23.79
CA HIS D 42 -2.80 8.34 22.43
C HIS D 42 -2.64 7.08 21.59
N LEU D 43 -1.49 6.42 21.67
CA LEU D 43 -1.28 5.19 20.93
C LEU D 43 -2.20 4.07 21.42
N PHE D 44 -2.55 4.09 22.69
CA PHE D 44 -3.49 3.10 23.19
C PHE D 44 -4.90 3.38 22.70
N LYS D 45 -5.26 4.66 22.55
CA LYS D 45 -6.62 5.00 22.15
C LYS D 45 -6.88 4.65 20.69
N TYR D 46 -5.89 4.90 19.82
CA TYR D 46 -6.02 4.78 18.36
C TYR D 46 -4.99 3.80 17.83
N ASP D 47 -5.44 2.86 17.01
CA ASP D 47 -4.56 1.86 16.41
C ASP D 47 -4.92 1.72 14.94
N SER D 48 -3.90 1.81 14.08
CA SER D 48 -4.14 1.72 12.65
C SER D 48 -4.58 0.33 12.23
N ALA D 49 -4.19 -0.71 12.98
CA ALA D 49 -4.59 -2.07 12.62
C ALA D 49 -5.73 -2.62 13.48
N GLN D 50 -5.68 -2.43 14.79
CA GLN D 50 -6.64 -3.08 15.69
C GLN D 50 -7.82 -2.17 16.06
N GLY D 51 -7.96 -1.02 15.40
CA GLY D 51 -9.11 -0.17 15.61
C GLY D 51 -9.05 0.67 16.86
N ARG D 52 -10.06 1.51 17.03
CA ARG D 52 -10.12 2.40 18.19
C ARG D 52 -10.38 1.60 19.45
N PHE D 53 -9.82 2.09 20.55
CA PHE D 53 -10.14 1.49 21.85
C PHE D 53 -11.55 1.92 22.22
N ASN D 54 -12.38 0.94 22.60
CA ASN D 54 -13.75 1.16 23.07
C ASN D 54 -13.71 1.17 24.58
N GLY D 55 -13.74 2.37 25.15
CA GLY D 55 -13.54 2.57 26.57
C GLY D 55 -13.14 3.99 26.81
N GLU D 56 -12.76 4.28 28.05
CA GLU D 56 -12.43 5.65 28.42
C GLU D 56 -10.96 5.77 28.76
N ILE D 57 -10.31 6.80 28.24
CA ILE D 57 -8.93 7.09 28.58
C ILE D 57 -8.81 8.56 28.93
N GLU D 58 -8.11 8.84 30.02
CA GLU D 58 -7.81 10.19 30.46
C GLU D 58 -6.34 10.25 30.86
N VAL D 59 -5.73 11.40 30.66
CA VAL D 59 -4.30 11.57 30.88
C VAL D 59 -4.04 12.39 32.13
N LYS D 60 -3.08 11.93 32.94
CA LYS D 60 -2.74 12.52 34.22
C LYS D 60 -1.22 12.64 34.30
N GLU D 61 -0.74 13.55 35.15
CA GLU D 61 0.71 13.74 35.26
C GLU D 61 1.38 12.44 35.69
N GLY D 62 2.23 11.90 34.82
CA GLY D 62 2.95 10.67 35.06
C GLY D 62 2.08 9.42 35.11
N ALA D 63 0.89 9.47 34.54
CA ALA D 63 -0.01 8.33 34.57
C ALA D 63 -1.17 8.58 33.61
N PHE D 64 -1.91 7.52 33.31
CA PHE D 64 -3.19 7.71 32.64
C PHE D 64 -4.19 6.70 33.17
N VAL D 65 -5.47 7.06 33.10
CA VAL D 65 -6.55 6.29 33.69
C VAL D 65 -7.36 5.66 32.58
N VAL D 66 -7.56 4.35 32.68
CA VAL D 66 -8.30 3.51 31.73
C VAL D 66 -9.51 2.93 32.44
N ASN D 67 -10.70 3.21 31.92
CA ASN D 67 -11.93 2.68 32.51
C ASN D 67 -12.00 2.95 34.01
N GLY D 68 -11.52 4.13 34.42
CA GLY D 68 -11.56 4.54 35.79
C GLY D 68 -10.42 4.06 36.64
N LYS D 69 -9.55 3.21 36.11
CA LYS D 69 -8.43 2.67 36.86
C LYS D 69 -7.13 3.30 36.40
N GLU D 70 -6.34 3.81 37.35
CA GLU D 70 -5.14 4.56 37.02
C GLU D 70 -3.95 3.62 36.78
N ILE D 71 -3.08 4.01 35.87
CA ILE D 71 -1.88 3.24 35.55
C ILE D 71 -0.68 4.18 35.57
N LYS D 72 0.36 3.76 36.30
CA LYS D 72 1.58 4.53 36.47
C LYS D 72 2.45 4.42 35.22
N VAL D 73 3.01 5.55 34.79
CA VAL D 73 3.91 5.56 33.64
C VAL D 73 5.33 5.81 34.13
N THR D 74 6.26 5.05 33.57
CA THR D 74 7.68 5.12 33.88
C THR D 74 8.44 5.20 32.56
N ALA D 75 9.64 5.82 32.59
CA ALA D 75 10.53 5.93 31.44
C ALA D 75 11.99 5.69 31.87
N LYS D 76 12.30 4.42 32.16
CA LYS D 76 13.65 3.95 32.48
C LYS D 76 14.06 2.92 31.42
N SER D 77 15.15 3.19 30.71
CA SER D 77 15.65 2.25 29.71
C SER D 77 16.30 1.03 30.34
N ASN D 78 16.77 1.15 31.59
CA ASN D 78 17.38 0.04 32.28
C ASN D 78 16.39 -0.59 33.25
N PRO D 79 16.01 -1.86 33.02
CA PRO D 79 15.00 -2.50 33.90
C PRO D 79 15.43 -2.64 35.35
N ALA D 80 16.72 -2.76 35.64
CA ALA D 80 17.11 -2.88 37.03
C ALA D 80 16.68 -1.66 37.84
N GLU D 81 16.48 -0.51 37.19
CA GLU D 81 16.11 0.73 37.86
C GLU D 81 14.61 0.90 38.03
N LEU D 82 13.82 -0.14 37.75
CA LEU D 82 12.39 0.03 37.84
C LEU D 82 11.89 -0.13 39.27
N PRO D 83 10.72 0.47 39.57
CA PRO D 83 10.14 0.44 40.91
C PRO D 83 9.20 -0.74 41.13
N TRP D 84 9.63 -1.93 40.71
CA TRP D 84 8.76 -3.10 40.76
C TRP D 84 8.51 -3.56 42.20
N GLY D 85 9.54 -3.53 43.05
CA GLY D 85 9.31 -3.84 44.45
C GLY D 85 8.45 -2.79 45.12
N GLU D 86 8.76 -1.51 44.89
CA GLU D 86 7.94 -0.43 45.45
C GLU D 86 6.48 -0.61 45.10
N LEU D 87 6.21 -1.04 43.87
CA LEU D 87 4.84 -1.30 43.45
C LEU D 87 4.42 -2.73 43.71
N GLY D 88 5.35 -3.59 44.13
CA GLY D 88 5.06 -4.97 44.46
C GLY D 88 4.37 -5.68 43.32
N VAL D 89 4.87 -5.50 42.10
CA VAL D 89 4.25 -6.16 40.95
C VAL D 89 4.49 -7.66 41.02
N ASP D 90 3.44 -8.43 40.73
CA ASP D 90 3.61 -9.88 40.67
C ASP D 90 4.29 -10.30 39.37
N VAL D 91 3.78 -9.85 38.21
CA VAL D 91 4.35 -10.27 36.93
C VAL D 91 4.62 -9.09 36.01
N VAL D 92 5.75 -9.15 35.32
CA VAL D 92 6.11 -8.19 34.28
C VAL D 92 5.97 -8.87 32.92
N LEU D 93 5.28 -8.20 32.00
CA LEU D 93 5.24 -8.59 30.61
C LEU D 93 6.38 -7.87 29.93
N GLU D 94 7.43 -8.60 29.57
CA GLU D 94 8.62 -8.02 28.96
C GLU D 94 8.40 -8.00 27.44
N CYS D 95 8.04 -6.81 26.92
CA CYS D 95 7.63 -6.63 25.53
C CYS D 95 8.47 -5.60 24.78
N THR D 96 9.70 -5.32 25.21
CA THR D 96 10.48 -4.32 24.49
C THR D 96 11.18 -4.91 23.28
N GLY D 97 11.59 -6.18 23.34
CA GLY D 97 12.44 -6.76 22.33
C GLY D 97 13.94 -6.63 22.60
N PHE D 98 14.33 -6.06 23.74
CA PHE D 98 15.73 -5.84 24.04
C PHE D 98 16.27 -6.68 25.19
N PHE D 99 15.39 -7.36 25.94
CA PHE D 99 15.79 -8.14 27.11
C PHE D 99 15.32 -9.59 27.00
N ALA D 100 15.41 -10.16 25.80
CA ALA D 100 14.84 -11.48 25.51
C ALA D 100 15.84 -12.59 25.83
N SER D 101 16.08 -12.76 27.13
CA SER D 101 16.96 -13.81 27.64
C SER D 101 16.72 -13.94 29.13
N LYS D 102 17.09 -15.10 29.67
CA LYS D 102 16.97 -15.29 31.11
C LYS D 102 17.84 -14.24 31.83
N GLU D 103 19.08 -14.08 31.36
CA GLU D 103 20.04 -13.21 32.03
C GLU D 103 19.58 -11.76 32.04
N LYS D 104 19.15 -11.25 30.88
CA LYS D 104 18.78 -9.83 30.77
C LYS D 104 17.45 -9.55 31.45
N ALA D 105 16.46 -10.40 31.22
CA ALA D 105 15.14 -10.18 31.81
C ALA D 105 15.14 -10.36 33.32
N SER D 106 16.14 -11.03 33.91
CA SER D 106 16.16 -11.14 35.37
C SER D 106 16.33 -9.78 36.05
N ALA D 107 16.75 -8.74 35.30
CA ALA D 107 16.82 -7.42 35.91
C ALA D 107 15.45 -6.98 36.43
N HIS D 108 14.36 -7.44 35.81
CA HIS D 108 13.05 -7.13 36.38
C HIS D 108 12.91 -7.71 37.79
N LEU D 109 13.44 -8.93 37.99
CA LEU D 109 13.41 -9.51 39.31
C LEU D 109 14.27 -8.72 40.29
N THR D 110 15.43 -8.23 39.82
CA THR D 110 16.28 -7.42 40.67
C THR D 110 15.60 -6.11 41.05
N ALA D 111 14.82 -5.54 40.13
CA ALA D 111 14.01 -4.37 40.44
C ALA D 111 12.88 -4.68 41.42
N GLY D 112 12.66 -5.96 41.76
CA GLY D 112 11.65 -6.35 42.74
C GLY D 112 10.45 -7.13 42.21
N ALA D 113 10.42 -7.48 40.93
CA ALA D 113 9.32 -8.23 40.34
C ALA D 113 9.43 -9.72 40.67
N LYS D 114 8.28 -10.35 40.86
CA LYS D 114 8.24 -11.76 41.23
C LYS D 114 8.44 -12.69 40.02
N LYS D 115 7.81 -12.38 38.89
CA LYS D 115 7.87 -13.23 37.70
C LYS D 115 7.92 -12.41 36.41
N VAL D 116 8.47 -13.00 35.35
CA VAL D 116 8.64 -12.35 34.06
C VAL D 116 8.12 -13.26 32.96
N VAL D 117 7.27 -12.72 32.09
CA VAL D 117 6.81 -13.40 30.89
C VAL D 117 7.39 -12.61 29.71
N ILE D 118 8.28 -13.24 28.95
CA ILE D 118 8.93 -12.58 27.83
C ILE D 118 8.10 -12.86 26.58
N SER D 119 7.76 -11.80 25.87
CA SER D 119 6.87 -11.88 24.71
C SER D 119 7.64 -12.19 23.44
N ALA D 120 8.67 -13.01 23.54
CA ALA D 120 9.50 -13.36 22.40
C ALA D 120 10.28 -14.61 22.75
N PRO D 121 10.95 -15.21 21.78
CA PRO D 121 11.92 -16.27 22.09
C PRO D 121 13.03 -15.71 22.96
N ALA D 122 13.45 -16.47 23.97
CA ALA D 122 14.43 -16.02 24.94
C ALA D 122 15.51 -17.05 25.21
N GLY D 123 15.74 -17.98 24.29
CA GLY D 123 16.74 -19.02 24.47
C GLY D 123 16.12 -20.34 24.91
N ASN D 124 16.96 -21.37 24.95
CA ASN D 124 16.57 -22.74 25.31
C ASN D 124 16.87 -23.11 26.76
N ASP D 125 17.42 -22.18 27.55
CA ASP D 125 17.64 -22.33 28.99
C ASP D 125 16.43 -21.87 29.81
N LEU D 126 15.28 -21.68 29.16
CA LEU D 126 14.06 -21.15 29.75
C LEU D 126 12.90 -22.06 29.42
N PRO D 127 11.84 -22.02 30.22
CA PRO D 127 10.56 -22.59 29.76
C PRO D 127 9.97 -21.69 28.68
N THR D 128 9.67 -22.27 27.51
CA THR D 128 9.00 -21.59 26.40
C THR D 128 7.66 -22.28 26.13
N VAL D 129 6.56 -21.53 26.14
CA VAL D 129 5.22 -22.12 26.15
C VAL D 129 4.40 -21.60 24.98
N VAL D 130 3.78 -22.52 24.25
CA VAL D 130 2.73 -22.19 23.30
C VAL D 130 1.45 -22.69 23.95
N TYR D 131 0.54 -21.77 24.28
CA TYR D 131 -0.62 -22.20 25.04
C TYR D 131 -1.41 -23.26 24.25
N ASN D 132 -1.89 -24.26 24.96
CA ASN D 132 -2.58 -25.41 24.40
C ASN D 132 -1.69 -26.30 23.56
N VAL D 133 -0.37 -26.20 23.72
CA VAL D 133 0.56 -27.18 23.15
C VAL D 133 1.42 -27.80 24.25
N ASN D 134 2.13 -26.97 25.03
CA ASN D 134 2.97 -27.44 26.13
C ASN D 134 2.81 -26.63 27.42
N HIS D 135 1.67 -25.97 27.63
CA HIS D 135 1.55 -25.17 28.86
C HIS D 135 1.41 -26.03 30.12
N ASP D 136 1.15 -27.34 29.97
CA ASP D 136 1.07 -28.25 31.13
C ASP D 136 2.39 -28.35 31.90
N ILE D 137 3.51 -27.96 31.27
CA ILE D 137 4.82 -27.99 31.93
C ILE D 137 4.96 -26.96 33.05
N LEU D 138 4.03 -26.01 33.15
CA LEU D 138 4.16 -24.95 34.14
C LEU D 138 3.65 -25.43 35.50
N ASP D 139 4.42 -25.14 36.55
CA ASP D 139 4.01 -25.50 37.90
C ASP D 139 4.05 -24.37 38.92
N GLY D 140 4.53 -23.18 38.56
CA GLY D 140 4.58 -22.12 39.53
C GLY D 140 5.95 -21.81 40.07
N SER D 141 6.95 -22.66 39.81
CA SER D 141 8.30 -22.46 40.29
C SER D 141 9.13 -21.54 39.39
N GLU D 142 8.57 -21.12 38.26
CA GLU D 142 9.28 -20.41 37.20
C GLU D 142 9.39 -18.92 37.50
N ASP D 143 10.61 -18.38 37.58
CA ASP D 143 10.72 -16.93 37.75
C ASP D 143 10.59 -16.21 36.40
N VAL D 144 11.16 -16.80 35.35
CA VAL D 144 11.18 -16.24 34.00
C VAL D 144 10.72 -17.28 32.98
N ILE D 145 9.76 -16.90 32.11
CA ILE D 145 9.34 -17.79 31.04
C ILE D 145 9.12 -17.00 29.75
N SER D 146 9.10 -17.72 28.64
CA SER D 146 8.94 -17.15 27.32
C SER D 146 7.62 -17.59 26.71
N GLY D 147 6.95 -16.65 26.05
CA GLY D 147 5.72 -16.93 25.36
C GLY D 147 5.93 -17.37 23.94
N ALA D 148 7.20 -17.54 23.54
CA ALA D 148 7.59 -17.98 22.20
C ALA D 148 7.34 -16.88 21.18
N SER D 149 7.52 -17.19 19.90
CA SER D 149 7.27 -16.26 18.81
C SER D 149 5.83 -16.39 18.29
N CYS D 150 5.38 -15.36 17.57
CA CYS D 150 4.06 -15.41 16.93
C CYS D 150 3.95 -16.60 15.98
N THR D 151 4.98 -16.80 15.16
CA THR D 151 4.93 -17.86 14.18
C THR D 151 4.92 -19.24 14.82
N THR D 152 5.68 -19.44 15.91
CA THR D 152 5.61 -20.74 16.57
C THR D 152 4.23 -20.95 17.18
N ASN D 153 3.60 -19.89 17.69
CA ASN D 153 2.23 -20.06 18.18
C ASN D 153 1.26 -20.41 17.05
N CYS D 154 1.57 -20.03 15.82
CA CYS D 154 0.73 -20.51 14.72
C CYS D 154 1.09 -21.94 14.32
N LEU D 155 2.38 -22.25 14.22
CA LEU D 155 2.79 -23.51 13.65
C LEU D 155 2.60 -24.69 14.62
N ALA D 156 2.90 -24.50 15.92
CA ALA D 156 2.91 -25.59 16.91
C ALA D 156 1.64 -26.42 16.91
N PRO D 157 0.44 -25.86 17.03
CA PRO D 157 -0.75 -26.72 17.04
C PRO D 157 -0.91 -27.51 15.77
N MET D 158 -0.60 -26.91 14.65
CA MET D 158 -0.72 -27.62 13.38
C MET D 158 0.28 -28.78 13.33
N ALA D 159 1.55 -28.50 13.69
CA ALA D 159 2.58 -29.53 13.67
C ALA D 159 2.29 -30.63 14.67
N LYS D 160 1.77 -30.26 15.83
CA LYS D 160 1.42 -31.25 16.83
C LYS D 160 0.32 -32.16 16.32
N ALA D 161 -0.72 -31.58 15.70
CA ALA D 161 -1.80 -32.40 15.18
C ALA D 161 -1.28 -33.36 14.12
N LEU D 162 -0.41 -32.87 13.23
CA LEU D 162 0.11 -33.75 12.20
C LEU D 162 0.92 -34.88 12.82
N ASN D 163 1.77 -34.53 13.77
CA ASN D 163 2.62 -35.53 14.40
C ASN D 163 1.78 -36.57 15.14
N ASP D 164 0.78 -36.12 15.87
CA ASP D 164 -0.03 -37.02 16.67
C ASP D 164 -0.82 -37.97 15.81
N ASN D 165 -1.40 -37.48 14.72
CA ASN D 165 -2.19 -38.39 13.91
C ASN D 165 -1.35 -39.28 12.99
N PHE D 166 -0.30 -38.71 12.37
CA PHE D 166 0.40 -39.40 11.30
C PHE D 166 1.91 -39.53 11.44
N GLY D 167 2.53 -38.87 12.41
CA GLY D 167 3.97 -38.88 12.46
C GLY D 167 4.53 -37.89 11.45
N LEU D 168 5.20 -36.85 11.93
CA LEU D 168 5.83 -35.82 11.10
C LEU D 168 7.33 -36.07 11.10
N ASN D 169 7.87 -36.55 9.96
CA ASN D 169 9.31 -36.83 9.89
C ASN D 169 10.11 -35.55 9.67
N LYS D 170 9.64 -34.70 8.75
CA LYS D 170 10.37 -33.49 8.45
C LYS D 170 9.44 -32.56 7.72
N GLY D 171 9.78 -31.26 7.75
CA GLY D 171 8.99 -30.30 7.03
C GLY D 171 9.69 -28.97 6.90
N PHE D 172 9.33 -28.26 5.83
CA PHE D 172 9.83 -26.92 5.57
C PHE D 172 8.68 -25.94 5.70
N MET D 173 8.88 -24.93 6.54
CA MET D 173 7.86 -23.91 6.74
C MET D 173 8.22 -22.66 5.96
N THR D 174 7.20 -22.03 5.38
CA THR D 174 7.31 -20.70 4.78
C THR D 174 6.19 -19.85 5.33
N THR D 175 6.53 -18.74 5.96
CA THR D 175 5.55 -17.80 6.47
C THR D 175 5.50 -16.57 5.57
N ILE D 176 4.29 -16.25 5.09
CA ILE D 176 3.99 -15.01 4.38
C ILE D 176 3.52 -14.03 5.46
N HIS D 177 4.36 -13.05 5.79
CA HIS D 177 4.24 -12.31 7.05
C HIS D 177 3.99 -10.81 6.84
N ALA D 178 3.10 -10.23 7.65
CA ALA D 178 2.94 -8.78 7.63
C ALA D 178 4.26 -8.14 8.02
N TYR D 179 4.51 -6.94 7.48
CA TYR D 179 5.72 -6.24 7.87
C TYR D 179 5.59 -5.74 9.31
N THR D 180 6.73 -5.46 9.93
CA THR D 180 6.76 -5.09 11.33
C THR D 180 7.66 -3.87 11.54
N ASN D 181 7.70 -3.43 12.79
CA ASN D 181 8.46 -2.24 13.17
C ASN D 181 9.98 -2.41 13.09
N ASP D 182 10.49 -3.62 12.88
CA ASP D 182 11.92 -3.78 12.63
C ASP D 182 12.29 -3.59 11.17
N GLN D 183 11.34 -3.23 10.29
CA GLN D 183 11.67 -2.90 8.91
C GLN D 183 11.59 -1.40 8.72
N ASN D 184 12.41 -0.88 7.80
CA ASN D 184 12.46 0.55 7.54
C ASN D 184 11.26 1.02 6.72
N THR D 185 10.91 2.31 6.88
CA THR D 185 9.86 2.90 6.09
C THR D 185 10.30 3.10 4.64
N LEU D 186 11.45 3.73 4.44
CA LEU D 186 12.07 3.86 3.15
C LEU D 186 13.48 3.31 3.19
N ASP D 187 14.03 3.01 2.02
CA ASP D 187 15.39 2.46 1.94
C ASP D 187 16.36 3.33 2.72
N ALA D 188 17.08 2.69 3.64
CA ALA D 188 17.99 3.36 4.58
C ALA D 188 18.81 2.29 5.30
N PRO D 189 19.90 2.69 5.94
CA PRO D 189 20.68 1.73 6.74
C PRO D 189 19.79 1.10 7.79
N HIS D 190 20.15 -0.11 8.21
CA HIS D 190 19.36 -0.85 9.20
C HIS D 190 20.16 -1.04 10.48
N LYS D 191 19.48 -0.92 11.62
CA LYS D 191 20.22 -0.93 12.89
C LYS D 191 21.03 -2.22 13.05
N LYS D 192 20.52 -3.36 12.59
CA LYS D 192 21.23 -4.62 12.73
C LYS D 192 22.03 -5.00 11.49
N GLY D 193 22.14 -4.12 10.50
CA GLY D 193 22.93 -4.44 9.33
C GLY D 193 22.27 -5.34 8.32
N ASP D 194 21.00 -5.67 8.52
CA ASP D 194 20.25 -6.51 7.57
C ASP D 194 19.90 -5.70 6.32
N LEU D 195 20.43 -6.11 5.17
CA LEU D 195 20.17 -5.35 3.95
C LEU D 195 18.77 -5.53 3.40
N ARG D 196 17.98 -6.45 3.92
CA ARG D 196 16.62 -6.61 3.43
C ARG D 196 15.57 -5.88 4.27
N ARG D 197 15.70 -5.88 5.60
CA ARG D 197 14.80 -5.07 6.42
C ARG D 197 15.14 -3.59 6.33
N ALA D 198 16.24 -3.26 5.65
CA ALA D 198 16.60 -1.89 5.35
C ALA D 198 15.69 -1.28 4.29
N ARG D 199 15.04 -2.11 3.50
CA ARG D 199 14.27 -1.68 2.35
C ARG D 199 12.86 -1.25 2.77
N ALA D 200 12.25 -0.44 1.92
CA ALA D 200 10.90 0.07 2.16
C ALA D 200 9.92 -1.08 2.41
N ALA D 201 9.39 -1.11 3.63
CA ALA D 201 8.54 -2.21 4.09
C ALA D 201 7.29 -2.37 3.23
N ALA D 202 6.61 -1.27 2.93
CA ALA D 202 5.29 -1.33 2.29
C ALA D 202 5.39 -1.34 0.77
N ALA D 203 6.60 -1.45 0.22
CA ALA D 203 6.80 -1.50 -1.21
C ALA D 203 7.41 -2.80 -1.70
N ASN D 204 7.56 -3.81 -0.85
CA ASN D 204 8.39 -4.93 -1.25
C ASN D 204 7.89 -6.26 -0.71
N ILE D 205 8.26 -7.33 -1.41
CA ILE D 205 8.35 -8.65 -0.82
C ILE D 205 9.76 -8.78 -0.27
N VAL D 206 9.89 -9.03 1.02
CA VAL D 206 11.18 -8.98 1.70
C VAL D 206 11.49 -10.35 2.30
N PRO D 207 12.34 -11.13 1.66
CA PRO D 207 12.79 -12.38 2.29
C PRO D 207 13.43 -12.11 3.64
N ASN D 208 13.20 -13.02 4.59
CA ASN D 208 13.75 -12.86 5.93
C ASN D 208 13.99 -14.23 6.57
N SER D 209 14.89 -14.26 7.54
CA SER D 209 15.18 -15.47 8.30
C SER D 209 14.28 -15.54 9.53
N THR D 210 14.00 -16.76 9.97
CA THR D 210 13.27 -16.96 11.22
C THR D 210 13.62 -18.31 11.85
N GLY D 211 13.70 -18.32 13.18
CA GLY D 211 13.94 -19.54 13.92
C GLY D 211 12.67 -20.23 14.39
N ALA D 212 11.50 -19.72 13.98
CA ALA D 212 10.23 -20.26 14.44
C ALA D 212 10.11 -21.77 14.22
N ALA D 213 10.56 -22.27 13.07
CA ALA D 213 10.43 -23.70 12.79
C ALA D 213 11.42 -24.51 13.61
N LYS D 214 12.69 -24.07 13.66
CA LYS D 214 13.68 -24.77 14.46
C LYS D 214 13.31 -24.76 15.93
N ALA D 215 12.64 -23.70 16.41
CA ALA D 215 12.38 -23.57 17.83
C ALA D 215 11.22 -24.42 18.29
N ILE D 216 10.58 -25.12 17.35
CA ILE D 216 9.47 -25.98 17.70
C ILE D 216 9.97 -27.06 18.68
N GLY D 217 11.24 -27.43 18.60
CA GLY D 217 11.81 -28.39 19.53
C GLY D 217 11.64 -28.02 20.98
N LEU D 218 11.51 -26.72 21.29
CA LEU D 218 11.33 -26.30 22.68
C LEU D 218 9.90 -26.51 23.18
N VAL D 219 8.92 -26.53 22.28
CA VAL D 219 7.51 -26.67 22.64
C VAL D 219 7.02 -28.08 22.41
N ILE D 220 7.47 -28.71 21.33
CA ILE D 220 7.19 -30.11 21.01
C ILE D 220 8.52 -30.85 20.95
N PRO D 221 8.99 -31.41 22.08
CA PRO D 221 10.32 -32.05 22.07
C PRO D 221 10.46 -33.16 21.04
N GLU D 222 9.39 -33.91 20.78
CA GLU D 222 9.47 -34.99 19.79
C GLU D 222 9.90 -34.49 18.42
N LEU D 223 9.62 -33.23 18.11
CA LEU D 223 9.88 -32.66 16.78
C LEU D 223 11.17 -31.86 16.72
N ALA D 224 12.01 -31.97 17.75
CA ALA D 224 13.28 -31.26 17.77
C ALA D 224 14.11 -31.62 16.55
N GLY D 225 14.64 -30.60 15.89
CA GLY D 225 15.49 -30.79 14.72
C GLY D 225 14.79 -31.33 13.49
N LYS D 226 13.46 -31.31 13.44
CA LYS D 226 12.75 -31.85 12.31
C LYS D 226 12.13 -30.80 11.38
N LEU D 227 12.09 -29.52 11.76
CA LEU D 227 11.51 -28.50 10.90
C LEU D 227 12.46 -27.33 10.75
N ASP D 228 12.35 -26.67 9.61
CA ASP D 228 13.08 -25.45 9.39
C ASP D 228 12.27 -24.60 8.42
N GLY D 229 12.74 -23.39 8.16
CA GLY D 229 11.94 -22.53 7.30
C GLY D 229 12.50 -21.13 7.18
N ASN D 230 11.69 -20.30 6.55
CA ASN D 230 12.02 -18.91 6.21
C ASN D 230 10.74 -18.10 6.17
N ALA D 231 10.87 -16.79 5.99
CA ALA D 231 9.74 -15.88 5.97
C ALA D 231 9.80 -14.99 4.73
N GLN D 232 8.66 -14.43 4.36
CA GLN D 232 8.58 -13.38 3.35
C GLN D 232 7.70 -12.26 3.92
N ARG D 233 8.27 -11.08 4.17
CA ARG D 233 7.46 -9.98 4.64
C ARG D 233 6.79 -9.28 3.45
N VAL D 234 5.51 -8.96 3.58
CA VAL D 234 4.79 -8.39 2.46
C VAL D 234 3.96 -7.21 2.96
N PRO D 235 3.57 -6.31 2.06
CA PRO D 235 2.96 -5.04 2.49
C PRO D 235 1.51 -5.15 2.96
N VAL D 236 1.29 -5.84 4.09
CA VAL D 236 0.05 -5.68 4.85
C VAL D 236 0.45 -5.30 6.27
N ILE D 237 -0.42 -4.49 6.90
CA ILE D 237 -0.10 -3.88 8.18
C ILE D 237 -0.06 -4.92 9.31
N THR D 238 -0.89 -5.95 9.24
CA THR D 238 -0.88 -7.06 10.19
C THR D 238 -1.67 -8.21 9.59
N GLY D 239 -1.45 -9.40 10.12
CA GLY D 239 -2.04 -10.58 9.53
C GLY D 239 -1.03 -11.35 8.71
N SER D 240 -0.88 -12.65 8.96
CA SER D 240 0.17 -13.45 8.37
C SER D 240 -0.35 -14.86 8.11
N LEU D 241 0.40 -15.60 7.30
CA LEU D 241 0.08 -16.97 6.88
C LEU D 241 1.30 -17.86 7.04
N THR D 242 1.13 -19.02 7.67
CA THR D 242 2.17 -20.04 7.79
C THR D 242 1.85 -21.21 6.88
N GLU D 243 2.73 -21.48 5.92
CA GLU D 243 2.65 -22.62 5.02
C GLU D 243 3.63 -23.69 5.51
N LEU D 244 3.22 -24.95 5.43
CA LEU D 244 4.10 -26.05 5.81
C LEU D 244 4.07 -27.14 4.75
N VAL D 245 5.26 -27.49 4.22
CA VAL D 245 5.45 -28.61 3.31
C VAL D 245 6.22 -29.70 4.04
N CYS D 246 5.62 -30.88 4.18
CA CYS D 246 6.19 -31.87 5.09
C CYS D 246 5.94 -33.29 4.57
N THR D 247 6.70 -34.24 5.13
CA THR D 247 6.49 -35.66 4.88
C THR D 247 6.10 -36.37 6.18
N LEU D 248 5.23 -37.36 6.05
CA LEU D 248 4.65 -38.02 7.21
C LEU D 248 5.01 -39.50 7.23
N ASP D 249 4.81 -40.10 8.40
CA ASP D 249 5.04 -41.53 8.55
C ASP D 249 3.94 -42.38 7.94
N LYS D 250 2.82 -41.78 7.52
CA LYS D 250 1.70 -42.54 7.01
C LYS D 250 1.11 -41.84 5.80
N LYS D 251 0.48 -42.62 4.93
CA LYS D 251 -0.21 -42.06 3.78
C LYS D 251 -1.54 -41.48 4.24
N VAL D 252 -1.89 -40.30 3.70
CA VAL D 252 -3.07 -39.57 4.13
C VAL D 252 -3.77 -39.00 2.91
N THR D 253 -4.96 -38.45 3.14
CA THR D 253 -5.73 -37.74 2.14
C THR D 253 -6.02 -36.35 2.63
N VAL D 254 -6.38 -35.47 1.69
CA VAL D 254 -6.71 -34.11 2.07
C VAL D 254 -7.76 -34.09 3.17
N GLU D 255 -8.89 -34.77 2.94
CA GLU D 255 -9.98 -34.70 3.91
C GLU D 255 -9.61 -35.38 5.22
N GLU D 256 -8.68 -36.33 5.18
CA GLU D 256 -8.21 -36.98 6.39
C GLU D 256 -7.39 -35.99 7.23
N VAL D 257 -6.50 -35.25 6.56
CA VAL D 257 -5.69 -34.24 7.24
C VAL D 257 -6.58 -33.15 7.82
N ASN D 258 -7.52 -32.65 7.01
CA ASN D 258 -8.41 -31.60 7.48
C ASN D 258 -9.24 -32.08 8.66
N ALA D 259 -9.68 -33.34 8.64
CA ALA D 259 -10.45 -33.87 9.75
C ALA D 259 -9.62 -33.92 11.03
N ALA D 260 -8.34 -34.32 10.91
CA ALA D 260 -7.46 -34.30 12.08
C ALA D 260 -7.34 -32.89 12.65
N MET D 261 -7.25 -31.89 11.78
CA MET D 261 -7.14 -30.51 12.25
C MET D 261 -8.42 -30.09 12.97
N LYS D 262 -9.58 -30.34 12.36
CA LYS D 262 -10.82 -29.97 13.03
C LYS D 262 -10.91 -30.64 14.39
N ALA D 263 -10.45 -31.89 14.49
CA ALA D 263 -10.54 -32.58 15.77
C ALA D 263 -9.64 -31.93 16.81
N ALA D 264 -8.46 -31.45 16.41
CA ALA D 264 -7.55 -30.82 17.38
C ALA D 264 -7.90 -29.35 17.67
N SER D 265 -8.95 -28.82 17.02
CA SER D 265 -9.34 -27.43 17.18
C SER D 265 -9.80 -27.16 18.61
N ASN D 266 -9.44 -26.00 19.13
CA ASN D 266 -9.79 -25.56 20.49
C ASN D 266 -9.76 -24.02 20.51
N GLU D 267 -9.73 -23.46 21.72
CA GLU D 267 -9.72 -22.00 21.88
C GLU D 267 -8.52 -21.36 21.20
N SER D 268 -7.35 -22.02 21.28
CA SER D 268 -6.12 -21.54 20.68
C SER D 268 -5.99 -21.87 19.18
N PHE D 269 -6.49 -23.02 18.75
CA PHE D 269 -6.32 -23.51 17.38
C PHE D 269 -7.71 -23.59 16.75
N GLY D 270 -7.97 -22.75 15.74
CA GLY D 270 -9.26 -22.68 15.12
C GLY D 270 -9.27 -23.42 13.78
N TYR D 271 -10.47 -23.65 13.26
CA TYR D 271 -10.61 -24.38 12.01
C TYR D 271 -11.58 -23.63 11.11
N THR D 272 -11.22 -23.44 9.84
CA THR D 272 -12.12 -22.79 8.90
C THR D 272 -12.02 -23.43 7.54
N GLU D 273 -13.17 -23.43 6.85
CA GLU D 273 -13.31 -23.82 5.44
C GLU D 273 -13.75 -22.65 4.57
N ASP D 274 -13.78 -21.42 5.10
CA ASP D 274 -14.12 -20.25 4.32
C ASP D 274 -12.90 -19.75 3.56
N PRO D 275 -13.05 -19.40 2.28
CA PRO D 275 -11.91 -18.91 1.51
C PRO D 275 -11.52 -17.49 1.89
N ILE D 276 -10.95 -17.34 3.09
CA ILE D 276 -10.66 -16.04 3.67
C ILE D 276 -9.36 -15.48 3.14
N VAL D 277 -9.11 -14.19 3.39
CA VAL D 277 -7.84 -13.55 3.09
C VAL D 277 -7.31 -12.92 4.37
N SER D 278 -6.06 -12.44 4.32
CA SER D 278 -5.37 -12.02 5.54
C SER D 278 -6.18 -11.03 6.37
N SER D 279 -6.82 -10.04 5.72
CA SER D 279 -7.48 -9.01 6.53
C SER D 279 -8.57 -9.61 7.39
N ASP D 280 -9.02 -10.81 7.07
CA ASP D 280 -10.07 -11.47 7.84
C ASP D 280 -9.60 -12.06 9.16
N VAL D 281 -8.30 -12.16 9.41
CA VAL D 281 -7.82 -12.66 10.70
C VAL D 281 -7.37 -11.55 11.63
N ILE D 282 -7.45 -10.29 11.22
CA ILE D 282 -7.02 -9.21 12.09
C ILE D 282 -7.89 -9.20 13.33
N GLY D 283 -7.27 -9.30 14.51
CA GLY D 283 -8.00 -9.23 15.76
C GLY D 283 -8.62 -10.52 16.25
N ILE D 284 -8.34 -11.67 15.61
CA ILE D 284 -8.91 -12.94 16.09
C ILE D 284 -8.28 -13.37 17.42
N SER D 285 -9.02 -14.15 18.20
CA SER D 285 -8.52 -14.62 19.48
C SER D 285 -7.75 -15.94 19.38
N PHE D 286 -7.81 -16.63 18.24
CA PHE D 286 -7.03 -17.85 18.05
C PHE D 286 -5.54 -17.52 17.92
N GLY D 287 -4.69 -18.42 18.42
CA GLY D 287 -3.28 -18.36 18.10
C GLY D 287 -2.96 -18.91 16.72
N SER D 288 -3.88 -19.67 16.14
CA SER D 288 -3.68 -20.29 14.85
C SER D 288 -5.06 -20.53 14.26
N LEU D 289 -5.22 -20.35 12.95
CA LEU D 289 -6.50 -20.61 12.30
C LEU D 289 -6.24 -21.47 11.07
N PHE D 290 -6.45 -22.78 11.21
CA PHE D 290 -6.15 -23.70 10.13
C PHE D 290 -7.12 -23.48 8.99
N ASP D 291 -6.57 -23.43 7.78
CA ASP D 291 -7.35 -23.11 6.60
C ASP D 291 -7.47 -24.40 5.80
N ALA D 292 -8.65 -25.03 5.86
CA ALA D 292 -8.84 -26.28 5.17
C ALA D 292 -8.79 -26.12 3.66
N THR D 293 -9.08 -24.90 3.15
CA THR D 293 -9.04 -24.70 1.71
C THR D 293 -7.65 -24.78 1.13
N GLN D 294 -6.60 -24.73 1.96
CA GLN D 294 -5.24 -24.74 1.44
C GLN D 294 -4.52 -26.08 1.55
N THR D 295 -5.14 -27.11 2.09
CA THR D 295 -4.47 -28.40 2.17
C THR D 295 -4.34 -29.02 0.78
N LYS D 296 -3.13 -29.45 0.42
CA LYS D 296 -2.84 -30.12 -0.86
C LYS D 296 -1.87 -31.27 -0.62
N ILE D 297 -1.97 -32.31 -1.44
CA ILE D 297 -1.07 -33.45 -1.34
C ILE D 297 -0.50 -33.83 -2.71
N MET D 298 0.79 -34.15 -2.73
CA MET D 298 1.49 -34.57 -3.93
C MET D 298 1.91 -36.02 -3.72
N GLU D 299 1.69 -36.88 -4.69
CA GLU D 299 2.07 -38.27 -4.54
C GLU D 299 2.92 -38.60 -5.75
N VAL D 300 4.12 -39.10 -5.52
CA VAL D 300 4.98 -39.52 -6.62
C VAL D 300 5.67 -40.81 -6.20
N ASP D 301 5.53 -41.85 -7.05
CA ASP D 301 6.08 -43.17 -6.75
C ASP D 301 5.71 -43.62 -5.35
N GLY D 302 4.50 -43.27 -4.89
CA GLY D 302 4.02 -43.71 -3.61
C GLY D 302 4.52 -42.95 -2.40
N GLN D 303 5.36 -41.94 -2.57
CA GLN D 303 5.77 -41.11 -1.44
C GLN D 303 5.04 -39.79 -1.57
N GLN D 304 4.53 -39.30 -0.45
CA GLN D 304 3.70 -38.09 -0.43
C GLN D 304 4.45 -36.90 0.14
N LEU D 305 4.12 -35.73 -0.41
CA LEU D 305 4.42 -34.42 0.15
C LEU D 305 3.09 -33.78 0.53
N VAL D 306 3.01 -33.21 1.72
CA VAL D 306 1.78 -32.65 2.25
C VAL D 306 1.98 -31.17 2.52
N LYS D 307 1.04 -30.35 2.04
CA LYS D 307 1.09 -28.90 2.24
C LYS D 307 -0.15 -28.45 2.98
N VAL D 308 0.06 -27.72 4.07
CA VAL D 308 -1.02 -27.18 4.87
C VAL D 308 -0.70 -25.74 5.23
N ALA D 309 -1.72 -25.00 5.63
CA ALA D 309 -1.52 -23.60 5.97
C ALA D 309 -2.44 -23.15 7.09
N SER D 310 -1.91 -22.27 7.91
CA SER D 310 -2.69 -21.68 9.00
C SER D 310 -2.49 -20.18 8.98
N TRP D 311 -3.59 -19.46 9.20
CA TRP D 311 -3.56 -18.01 9.35
C TRP D 311 -3.26 -17.66 10.79
N TYR D 312 -2.76 -16.44 10.99
CA TYR D 312 -2.68 -15.89 12.34
C TYR D 312 -2.54 -14.37 12.22
N ASP D 313 -3.08 -13.67 13.21
CA ASP D 313 -2.81 -12.25 13.37
C ASP D 313 -1.58 -12.19 14.24
N ASN D 314 -0.44 -11.87 13.63
CA ASN D 314 0.83 -11.93 14.33
C ASN D 314 0.80 -11.06 15.58
N GLU D 315 -0.15 -10.13 15.68
CA GLU D 315 -0.33 -9.31 16.88
C GLU D 315 -1.39 -9.87 17.81
N ALA D 316 -2.65 -9.94 17.38
CA ALA D 316 -3.72 -10.37 18.28
C ALA D 316 -3.66 -11.87 18.60
N SER D 317 -3.31 -12.71 17.60
CA SER D 317 -3.24 -14.15 17.86
C SER D 317 -2.19 -14.46 18.91
N TYR D 318 -1.00 -13.88 18.73
CA TYR D 318 0.08 -14.08 19.69
C TYR D 318 -0.28 -13.46 21.05
N THR D 319 -0.86 -12.26 21.06
CA THR D 319 -1.16 -11.64 22.33
C THR D 319 -2.22 -12.42 23.13
N ASN D 320 -3.24 -12.96 22.45
CA ASN D 320 -4.20 -13.78 23.18
C ASN D 320 -3.52 -15.01 23.76
N GLN D 321 -2.65 -15.66 22.97
CA GLN D 321 -1.91 -16.78 23.51
C GLN D 321 -1.07 -16.37 24.72
N LEU D 322 -0.51 -15.16 24.66
CA LEU D 322 0.34 -14.67 25.72
C LEU D 322 -0.44 -14.47 27.00
N ILE D 323 -1.66 -13.94 26.89
CA ILE D 323 -2.47 -13.73 28.10
C ILE D 323 -2.96 -15.07 28.65
N ARG D 324 -3.28 -16.02 27.77
CA ARG D 324 -3.63 -17.37 28.25
C ARG D 324 -2.48 -17.96 29.06
N THR D 325 -1.24 -17.82 28.56
CA THR D 325 -0.09 -18.36 29.28
C THR D 325 0.15 -17.61 30.58
N LEU D 326 -0.11 -16.29 30.58
CA LEU D 326 0.07 -15.52 31.80
C LEU D 326 -0.93 -15.94 32.87
N LYS D 327 -2.19 -16.17 32.48
CA LYS D 327 -3.16 -16.68 33.45
C LYS D 327 -2.73 -18.05 33.95
N CYS D 328 -2.26 -18.91 33.05
CA CYS D 328 -1.84 -20.23 33.50
C CYS D 328 -0.68 -20.13 34.49
N LEU D 329 0.27 -19.25 34.22
CA LEU D 329 1.43 -19.12 35.09
C LEU D 329 1.06 -18.61 36.48
N VAL D 330 0.11 -17.66 36.56
CA VAL D 330 -0.27 -17.10 37.86
C VAL D 330 -1.33 -17.90 38.60
N SER D 331 -1.97 -18.88 37.93
CA SER D 331 -2.94 -19.73 38.59
C SER D 331 -2.27 -20.78 39.46
N LYS D 332 -1.13 -21.29 39.02
CA LYS D 332 -0.36 -22.27 39.76
C LYS D 332 0.15 -21.63 41.05
PA NAD E . -19.55 -0.95 -5.59
O1A NAD E . -18.91 -1.14 -6.91
O2A NAD E . -18.85 -1.47 -4.40
O5B NAD E . -21.04 -1.46 -5.57
C5B NAD E . -21.72 -1.70 -6.79
C4B NAD E . -22.58 -2.94 -6.69
O4B NAD E . -23.75 -2.79 -7.51
C3B NAD E . -21.81 -4.12 -7.22
O3B NAD E . -22.11 -5.24 -6.38
C2B NAD E . -22.44 -4.39 -8.57
O2B NAD E . -22.27 -5.75 -8.99
C1B NAD E . -23.88 -3.96 -8.33
N9A NAD E . -24.55 -3.66 -9.61
C8A NAD E . -24.00 -3.07 -10.69
N7A NAD E . -24.88 -2.98 -11.71
C5A NAD E . -26.03 -3.53 -11.30
C6A NAD E . -27.36 -3.76 -11.88
N6A NAD E . -27.66 -3.38 -13.14
N1A NAD E . -28.27 -4.38 -11.11
C2A NAD E . -28.00 -4.78 -9.85
N3A NAD E . -26.81 -4.59 -9.26
C4A NAD E . -25.80 -4.00 -9.93
O3 NAD E . -19.68 0.62 -5.39
PN NAD E . -20.15 1.43 -4.09
O1N NAD E . -18.88 2.04 -3.59
O2N NAD E . -20.99 0.65 -3.13
O5D NAD E . -21.10 2.54 -4.77
C5D NAD E . -22.51 2.39 -4.97
C4D NAD E . -23.12 3.78 -5.05
O4D NAD E . -22.91 4.45 -3.81
C3D NAD E . -22.43 4.61 -6.13
O3D NAD E . -23.35 5.45 -6.85
C2D NAD E . -21.52 5.53 -5.36
O2D NAD E . -21.33 6.73 -6.10
C1D NAD E . -22.29 5.72 -4.07
N1N NAD E . -21.42 6.13 -2.95
C2N NAD E . -20.28 5.46 -2.71
C3N NAD E . -19.45 5.82 -1.66
C7N NAD E . -18.17 5.06 -1.41
O7N NAD E . -17.25 5.61 -0.81
N7N NAD E . -18.05 3.82 -1.85
C4N NAD E . -19.81 6.90 -0.85
C5N NAD E . -20.99 7.58 -1.11
C6N NAD E . -21.79 7.16 -2.18
C1 GOL F . -9.34 16.94 -11.64
O1 GOL F . -8.93 18.26 -11.39
C2 GOL F . -9.47 16.81 -13.18
O2 GOL F . -8.97 17.96 -13.85
C3 GOL F . -8.70 15.49 -13.56
O3 GOL F . -9.64 14.47 -13.83
C1 GOL G . 0.65 -0.75 -1.26
O1 GOL G . -0.10 -0.73 -2.45
C2 GOL G . -0.36 -0.48 -0.10
O2 GOL G . -1.33 0.48 -0.43
C3 GOL G . 0.54 -0.06 1.10
O3 GOL G . 0.17 -0.85 2.22
C1 GOL H . -13.82 40.34 6.25
O1 GOL H . -14.31 41.62 6.61
C2 GOL H . -12.24 40.37 6.24
O2 GOL H . -11.67 40.13 7.51
C3 GOL H . -11.84 39.23 5.30
O3 GOL H . -11.26 38.29 6.13
C1 GOL I . -19.99 -17.80 3.53
O1 GOL I . -18.57 -18.03 3.48
C2 GOL I . -20.69 -18.96 4.33
O2 GOL I . -19.82 -19.65 5.18
C3 GOL I . -21.83 -18.28 5.13
O3 GOL I . -21.61 -18.65 6.47
C1 PEG J . -17.90 8.72 -5.21
O1 PEG J . -17.88 7.86 -4.09
C2 PEG J . -17.11 8.05 -6.31
O2 PEG J . -17.85 6.95 -6.77
C3 PEG J . -17.55 5.83 -5.98
C4 PEG J . -18.13 4.62 -6.65
O4 PEG J . -17.58 3.46 -6.04
C ACT K . -25.11 -2.31 -15.77
O ACT K . -25.79 -1.30 -16.12
OXT ACT K . -24.65 -2.59 -14.62
CH3 ACT K . -24.79 -3.35 -16.90
PA NAD L . -5.08 -6.41 -18.57
O1A NAD L . -6.48 -6.52 -18.05
O2A NAD L . -4.18 -5.28 -18.14
O5B NAD L . -5.18 -6.39 -20.17
C5B NAD L . -6.43 -6.67 -20.79
C4B NAD L . -6.61 -5.79 -22.00
O4B NAD L . -7.40 -6.52 -22.93
C3B NAD L . -7.39 -4.51 -21.67
O3B NAD L . -6.74 -3.41 -22.33
C2B NAD L . -8.78 -4.79 -22.20
O2B NAD L . -9.49 -3.61 -22.57
C1B NAD L . -8.47 -5.69 -23.39
N9A NAD L . -9.58 -6.56 -23.83
C8A NAD L . -10.40 -7.34 -23.11
N7A NAD L . -11.26 -7.99 -23.93
C5A NAD L . -10.98 -7.63 -25.21
C6A NAD L . -11.49 -7.93 -26.57
N6A NAD L . -12.52 -8.78 -26.78
N1A NAD L . -10.89 -7.33 -27.63
C2A NAD L . -9.86 -6.46 -27.46
N3A NAD L . -9.35 -6.14 -26.25
C4A NAD L . -9.85 -6.69 -25.12
O3 NAD L . -4.38 -7.83 -18.25
PN NAD L . -2.90 -8.31 -18.61
O1N NAD L . -2.23 -8.46 -17.29
O2N NAD L . -2.23 -7.50 -19.68
O5D NAD L . -3.24 -9.77 -19.12
C5D NAD L . -3.52 -10.18 -20.45
C4D NAD L . -3.19 -11.66 -20.62
O4D NAD L . -1.80 -11.84 -20.34
C3D NAD L . -3.93 -12.55 -19.63
O3D NAD L . -4.34 -13.74 -20.34
C2D NAD L . -2.91 -12.88 -18.55
O2D NAD L . -3.18 -14.13 -17.93
C1D NAD L . -1.61 -12.86 -19.34
N1N NAD L . -0.42 -12.59 -18.53
C2N NAD L . -0.42 -11.65 -17.56
C3N NAD L . 0.73 -11.39 -16.80
C7N NAD L . 0.73 -10.35 -15.73
O7N NAD L . 1.53 -10.42 -14.80
N7N NAD L . -0.10 -9.32 -15.84
C4N NAD L . 1.88 -12.14 -17.03
C5N NAD L . 1.87 -13.11 -18.04
C6N NAD L . 0.71 -13.32 -18.77
C1 GOL M . -6.63 -21.16 -3.62
O1 GOL M . -7.81 -20.92 -2.84
C2 GOL M . -6.18 -22.67 -3.42
O2 GOL M . -5.27 -23.07 -4.41
C3 GOL M . -5.50 -22.74 -2.04
O3 GOL M . -4.18 -22.32 -2.25
C1 GOL N . -13.99 -19.98 -3.84
O1 GOL N . -14.58 -18.91 -4.51
C2 GOL N . -12.70 -20.21 -4.61
O2 GOL N . -12.58 -19.21 -5.52
C3 GOL N . -11.55 -20.17 -3.56
O3 GOL N . -10.50 -19.40 -4.11
C1 PEG O . -4.00 -10.96 -15.11
O1 PEG O . -5.20 -10.45 -15.67
C2 PEG O . -4.07 -12.48 -14.97
O2 PEG O . -3.03 -12.91 -14.11
C3 PEG O . -2.47 -14.13 -14.48
C4 PEG O . -0.97 -14.04 -14.33
O4 PEG O . -0.36 -15.04 -15.15
C ACT P . 17.86 -37.88 -0.38
O ACT P . 16.61 -37.70 -0.48
OXT ACT P . 18.67 -37.30 0.43
CH3 ACT P . 18.47 -38.95 -1.37
C ACT Q . -1.04 11.83 -24.54
O ACT Q . -1.16 12.06 -23.29
OXT ACT Q . -0.05 12.04 -25.31
CH3 ACT Q . -2.33 11.21 -25.23
C ACT R . 16.15 -25.39 -25.76
O ACT R . 15.30 -25.30 -26.70
OXT ACT R . 16.22 -26.27 -24.86
CH3 ACT R . 17.29 -24.27 -25.73
C ACT S . 18.11 -6.25 -16.96
O ACT S . 18.55 -6.51 -18.12
OXT ACT S . 18.13 -6.98 -15.94
CH3 ACT S . 17.47 -4.80 -16.80
C ACT T . 20.45 -8.26 -11.99
O ACT T . 19.42 -7.48 -12.05
OXT ACT T . 20.83 -9.02 -11.02
CH3 ACT T . 21.39 -8.27 -13.28
PA NAD U . 17.32 9.56 5.17
O1A NAD U . 16.80 9.15 6.53
O2A NAD U . 17.11 8.63 3.99
O5B NAD U . 18.89 9.96 5.23
C5B NAD U . 19.57 10.10 6.47
C4B NAD U . 20.95 9.47 6.36
O4B NAD U . 21.85 10.24 7.15
C3B NAD U . 20.98 8.04 6.89
O3B NAD U . 21.72 7.20 5.99
C2B NAD U . 21.73 8.16 8.21
O2B NAD U . 22.56 7.02 8.41
C1B NAD U . 22.61 9.35 7.95
N9A NAD U . 23.00 10.02 9.21
C8A NAD U . 22.18 10.28 10.24
N7A NAD U . 22.86 10.91 11.23
C5A NAD U . 24.13 11.08 10.81
C6A NAD U . 25.38 11.66 11.38
N6A NAD U . 25.39 12.22 12.62
N1A NAD U . 26.48 11.60 10.62
C2A NAD U . 26.48 11.04 9.41
N3A NAD U . 25.40 10.49 8.82
C4A NAD U . 24.22 10.48 9.48
O3 NAD U . 16.61 10.98 4.89
PN NAD U . 16.70 11.93 3.59
O1N NAD U . 15.38 11.85 2.89
O2N NAD U . 17.99 11.69 2.81
O5D NAD U . 16.83 13.36 4.29
C5D NAD U . 18.12 13.92 4.54
C4D NAD U . 17.98 15.43 4.54
O4D NAD U . 17.45 15.83 3.27
C3D NAD U . 16.97 15.89 5.59
O3D NAD U . 17.51 17.01 6.31
C2D NAD U . 15.72 16.24 4.78
O2D NAD U . 15.03 17.35 5.38
C1D NAD U . 16.29 16.67 3.45
N1N NAD U . 15.30 16.57 2.35
C2N NAD U . 14.61 15.43 2.12
C3N NAD U . 13.68 15.37 1.08
C7N NAD U . 12.93 14.10 0.83
O7N NAD U . 11.87 14.12 0.22
N7N NAD U . 13.46 12.97 1.30
C4N NAD U . 13.46 16.47 0.26
C5N NAD U . 14.19 17.62 0.51
C6N NAD U . 15.11 17.64 1.56
C1 GOL V . 5.56 39.69 -17.95
O1 GOL V . 4.55 40.05 -17.05
C2 GOL V . 6.84 39.42 -17.11
O2 GOL V . 7.97 39.98 -17.69
C3 GOL V . 6.94 37.89 -16.98
O3 GOL V . 7.68 37.64 -15.81
C1 GOL W . 21.72 20.02 -14.90
O1 GOL W . 20.58 20.81 -15.18
C2 GOL W . 21.24 18.66 -14.49
O2 GOL W . 20.44 18.82 -13.35
C3 GOL W . 22.43 17.84 -14.06
O3 GOL W . 21.97 16.67 -13.40
C1 GOL X . 1.32 43.48 -11.37
O1 GOL X . 2.09 43.38 -10.17
C2 GOL X . 2.26 43.75 -12.52
O2 GOL X . 3.35 42.86 -12.41
C3 GOL X . 1.50 43.50 -13.81
O3 GOL X . 2.38 43.09 -14.85
C1 GOL Y . -1.03 18.40 11.95
O1 GOL Y . -0.67 17.90 13.21
C2 GOL Y . -1.06 19.94 12.08
O2 GOL Y . 0.14 20.51 11.66
C3 GOL Y . -2.24 20.40 11.19
O3 GOL Y . -1.74 20.51 9.88
PA NAD Z . 7.49 -2.23 18.93
O1A NAD Z . 8.71 -1.66 18.25
O2A NAD Z . 6.10 -1.70 18.61
O5B NAD Z . 7.57 -2.18 20.53
C5B NAD Z . 8.77 -1.79 21.18
C4B NAD Z . 8.39 -0.84 22.31
O4B NAD Z . 9.35 -0.98 23.35
C3B NAD Z . 8.48 0.61 21.85
O3B NAD Z . 7.29 1.32 22.25
C2B NAD Z . 9.74 1.16 22.49
O2B NAD Z . 9.62 2.55 22.79
C1B NAD Z . 9.82 0.31 23.75
N9A NAD Z . 11.18 0.17 24.31
C8A NAD Z . 12.29 -0.11 23.60
N7A NAD Z . 13.38 -0.19 24.40
C5A NAD Z . 12.97 0.01 25.67
C6A NAD Z . 13.61 0.05 27.00
N6A NAD Z . 14.95 -0.14 27.15
N1A NAD Z . 12.83 0.31 28.07
C2A NAD Z . 11.50 0.51 27.95
N3A NAD Z . 10.84 0.49 26.76
C4A NAD Z . 11.52 0.25 25.60
O3 NAD Z . 7.63 -3.81 18.66
PN NAD Z . 6.62 -5.01 19.04
O1N NAD Z . 6.22 -5.48 17.66
O2N NAD Z . 5.56 -4.62 20.04
O5D NAD Z . 7.65 -6.09 19.64
C5D NAD Z . 8.01 -6.26 21.02
C4D NAD Z . 8.50 -7.69 21.25
O4D NAD Z . 7.44 -8.60 20.94
C3D NAD Z . 9.63 -8.00 20.29
O3D NAD Z . 10.66 -8.83 20.89
C2D NAD Z . 8.95 -8.82 19.22
O2D NAD Z . 9.83 -9.67 18.49
C1D NAD Z . 7.88 -9.56 20.00
N1N NAD Z . 6.81 -10.05 19.12
C2N NAD Z . 6.26 -9.24 18.21
C3N NAD Z . 5.25 -9.70 17.38
C7N NAD Z . 4.65 -8.80 16.34
O7N NAD Z . 4.17 -9.30 15.33
N7N NAD Z . 4.63 -7.50 16.59
C4N NAD Z . 4.82 -11.03 17.48
C5N NAD Z . 5.41 -11.85 18.43
C6N NAD Z . 6.42 -11.33 19.24
C1 GOL AA . 17.35 -13.47 3.98
O1 GOL AA . 18.50 -13.13 3.25
C2 GOL AA . 17.26 -15.03 4.00
O2 GOL AA . 18.00 -15.61 2.98
C3 GOL AA . 15.74 -15.38 3.92
O3 GOL AA . 15.59 -16.42 2.99
C ACT BA . -1.17 -29.10 26.71
O ACT BA . -2.21 -28.66 27.26
OXT ACT BA . 0.04 -28.91 27.05
CH3 ACT BA . -1.43 -29.99 25.46
C ACT CA . 21.35 -9.64 4.60
O ACT CA . 21.37 -8.59 5.33
OXT ACT CA . 22.17 -9.95 3.69
CH3 ACT CA . 20.15 -10.70 4.85
C ACT DA . -8.16 -14.56 26.78
O ACT DA . -8.46 -13.92 27.79
OXT ACT DA . -7.33 -14.11 26.00
CH3 ACT DA . -8.88 -15.81 26.44
H1 ACT DA . -9.76 -15.59 25.89
H2 ACT DA . -9.13 -16.32 27.33
H3 ACT DA . -8.24 -16.44 25.85
#